data_5HXV
#
_entry.id   5HXV
#
_cell.length_a   75.996
_cell.length_b   179.877
_cell.length_c   93.338
_cell.angle_alpha   90.00
_cell.angle_beta   103.85
_cell.angle_gamma   90.00
#
_symmetry.space_group_name_H-M   'P 1 21 1'
#
loop_
_entity.id
_entity.type
_entity.pdbx_description
1 polymer Endo-1,4-beta-xylanase
2 water water
#
_entity_poly.entity_id   1
_entity_poly.type   'polypeptide(L)'
_entity_poly.pdbx_seq_one_letter_code
;MCITTSQTGTHNGYYYSFWTNGGGEVTMCLGPGGEYSVTWVNCGDFTSGKGWNPANAQTVTYSGEFNPNGNAYLAVYGWT
TDPLVEYYILESYGTYNPSSGLTLLGQVTSDGGTYDIYSTQRVDQPSIEGTSTFNQYWSVRTEKRVGGTVTTANHFAAWK
ALGLEMGTYNYMIVSTEGYESSGSSTITVS
;
_entity_poly.pdbx_strand_id   A,B,C,D,E,F,G,H,I,J,K,L
#
# COMPACT_ATOMS: atom_id res chain seq x y z
N CYS A 2 12.44 8.21 10.28
CA CYS A 2 13.82 8.72 10.22
C CYS A 2 13.80 10.12 9.58
N ILE A 3 14.89 10.81 9.73
CA ILE A 3 15.03 12.23 9.44
C ILE A 3 16.00 12.34 8.26
N THR A 4 15.67 13.10 7.26
CA THR A 4 16.62 13.24 6.17
C THR A 4 16.82 14.72 5.89
N THR A 5 16.25 15.59 6.70
CA THR A 5 16.40 17.01 6.47
C THR A 5 16.73 17.68 7.79
N SER A 6 17.41 18.83 7.71
CA SER A 6 17.96 19.42 8.90
C SER A 6 16.84 19.61 9.90
N GLN A 7 17.14 19.36 11.15
CA GLN A 7 16.10 19.29 12.18
C GLN A 7 16.66 19.28 13.62
N THR A 8 15.91 19.91 14.54
CA THR A 8 16.31 19.84 15.95
C THR A 8 15.07 19.64 16.78
N GLY A 9 15.23 19.00 17.93
CA GLY A 9 14.10 18.79 18.79
C GLY A 9 14.55 18.13 20.07
N THR A 10 13.62 17.45 20.71
CA THR A 10 13.92 16.57 21.81
C THR A 10 13.18 15.26 21.66
N HIS A 11 13.81 14.16 22.05
CA HIS A 11 13.32 12.77 21.86
C HIS A 11 13.78 11.97 23.07
N ASN A 12 12.82 11.49 23.88
CA ASN A 12 13.11 10.72 25.08
C ASN A 12 13.96 11.52 26.01
N GLY A 13 13.64 12.78 26.13
CA GLY A 13 14.32 13.63 27.04
C GLY A 13 15.63 14.14 26.52
N TYR A 14 16.12 13.73 25.35
CA TYR A 14 17.42 14.19 24.90
C TYR A 14 17.19 15.13 23.76
N TYR A 15 17.98 16.20 23.72
CA TYR A 15 18.06 17.06 22.57
C TYR A 15 18.69 16.27 21.43
N TYR A 16 18.19 16.52 20.24
CA TYR A 16 18.80 16.04 19.01
C TYR A 16 19.02 17.19 18.00
N SER A 17 20.16 17.18 17.31
CA SER A 17 20.43 18.07 16.22
C SER A 17 20.88 17.26 15.03
N PHE A 18 20.31 17.57 13.87
CA PHE A 18 20.76 17.05 12.61
C PHE A 18 20.86 18.22 11.65
N TRP A 19 22.01 18.34 11.03
CA TRP A 19 22.24 19.37 10.05
C TRP A 19 22.87 18.75 8.82
N THR A 20 22.35 19.07 7.63
CA THR A 20 23.03 18.61 6.38
C THR A 20 22.95 19.77 5.41
N ASN A 21 23.96 19.90 4.56
CA ASN A 21 23.97 20.81 3.44
C ASN A 21 23.10 20.27 2.28
N GLY A 22 22.62 19.04 2.43
CA GLY A 22 21.72 18.43 1.45
C GLY A 22 22.39 17.41 0.53
N GLY A 23 23.72 17.31 0.59
CA GLY A 23 24.39 16.37 -0.25
C GLY A 23 24.09 14.93 0.05
N GLY A 24 24.02 14.10 -0.98
CA GLY A 24 23.93 12.63 -0.81
C GLY A 24 22.69 12.15 -0.08
N GLU A 25 22.65 10.88 0.30
CA GLU A 25 21.61 10.53 1.23
C GLU A 25 22.15 10.35 2.64
N VAL A 26 21.47 11.04 3.56
CA VAL A 26 21.91 11.06 4.95
C VAL A 26 20.62 10.87 5.76
N THR A 27 20.58 9.77 6.53
CA THR A 27 19.38 9.43 7.23
C THR A 27 19.65 9.18 8.74
N MET A 28 19.11 10.07 9.57
CA MET A 28 19.32 9.94 11.03
C MET A 28 18.08 9.29 11.61
N CYS A 29 18.29 8.25 12.41
CA CYS A 29 17.17 7.49 12.98
C CYS A 29 17.27 7.57 14.48
N LEU A 30 16.20 8.01 15.14
CA LEU A 30 16.21 8.25 16.57
C LEU A 30 15.68 7.01 17.29
N GLY A 31 16.26 6.67 18.45
CA GLY A 31 15.88 5.49 19.22
C GLY A 31 15.63 5.78 20.71
N PRO A 32 15.40 4.72 21.50
CA PRO A 32 15.11 4.89 22.90
C PRO A 32 16.22 5.63 23.66
N GLY A 33 15.81 6.34 24.72
CA GLY A 33 16.75 7.02 25.53
C GLY A 33 17.57 7.98 24.68
N GLY A 34 18.90 7.93 24.87
CA GLY A 34 19.90 8.71 24.14
C GLY A 34 20.40 8.12 22.79
N GLU A 35 19.63 7.21 22.18
CA GLU A 35 20.11 6.52 20.98
C GLU A 35 19.79 7.31 19.69
N TYR A 36 20.79 7.38 18.81
CA TYR A 36 20.57 7.71 17.42
C TYR A 36 21.44 6.90 16.49
N SER A 37 21.06 6.83 15.22
CA SER A 37 21.87 6.10 14.22
C SER A 37 21.87 6.97 12.97
N VAL A 38 22.91 6.84 12.16
CA VAL A 38 22.97 7.67 10.97
C VAL A 38 23.65 6.82 9.93
N THR A 39 23.08 6.76 8.77
CA THR A 39 23.69 6.02 7.66
C THR A 39 23.74 6.95 6.44
N TRP A 40 24.91 7.02 5.78
CA TRP A 40 25.11 8.00 4.74
C TRP A 40 25.82 7.51 3.50
N VAL A 41 25.41 8.06 2.36
CA VAL A 41 26.07 7.71 1.12
C VAL A 41 26.39 8.93 0.23
N ASN A 42 27.67 9.09 -0.11
CA ASN A 42 28.14 10.21 -0.92
C ASN A 42 27.62 11.52 -0.36
N CYS A 43 27.88 11.78 0.92
CA CYS A 43 27.36 12.98 1.58
C CYS A 43 28.09 14.23 1.15
N GLY A 44 27.50 15.37 1.53
CA GLY A 44 28.17 16.66 1.45
C GLY A 44 28.81 16.91 2.80
N ASP A 45 28.11 17.62 3.65
CA ASP A 45 28.55 17.79 4.96
C ASP A 45 27.31 17.62 5.83
N PHE A 46 27.48 16.98 6.98
CA PHE A 46 26.37 16.80 7.91
C PHE A 46 26.89 16.59 9.33
N THR A 47 26.10 16.98 10.33
CA THR A 47 26.35 16.69 11.72
C THR A 47 25.09 16.05 12.32
N SER A 48 25.26 15.20 13.30
CA SER A 48 24.14 14.56 13.90
C SER A 48 24.38 13.90 15.23
N GLY A 49 23.44 14.07 16.15
CA GLY A 49 23.46 13.33 17.37
C GLY A 49 22.52 13.84 18.42
N LYS A 50 22.73 13.34 19.63
CA LYS A 50 21.90 13.62 20.79
C LYS A 50 22.70 14.17 21.93
N GLY A 51 21.99 14.82 22.87
CA GLY A 51 22.65 15.49 23.96
C GLY A 51 21.75 16.46 24.67
N TRP A 52 22.26 17.66 24.87
CA TRP A 52 21.60 18.68 25.67
C TRP A 52 21.62 20.05 24.99
N ASN A 53 20.60 20.84 25.26
CA ASN A 53 20.61 22.21 24.81
C ASN A 53 19.63 23.01 25.66
N PRO A 54 20.06 24.04 26.34
CA PRO A 54 21.43 24.46 26.60
C PRO A 54 22.23 23.38 27.34
N ALA A 55 23.50 23.25 27.06
CA ALA A 55 24.28 22.22 27.70
C ALA A 55 24.93 22.83 28.90
N ASN A 56 25.62 22.02 29.67
CA ASN A 56 26.27 22.54 30.88
C ASN A 56 27.48 21.74 31.27
N ALA A 57 28.38 21.52 30.33
CA ALA A 57 29.61 20.74 30.59
C ALA A 57 29.38 19.37 31.21
N GLN A 58 28.41 18.66 30.64
CA GLN A 58 28.01 17.30 31.14
C GLN A 58 29.19 16.35 31.03
N THR A 59 29.29 15.43 31.97
CA THR A 59 30.18 14.27 31.79
C THR A 59 29.37 13.31 30.99
N VAL A 60 29.83 13.01 29.77
CA VAL A 60 29.11 12.25 28.82
C VAL A 60 29.61 10.81 28.79
N THR A 61 28.69 9.88 28.86
CA THR A 61 29.01 8.53 28.55
C THR A 61 28.37 8.11 27.24
N TYR A 62 29.05 7.32 26.45
CA TYR A 62 28.51 6.98 25.11
C TYR A 62 29.04 5.63 24.66
N SER A 63 28.27 4.92 23.85
CA SER A 63 28.75 3.63 23.34
C SER A 63 28.12 3.47 22.00
N GLY A 64 28.74 2.66 21.14
CA GLY A 64 28.09 2.11 19.97
C GLY A 64 29.14 1.82 18.90
N GLU A 65 28.87 2.19 17.64
CA GLU A 65 29.77 1.81 16.60
C GLU A 65 29.89 2.93 15.60
N PHE A 66 31.08 3.11 15.06
CA PHE A 66 31.34 4.21 14.14
C PHE A 66 32.08 3.64 12.98
N ASN A 67 31.47 3.67 11.79
CA ASN A 67 31.99 2.95 10.61
C ASN A 67 31.96 3.79 9.32
N PRO A 68 32.88 4.75 9.20
CA PRO A 68 33.03 5.68 8.09
C PRO A 68 33.82 4.99 6.99
N ASN A 69 33.48 5.36 5.75
CA ASN A 69 34.22 5.01 4.58
C ASN A 69 34.67 6.35 3.96
N GLY A 70 35.81 6.84 4.37
CA GLY A 70 36.30 8.17 4.01
C GLY A 70 36.36 9.10 5.22
N ASN A 71 36.12 10.37 4.96
CA ASN A 71 36.29 11.43 5.94
C ASN A 71 35.00 11.54 6.81
N ALA A 72 35.15 11.29 8.10
CA ALA A 72 34.05 11.49 9.07
C ALA A 72 34.65 11.67 10.46
N TYR A 73 33.83 12.14 11.40
CA TYR A 73 34.32 12.45 12.77
C TYR A 73 33.30 11.91 13.80
N LEU A 74 33.78 11.45 14.94
CA LEU A 74 32.93 11.15 16.08
C LEU A 74 33.49 11.90 17.25
N ALA A 75 32.68 12.82 17.76
CA ALA A 75 33.15 13.75 18.75
C ALA A 75 32.02 14.23 19.64
N VAL A 76 32.37 14.61 20.85
CA VAL A 76 31.51 15.41 21.64
C VAL A 76 31.66 16.81 21.06
N TYR A 77 30.55 17.39 20.66
CA TYR A 77 30.57 18.51 19.75
C TYR A 77 29.54 19.51 20.15
N GLY A 78 29.83 20.80 20.01
CA GLY A 78 28.94 21.80 20.47
C GLY A 78 29.31 23.20 20.07
N TRP A 79 28.50 24.15 20.53
CA TRP A 79 28.75 25.55 20.33
C TRP A 79 28.61 26.33 21.64
N THR A 80 29.33 27.47 21.70
CA THR A 80 29.00 28.58 22.60
C THR A 80 28.66 29.78 21.81
N THR A 81 27.97 30.70 22.50
CA THR A 81 27.63 32.02 21.95
C THR A 81 28.18 33.15 22.84
N ASP A 82 28.50 34.28 22.20
CA ASP A 82 29.02 35.44 22.94
C ASP A 82 30.26 35.16 23.76
N PRO A 83 31.33 34.71 23.14
CA PRO A 83 31.55 34.55 21.72
C PRO A 83 31.05 33.26 21.13
N LEU A 84 30.84 33.33 19.82
CA LEU A 84 30.53 32.19 19.00
C LEU A 84 31.77 31.31 18.91
N VAL A 85 31.67 30.08 19.39
CA VAL A 85 32.72 29.06 19.30
C VAL A 85 32.11 27.69 18.89
N GLU A 86 32.80 26.98 18.00
CA GLU A 86 32.47 25.60 17.65
C GLU A 86 33.57 24.72 18.26
N TYR A 87 33.21 23.59 18.91
CA TYR A 87 34.25 22.79 19.55
C TYR A 87 34.00 21.31 19.36
N TYR A 88 35.06 20.55 19.36
CA TYR A 88 35.05 19.13 19.15
C TYR A 88 35.98 18.47 20.19
N ILE A 89 35.49 17.51 20.95
CA ILE A 89 36.31 16.60 21.63
C ILE A 89 36.32 15.32 20.79
N LEU A 90 37.36 15.17 19.99
CA LEU A 90 37.32 14.20 18.92
C LEU A 90 37.74 12.83 19.42
N GLU A 91 36.85 11.85 19.32
CA GLU A 91 37.17 10.53 19.89
C GLU A 91 37.71 9.59 18.81
N SER A 92 37.11 9.61 17.62
CA SER A 92 37.61 8.87 16.47
C SER A 92 37.33 9.69 15.21
N TYR A 93 38.00 9.32 14.13
CA TYR A 93 37.76 9.96 12.85
C TYR A 93 38.12 8.98 11.77
N GLY A 94 37.84 9.30 10.53
CA GLY A 94 38.10 8.30 9.50
C GLY A 94 39.46 8.54 8.90
N THR A 95 39.47 8.81 7.60
CA THR A 95 40.68 8.94 6.83
C THR A 95 41.39 10.27 7.10
N TYR A 96 40.69 11.32 7.44
CA TYR A 96 41.35 12.63 7.49
C TYR A 96 41.42 13.11 8.93
N ASN A 97 42.64 13.42 9.39
CA ASN A 97 42.84 13.96 10.73
C ASN A 97 42.63 15.49 10.70
N PRO A 98 41.58 16.00 11.38
CA PRO A 98 41.23 17.40 11.11
C PRO A 98 42.19 18.38 11.73
N SER A 99 43.10 17.89 12.57
CA SER A 99 44.12 18.75 13.12
C SER A 99 45.33 18.91 12.20
N SER A 100 45.38 18.22 11.06
CA SER A 100 46.40 18.46 10.06
C SER A 100 46.52 19.94 9.77
N GLY A 101 47.71 20.46 9.87
CA GLY A 101 47.91 21.85 9.49
C GLY A 101 47.55 22.80 10.63
N LEU A 102 47.16 22.30 11.80
CA LEU A 102 46.77 23.17 12.87
C LEU A 102 47.86 23.26 13.89
N THR A 103 47.93 24.38 14.57
CA THR A 103 48.98 24.63 15.53
C THR A 103 48.60 24.01 16.89
N LEU A 104 49.48 23.15 17.38
CA LEU A 104 49.37 22.43 18.64
C LEU A 104 49.55 23.34 19.82
N LEU A 105 48.56 23.31 20.71
CA LEU A 105 48.51 24.22 21.81
C LEU A 105 48.94 23.62 23.14
N GLY A 106 48.81 22.31 23.26
CA GLY A 106 49.11 21.55 24.50
C GLY A 106 48.30 20.27 24.53
N GLN A 107 48.28 19.62 25.69
CA GLN A 107 47.51 18.44 25.91
C GLN A 107 46.62 18.50 27.14
N VAL A 108 45.68 17.57 27.17
CA VAL A 108 44.90 17.30 28.39
C VAL A 108 44.69 15.83 28.47
N THR A 109 44.89 15.25 29.64
CA THR A 109 44.58 13.89 29.76
C THR A 109 43.27 13.80 30.56
N SER A 110 42.38 12.92 30.11
CA SER A 110 41.05 12.82 30.72
C SER A 110 40.44 11.49 30.37
N ASP A 111 39.71 10.90 31.34
CA ASP A 111 39.01 9.63 31.11
C ASP A 111 39.90 8.59 30.42
N GLY A 112 41.15 8.51 30.87
CA GLY A 112 42.04 7.48 30.44
C GLY A 112 42.78 7.76 29.17
N GLY A 113 42.60 8.90 28.53
CA GLY A 113 43.16 9.10 27.23
C GLY A 113 43.90 10.41 27.26
N THR A 114 44.65 10.67 26.22
CA THR A 114 45.31 11.91 26.01
C THR A 114 44.88 12.54 24.69
N TYR A 115 44.68 13.86 24.78
CA TYR A 115 44.11 14.63 23.70
C TYR A 115 45.06 15.82 23.43
N ASP A 116 45.31 16.07 22.15
CA ASP A 116 46.06 17.23 21.68
C ASP A 116 45.09 18.36 21.40
N ILE A 117 45.44 19.60 21.80
CA ILE A 117 44.56 20.74 21.75
C ILE A 117 44.98 21.72 20.62
N TYR A 118 43.96 22.21 19.90
CA TYR A 118 44.16 23.04 18.73
C TYR A 118 43.03 24.04 18.66
N SER A 119 43.30 25.18 18.03
CA SER A 119 42.31 26.15 17.67
C SER A 119 42.58 26.65 16.26
N THR A 120 41.52 26.95 15.51
CA THR A 120 41.63 27.49 14.16
C THR A 120 40.47 28.42 13.88
N GLN A 121 40.70 29.45 13.10
CA GLN A 121 39.58 30.32 12.72
C GLN A 121 38.85 29.80 11.53
N ARG A 122 37.51 29.75 11.64
CA ARG A 122 36.63 29.42 10.52
C ARG A 122 36.03 30.70 9.91
N VAL A 123 36.15 30.83 8.61
CA VAL A 123 35.79 32.12 7.97
C VAL A 123 34.59 31.90 7.06
N ASP A 124 33.49 32.64 7.27
CA ASP A 124 32.31 32.47 6.43
C ASP A 124 31.83 31.00 6.29
N GLN A 125 31.63 30.37 7.43
CA GLN A 125 31.16 29.02 7.49
C GLN A 125 29.78 28.98 8.16
N PRO A 126 29.00 27.95 7.84
CA PRO A 126 27.70 27.80 8.47
C PRO A 126 27.91 27.59 9.94
N SER A 127 26.94 27.97 10.75
CA SER A 127 27.09 27.98 12.17
C SER A 127 25.69 28.09 12.69
N ILE A 128 25.53 27.92 13.99
CA ILE A 128 24.26 28.17 14.62
C ILE A 128 23.83 29.65 14.58
N GLU A 129 24.64 30.57 14.04
CA GLU A 129 24.19 31.94 13.78
C GLU A 129 24.28 32.30 12.28
N GLY A 130 24.12 31.33 11.39
CA GLY A 130 24.27 31.51 9.98
C GLY A 130 25.73 31.60 9.58
N THR A 131 25.97 32.09 8.39
CA THR A 131 27.32 32.11 7.90
C THR A 131 28.09 33.06 8.79
N SER A 132 29.14 32.58 9.44
CA SER A 132 29.87 33.48 10.27
C SER A 132 31.32 33.15 10.27
N THR A 133 32.02 33.92 11.08
CA THR A 133 33.40 33.73 11.36
C THR A 133 33.56 33.50 12.84
N PHE A 134 34.21 32.41 13.23
CA PHE A 134 34.29 32.00 14.60
C PHE A 134 35.48 31.09 14.78
N ASN A 135 35.91 30.94 16.02
CA ASN A 135 36.99 30.03 16.34
C ASN A 135 36.47 28.67 16.60
N GLN A 136 37.30 27.67 16.37
CA GLN A 136 36.89 26.29 16.43
C GLN A 136 37.95 25.58 17.26
N TYR A 137 37.57 25.01 18.38
CA TYR A 137 38.52 24.36 19.26
C TYR A 137 38.49 22.86 19.10
N TRP A 138 39.65 22.20 19.21
CA TRP A 138 39.79 20.74 19.20
C TRP A 138 40.55 20.17 20.42
N SER A 139 39.98 19.10 20.97
CA SER A 139 40.72 18.06 21.71
C SER A 139 40.69 16.83 20.82
N VAL A 140 41.86 16.43 20.31
CA VAL A 140 41.93 15.25 19.48
C VAL A 140 42.55 14.11 20.24
N ARG A 141 41.85 12.99 20.40
CA ARG A 141 42.42 11.90 21.20
C ARG A 141 43.60 11.28 20.41
N THR A 142 44.70 10.97 21.10
CA THR A 142 45.94 10.61 20.41
C THR A 142 45.84 9.20 19.86
N GLU A 143 44.88 8.45 20.36
CA GLU A 143 44.50 7.20 19.79
C GLU A 143 43.02 7.14 19.74
N LYS A 144 42.54 6.64 18.61
CA LYS A 144 41.10 6.66 18.32
C LYS A 144 40.34 5.72 19.28
N ARG A 145 39.15 6.10 19.72
CA ARG A 145 38.28 5.12 20.34
C ARG A 145 36.80 5.40 20.07
N VAL A 146 36.04 4.32 20.18
CA VAL A 146 34.63 4.42 20.09
C VAL A 146 33.96 3.91 21.36
N GLY A 147 33.69 4.85 22.26
CA GLY A 147 32.86 4.55 23.46
C GLY A 147 33.62 4.81 24.75
N GLY A 148 32.93 5.22 25.81
CA GLY A 148 33.63 5.61 27.06
C GLY A 148 32.93 6.83 27.65
N THR A 149 33.63 7.50 28.58
CA THR A 149 33.18 8.68 29.30
C THR A 149 34.06 9.83 28.86
N VAL A 150 33.44 10.99 28.61
CA VAL A 150 34.17 12.20 28.22
C VAL A 150 33.76 13.22 29.27
N THR A 151 34.70 13.61 30.14
CA THR A 151 34.41 14.65 31.13
C THR A 151 34.66 15.97 30.44
N THR A 152 33.61 16.51 29.85
CA THR A 152 33.76 17.72 29.10
C THR A 152 34.45 18.83 29.86
N ALA A 153 34.15 19.01 31.16
CA ALA A 153 34.73 20.08 31.96
C ALA A 153 36.29 20.05 32.04
N ASN A 154 36.90 18.88 31.93
CA ASN A 154 38.35 18.77 31.92
C ASN A 154 38.94 19.37 30.65
N HIS A 155 38.25 19.13 29.55
CA HIS A 155 38.65 19.71 28.30
C HIS A 155 38.46 21.23 28.36
N PHE A 156 37.29 21.69 28.74
CA PHE A 156 37.05 23.08 28.78
C PHE A 156 38.01 23.81 29.71
N ALA A 157 38.32 23.23 30.87
CA ALA A 157 39.26 23.86 31.79
C ALA A 157 40.64 23.96 31.15
N ALA A 158 41.03 22.89 30.47
CA ALA A 158 42.34 22.84 29.83
C ALA A 158 42.37 23.84 28.70
N TRP A 159 41.29 23.94 27.94
CA TRP A 159 41.25 24.98 26.89
C TRP A 159 41.33 26.44 27.40
N LYS A 160 40.49 26.77 28.39
CA LYS A 160 40.58 28.09 29.01
C LYS A 160 41.97 28.40 29.58
N ALA A 161 42.66 27.40 30.15
CA ALA A 161 43.97 27.64 30.77
C ALA A 161 45.00 28.01 29.68
N LEU A 162 44.71 27.65 28.45
CA LEU A 162 45.53 28.07 27.29
C LEU A 162 45.04 29.35 26.62
N GLY A 163 44.14 30.11 27.24
CA GLY A 163 43.68 31.34 26.61
C GLY A 163 42.55 31.17 25.61
N LEU A 164 41.96 29.99 25.51
CA LEU A 164 40.81 29.86 24.59
C LEU A 164 39.52 30.28 25.32
N GLU A 165 38.87 31.35 24.83
CA GLU A 165 37.67 31.84 25.46
C GLU A 165 36.41 30.97 25.07
N MET A 166 35.59 30.65 26.04
CA MET A 166 34.33 29.92 25.83
C MET A 166 33.17 30.88 26.13
N GLY A 167 32.12 30.92 25.31
CA GLY A 167 30.91 31.72 25.61
C GLY A 167 29.87 31.00 26.47
N THR A 168 28.62 31.43 26.35
CA THR A 168 27.47 30.72 26.94
C THR A 168 27.17 29.39 26.23
N TYR A 169 27.04 28.29 26.95
CA TYR A 169 26.76 27.00 26.28
C TYR A 169 25.51 26.99 25.43
N ASN A 170 25.63 26.59 24.15
CA ASN A 170 24.46 26.30 23.34
C ASN A 170 24.33 24.78 23.38
N TYR A 171 24.18 24.07 22.27
CA TYR A 171 23.96 22.66 22.39
C TYR A 171 25.30 21.93 22.54
N MET A 172 25.18 20.72 23.08
CA MET A 172 26.28 19.80 23.07
C MET A 172 25.76 18.37 22.91
N ILE A 173 26.32 17.67 21.95
CA ILE A 173 25.86 16.37 21.52
C ILE A 173 27.06 15.47 21.29
N VAL A 174 26.79 14.18 21.11
CA VAL A 174 27.77 13.29 20.54
C VAL A 174 27.53 13.16 19.04
N SER A 175 28.36 13.81 18.23
CA SER A 175 28.04 14.02 16.86
C SER A 175 28.79 13.06 16.02
N THR A 176 28.09 12.47 15.06
CA THR A 176 28.68 11.86 13.93
C THR A 176 28.59 12.89 12.82
N GLU A 177 29.73 13.14 12.17
CA GLU A 177 29.87 14.12 11.15
C GLU A 177 30.60 13.53 9.98
N GLY A 178 30.12 13.82 8.78
CA GLY A 178 30.67 13.27 7.52
C GLY A 178 30.95 14.38 6.54
N TYR A 179 32.03 14.20 5.80
CA TYR A 179 32.43 15.09 4.73
C TYR A 179 32.77 14.28 3.42
N GLU A 180 32.02 14.49 2.34
CA GLU A 180 32.18 13.74 1.07
C GLU A 180 32.58 12.26 1.24
N SER A 181 31.75 11.49 1.94
CA SER A 181 32.06 10.14 2.33
C SER A 181 30.75 9.35 2.41
N SER A 182 30.86 8.08 2.77
CA SER A 182 29.73 7.22 3.04
C SER A 182 29.98 6.55 4.43
N GLY A 183 28.95 5.99 5.03
CA GLY A 183 29.22 5.10 6.17
C GLY A 183 28.02 4.95 7.01
N SER A 184 28.23 4.45 8.23
CA SER A 184 27.18 4.42 9.22
C SER A 184 27.76 4.53 10.61
N SER A 185 26.87 4.87 11.56
CA SER A 185 27.15 4.72 13.00
C SER A 185 25.89 4.65 13.88
N THR A 186 26.08 4.22 15.12
CA THR A 186 25.00 4.24 16.08
C THR A 186 25.65 4.47 17.41
N ILE A 187 25.05 5.41 18.14
CA ILE A 187 25.60 5.89 19.35
C ILE A 187 24.46 6.05 20.32
N THR A 188 24.71 5.69 21.57
CA THR A 188 23.75 5.88 22.62
C THR A 188 24.39 6.76 23.66
N VAL A 189 23.77 7.90 23.90
CA VAL A 189 24.32 8.94 24.76
C VAL A 189 23.65 8.91 26.14
N SER A 190 24.42 9.13 27.22
CA SER A 190 23.89 9.43 28.55
C SER A 190 24.66 10.50 29.37
N CYS B 2 -44.11 7.12 9.62
CA CYS B 2 -42.90 7.61 10.29
C CYS B 2 -42.29 6.54 11.16
N ILE B 3 -41.07 6.81 11.57
CA ILE B 3 -40.17 5.84 12.14
C ILE B 3 -39.80 6.41 13.48
N THR B 4 -39.95 5.58 14.51
CA THR B 4 -39.53 5.93 15.84
C THR B 4 -38.58 4.94 16.51
N THR B 5 -38.20 3.84 15.85
CA THR B 5 -37.21 2.91 16.37
C THR B 5 -36.13 2.69 15.32
N SER B 6 -34.91 2.33 15.71
CA SER B 6 -33.81 2.30 14.76
C SER B 6 -34.15 1.46 13.53
N GLN B 7 -33.82 2.00 12.35
CA GLN B 7 -34.22 1.36 11.09
C GLN B 7 -33.31 1.82 9.93
N THR B 8 -33.02 0.94 8.96
CA THR B 8 -32.32 1.37 7.76
C THR B 8 -33.08 0.89 6.55
N GLY B 9 -32.79 1.44 5.35
CA GLY B 9 -33.40 0.94 4.14
C GLY B 9 -33.06 1.76 2.92
N THR B 10 -33.68 1.42 1.78
CA THR B 10 -33.69 2.34 0.65
C THR B 10 -35.11 2.76 0.39
N HIS B 11 -35.31 4.07 0.17
CA HIS B 11 -36.62 4.69 -0.11
C HIS B 11 -36.37 5.63 -1.29
N ASN B 12 -37.13 5.42 -2.38
CA ASN B 12 -37.03 6.23 -3.62
C ASN B 12 -35.62 6.27 -4.13
N GLY B 13 -34.95 5.13 -3.97
CA GLY B 13 -33.57 4.94 -4.36
C GLY B 13 -32.47 5.59 -3.50
N TYR B 14 -32.82 6.16 -2.35
CA TYR B 14 -31.80 6.69 -1.41
C TYR B 14 -31.73 5.75 -0.22
N TYR B 15 -30.55 5.46 0.25
CA TYR B 15 -30.39 4.85 1.54
C TYR B 15 -30.90 5.81 2.58
N TYR B 16 -31.52 5.25 3.61
CA TYR B 16 -31.82 5.99 4.82
C TYR B 16 -31.40 5.22 6.04
N SER B 17 -31.01 5.98 7.08
CA SER B 17 -30.66 5.47 8.36
C SER B 17 -31.28 6.30 9.44
N PHE B 18 -31.83 5.60 10.43
CA PHE B 18 -32.38 6.19 11.62
C PHE B 18 -31.80 5.36 12.75
N TRP B 19 -31.10 6.00 13.67
CA TRP B 19 -30.60 5.33 14.86
C TRP B 19 -30.95 6.18 16.07
N THR B 20 -31.48 5.54 17.10
CA THR B 20 -31.76 6.27 18.31
C THR B 20 -31.40 5.36 19.45
N ASN B 21 -30.83 5.92 20.48
CA ASN B 21 -30.69 5.18 21.72
C ASN B 21 -31.97 5.13 22.57
N GLY B 22 -33.11 5.52 22.01
CA GLY B 22 -34.37 5.38 22.70
C GLY B 22 -34.85 6.58 23.52
N GLY B 23 -34.00 7.59 23.80
CA GLY B 23 -34.43 8.70 24.66
C GLY B 23 -35.46 9.57 23.99
N GLY B 24 -36.36 10.12 24.81
CA GLY B 24 -37.27 11.19 24.46
C GLY B 24 -38.23 10.72 23.43
N GLU B 25 -38.79 11.64 22.66
CA GLU B 25 -39.43 11.24 21.42
C GLU B 25 -38.71 11.80 20.18
N VAL B 26 -38.54 10.93 19.19
CA VAL B 26 -37.80 11.22 18.00
C VAL B 26 -38.52 10.52 16.87
N THR B 27 -38.93 11.33 15.88
CA THR B 27 -39.72 10.78 14.79
C THR B 27 -39.15 11.19 13.44
N MET B 28 -38.84 10.22 12.59
CA MET B 28 -38.32 10.47 11.25
C MET B 28 -39.37 10.08 10.26
N CYS B 29 -39.64 10.99 9.36
CA CYS B 29 -40.66 10.78 8.31
C CYS B 29 -40.02 11.02 6.99
N LEU B 30 -40.19 10.03 6.09
CA LEU B 30 -39.59 10.06 4.82
C LEU B 30 -40.55 10.63 3.81
N GLY B 31 -39.96 11.31 2.83
CA GLY B 31 -40.61 12.05 1.82
C GLY B 31 -40.20 11.61 0.46
N PRO B 32 -40.86 12.14 -0.58
CA PRO B 32 -40.45 11.76 -1.92
C PRO B 32 -38.98 12.13 -2.17
N GLY B 33 -38.42 11.52 -3.20
CA GLY B 33 -37.00 11.72 -3.53
C GLY B 33 -36.10 11.46 -2.35
N GLY B 34 -35.15 12.36 -2.16
CA GLY B 34 -34.27 12.36 -1.06
C GLY B 34 -34.73 13.03 0.23
N GLU B 35 -36.02 13.27 0.42
CA GLU B 35 -36.47 14.08 1.51
C GLU B 35 -36.64 13.21 2.78
N TYR B 36 -36.25 13.74 3.91
CA TYR B 36 -36.66 13.21 5.23
C TYR B 36 -36.80 14.40 6.15
N SER B 37 -37.42 14.14 7.29
CA SER B 37 -37.72 15.10 8.27
C SER B 37 -37.61 14.40 9.62
N VAL B 38 -37.16 15.15 10.59
CA VAL B 38 -37.09 14.62 11.89
C VAL B 38 -37.62 15.65 12.88
N THR B 39 -38.43 15.18 13.82
CA THR B 39 -38.83 15.98 14.95
C THR B 39 -38.60 15.34 16.31
N TRP B 40 -38.01 16.09 17.24
CA TRP B 40 -37.64 15.49 18.50
C TRP B 40 -37.92 16.37 19.71
N VAL B 41 -38.21 15.74 20.84
CA VAL B 41 -38.34 16.45 22.10
C VAL B 41 -37.66 15.63 23.17
N ASN B 42 -36.72 16.27 23.85
CA ASN B 42 -35.96 15.69 24.95
C ASN B 42 -35.28 14.39 24.59
N CYS B 43 -34.60 14.40 23.47
CA CYS B 43 -34.02 13.18 22.95
C CYS B 43 -32.88 12.71 23.83
N GLY B 44 -32.47 11.47 23.67
CA GLY B 44 -31.19 11.06 24.21
C GLY B 44 -30.08 11.36 23.24
N ASP B 45 -29.83 10.38 22.37
CA ASP B 45 -28.95 10.52 21.22
C ASP B 45 -29.60 9.86 19.96
N PHE B 46 -29.55 10.58 18.85
CA PHE B 46 -29.99 9.98 17.58
C PHE B 46 -29.23 10.50 16.37
N THR B 47 -29.26 9.73 15.29
CA THR B 47 -28.81 10.17 14.02
C THR B 47 -29.89 9.75 13.03
N SER B 48 -30.00 10.54 11.97
CA SER B 48 -30.97 10.28 10.94
C SER B 48 -30.74 11.06 9.64
N GLY B 49 -30.98 10.39 8.53
CA GLY B 49 -30.79 11.00 7.20
C GLY B 49 -30.88 10.07 6.01
N LYS B 50 -30.74 10.68 4.82
CA LYS B 50 -30.69 9.95 3.57
C LYS B 50 -29.38 10.17 2.92
N GLY B 51 -29.05 9.24 2.04
CA GLY B 51 -27.85 9.29 1.23
C GLY B 51 -27.64 7.97 0.48
N TRP B 52 -26.45 7.38 0.64
CA TRP B 52 -26.02 6.21 -0.16
C TRP B 52 -25.43 5.10 0.72
N ASN B 53 -25.58 3.84 0.29
CA ASN B 53 -24.96 2.73 0.98
C ASN B 53 -24.77 1.62 0.01
N PRO B 54 -23.52 1.23 -0.24
CA PRO B 54 -22.34 1.93 0.25
C PRO B 54 -22.14 3.17 -0.56
N ALA B 55 -21.48 4.14 0.04
CA ALA B 55 -21.23 5.40 -0.61
C ALA B 55 -19.98 5.31 -1.48
N ASN B 56 -19.71 6.39 -2.18
CA ASN B 56 -18.62 6.49 -3.14
C ASN B 56 -18.16 7.98 -3.35
N ALA B 57 -17.98 8.72 -2.24
CA ALA B 57 -17.56 10.10 -2.23
C ALA B 57 -18.43 10.93 -3.19
N GLN B 58 -19.74 10.72 -3.05
CA GLN B 58 -20.67 11.50 -3.78
C GLN B 58 -20.49 12.98 -3.47
N THR B 59 -20.76 13.76 -4.51
CA THR B 59 -20.92 15.19 -4.36
C THR B 59 -22.38 15.39 -3.97
N VAL B 60 -22.58 15.94 -2.77
CA VAL B 60 -23.89 16.02 -2.18
C VAL B 60 -24.62 17.34 -2.49
N THR B 61 -25.89 17.25 -2.89
CA THR B 61 -26.77 18.43 -2.86
C THR B 61 -27.78 18.22 -1.77
N TYR B 62 -27.99 19.25 -0.94
CA TYR B 62 -29.06 19.23 0.07
C TYR B 62 -29.61 20.64 0.24
N SER B 63 -30.88 20.69 0.63
CA SER B 63 -31.53 21.94 1.04
C SER B 63 -32.56 21.64 2.09
N GLY B 64 -32.98 22.69 2.82
CA GLY B 64 -34.08 22.59 3.71
C GLY B 64 -33.82 23.41 4.95
N GLU B 65 -34.26 22.92 6.11
CA GLU B 65 -34.16 23.72 7.31
C GLU B 65 -33.82 22.90 8.54
N PHE B 66 -33.08 23.55 9.43
CA PHE B 66 -32.54 22.86 10.60
C PHE B 66 -32.72 23.75 11.83
N ASN B 67 -33.53 23.31 12.78
CA ASN B 67 -34.00 24.17 13.84
C ASN B 67 -33.90 23.51 15.16
N PRO B 68 -32.69 23.46 15.68
CA PRO B 68 -32.54 22.77 16.93
C PRO B 68 -32.75 23.73 18.04
N ASN B 69 -33.19 23.19 19.16
CA ASN B 69 -33.25 23.95 20.39
C ASN B 69 -32.31 23.23 21.32
N GLY B 70 -31.03 23.60 21.26
CA GLY B 70 -30.00 22.95 22.04
C GLY B 70 -28.94 22.30 21.15
N ASN B 71 -28.39 21.20 21.65
CA ASN B 71 -27.30 20.47 21.02
C ASN B 71 -27.82 19.59 19.86
N ALA B 72 -27.41 19.93 18.67
CA ALA B 72 -27.67 19.07 17.51
C ALA B 72 -26.72 19.42 16.32
N TYR B 73 -26.54 18.43 15.43
CA TYR B 73 -25.66 18.57 14.25
C TYR B 73 -26.39 18.42 12.94
N LEU B 74 -25.84 19.06 11.90
CA LEU B 74 -26.24 18.81 10.55
C LEU B 74 -24.98 18.60 9.75
N ALA B 75 -24.80 17.38 9.25
CA ALA B 75 -23.50 17.03 8.68
C ALA B 75 -23.69 16.02 7.58
N VAL B 76 -22.75 16.05 6.65
CA VAL B 76 -22.57 14.89 5.84
C VAL B 76 -21.77 13.93 6.73
N TYR B 77 -22.26 12.71 6.86
CA TYR B 77 -21.91 11.86 7.98
C TYR B 77 -21.85 10.45 7.50
N GLY B 78 -20.80 9.73 7.89
CA GLY B 78 -20.65 8.35 7.42
C GLY B 78 -19.55 7.58 8.09
N TRP B 79 -19.21 6.42 7.51
CA TRP B 79 -18.27 5.52 8.06
C TRP B 79 -17.45 4.86 6.97
N THR B 80 -16.25 4.44 7.36
CA THR B 80 -15.49 3.48 6.59
C THR B 80 -15.18 2.33 7.49
N THR B 81 -14.75 1.22 6.88
CA THR B 81 -14.33 0.00 7.55
C THR B 81 -12.94 -0.39 7.05
N ASP B 82 -12.15 -0.98 7.95
CA ASP B 82 -10.81 -1.56 7.62
C ASP B 82 -9.95 -0.48 7.01
N PRO B 83 -9.74 0.63 7.72
CA PRO B 83 -10.03 0.90 9.09
C PRO B 83 -11.45 1.47 9.39
N LEU B 84 -11.89 1.28 10.63
CA LEU B 84 -13.16 1.79 11.09
C LEU B 84 -12.97 3.27 11.42
N VAL B 85 -13.78 4.10 10.77
CA VAL B 85 -13.69 5.56 10.85
C VAL B 85 -15.11 6.10 10.83
N GLU B 86 -15.41 6.99 11.74
CA GLU B 86 -16.65 7.74 11.70
C GLU B 86 -16.28 9.17 11.28
N TYR B 87 -17.04 9.76 10.36
CA TYR B 87 -16.68 11.10 9.89
C TYR B 87 -17.89 12.01 9.76
N TYR B 88 -17.63 13.31 9.91
CA TYR B 88 -18.60 14.38 9.86
C TYR B 88 -18.07 15.50 8.98
N ILE B 89 -18.85 15.93 8.00
CA ILE B 89 -18.59 17.21 7.35
C ILE B 89 -19.68 18.14 7.91
N LEU B 90 -19.30 18.95 8.88
CA LEU B 90 -20.31 19.58 9.71
C LEU B 90 -20.70 20.92 9.10
N GLU B 91 -21.94 21.01 8.65
CA GLU B 91 -22.48 22.22 8.03
C GLU B 91 -23.08 23.22 9.03
N SER B 92 -23.85 22.74 9.98
CA SER B 92 -24.38 23.59 11.06
C SER B 92 -24.46 22.79 12.33
N TYR B 93 -24.66 23.50 13.43
CA TYR B 93 -24.85 22.88 14.76
C TYR B 93 -25.59 23.89 15.60
N GLY B 94 -26.06 23.50 16.76
CA GLY B 94 -26.79 24.39 17.66
C GLY B 94 -25.88 24.89 18.75
N THR B 95 -26.19 24.59 19.99
CA THR B 95 -25.48 25.16 21.15
C THR B 95 -24.09 24.60 21.39
N TYR B 96 -23.80 23.37 20.97
CA TYR B 96 -22.47 22.78 21.13
C TYR B 96 -21.63 22.56 19.87
N ASN B 97 -20.44 23.16 19.89
CA ASN B 97 -19.48 22.99 18.85
C ASN B 97 -18.64 21.77 19.14
N PRO B 98 -18.76 20.73 18.30
CA PRO B 98 -18.10 19.48 18.67
C PRO B 98 -16.59 19.48 18.47
N SER B 99 -16.05 20.49 17.79
CA SER B 99 -14.60 20.62 17.81
C SER B 99 -14.02 21.21 19.12
N SER B 100 -14.87 21.66 20.05
CA SER B 100 -14.44 22.00 21.43
C SER B 100 -13.49 20.96 21.96
N GLY B 101 -12.28 21.39 22.29
CA GLY B 101 -11.29 20.54 22.94
C GLY B 101 -10.49 19.72 21.97
N LEU B 102 -10.74 19.82 20.67
CA LEU B 102 -10.00 18.97 19.73
C LEU B 102 -8.81 19.73 19.11
N THR B 103 -7.79 19.01 18.66
CA THR B 103 -6.61 19.64 18.08
C THR B 103 -6.82 19.97 16.57
N LEU B 104 -6.61 21.21 16.23
CA LEU B 104 -6.77 21.67 14.87
C LEU B 104 -5.65 21.12 13.99
N LEU B 105 -6.03 20.52 12.88
CA LEU B 105 -5.08 19.89 11.98
C LEU B 105 -4.79 20.67 10.71
N GLY B 106 -5.70 21.55 10.31
CA GLY B 106 -5.62 22.26 9.05
C GLY B 106 -6.98 22.72 8.56
N GLN B 107 -7.00 23.27 7.33
CA GLN B 107 -8.22 23.68 6.68
C GLN B 107 -8.37 22.99 5.32
N VAL B 108 -9.58 22.98 4.81
CA VAL B 108 -9.85 22.67 3.43
C VAL B 108 -10.87 23.68 2.97
N THR B 109 -10.72 24.12 1.75
CA THR B 109 -11.76 24.96 1.24
C THR B 109 -12.45 24.28 0.07
N SER B 110 -13.77 24.33 0.12
CA SER B 110 -14.62 23.59 -0.76
C SER B 110 -16.03 24.20 -0.77
N ASP B 111 -16.66 24.16 -1.92
CA ASP B 111 -18.02 24.55 -2.17
C ASP B 111 -18.31 25.89 -1.59
N GLY B 112 -17.38 26.81 -1.86
CA GLY B 112 -17.39 28.17 -1.37
C GLY B 112 -17.35 28.35 0.12
N GLY B 113 -16.98 27.33 0.89
CA GLY B 113 -16.80 27.53 2.33
C GLY B 113 -15.42 27.08 2.77
N THR B 114 -15.07 27.44 3.99
CA THR B 114 -13.85 26.96 4.60
C THR B 114 -14.18 26.06 5.78
N TYR B 115 -13.42 24.97 5.92
CA TYR B 115 -13.61 24.06 7.05
C TYR B 115 -12.33 23.77 7.79
N ASP B 116 -12.44 23.72 9.11
CA ASP B 116 -11.38 23.34 10.02
C ASP B 116 -11.45 21.84 10.25
N ILE B 117 -10.29 21.19 10.34
CA ILE B 117 -10.20 19.78 10.27
C ILE B 117 -9.66 19.23 11.60
N TYR B 118 -10.34 18.23 12.17
CA TYR B 118 -9.97 17.64 13.44
C TYR B 118 -10.05 16.12 13.37
N SER B 119 -9.33 15.41 14.24
CA SER B 119 -9.49 13.97 14.42
C SER B 119 -9.52 13.67 15.90
N THR B 120 -10.33 12.71 16.31
CA THR B 120 -10.30 12.31 17.71
C THR B 120 -10.58 10.82 17.85
N GLN B 121 -10.04 10.20 18.89
CA GLN B 121 -10.20 8.77 19.06
C GLN B 121 -11.38 8.54 19.94
N ARG B 122 -12.31 7.73 19.45
CA ARG B 122 -13.43 7.28 20.25
C ARG B 122 -13.02 5.88 20.81
N VAL B 123 -12.98 5.76 22.13
CA VAL B 123 -12.43 4.53 22.78
C VAL B 123 -13.58 3.70 23.31
N ASP B 124 -13.71 2.48 22.75
CA ASP B 124 -14.75 1.53 23.15
C ASP B 124 -16.11 2.16 23.17
N GLN B 125 -16.50 2.63 21.99
CA GLN B 125 -17.78 3.36 21.78
C GLN B 125 -18.68 2.58 20.86
N PRO B 126 -19.98 2.88 20.85
CA PRO B 126 -20.89 2.20 19.88
C PRO B 126 -20.52 2.48 18.46
N SER B 127 -20.64 1.49 17.58
CA SER B 127 -20.42 1.75 16.17
C SER B 127 -21.17 0.80 15.29
N ILE B 128 -21.03 0.97 13.97
CA ILE B 128 -21.55 -0.02 13.02
C ILE B 128 -20.94 -1.40 13.19
N GLU B 129 -19.88 -1.55 13.95
CA GLU B 129 -19.30 -2.87 14.18
C GLU B 129 -19.40 -3.22 15.65
N GLY B 130 -20.38 -2.67 16.37
CA GLY B 130 -20.45 -2.89 17.81
C GLY B 130 -19.49 -1.96 18.57
N THR B 131 -19.24 -2.26 19.81
CA THR B 131 -18.39 -1.46 20.63
C THR B 131 -16.97 -1.59 20.16
N SER B 132 -16.39 -0.48 19.69
CA SER B 132 -15.03 -0.50 19.23
C SER B 132 -14.36 0.80 19.46
N THR B 133 -13.10 0.81 19.08
CA THR B 133 -12.21 1.94 19.16
C THR B 133 -11.94 2.33 17.70
N PHE B 134 -12.19 3.60 17.38
CA PHE B 134 -12.07 4.11 16.02
C PHE B 134 -11.75 5.59 16.03
N ASN B 135 -11.09 6.06 14.98
CA ASN B 135 -11.04 7.53 14.78
C ASN B 135 -12.28 8.17 14.21
N GLN B 136 -12.48 9.42 14.57
CA GLN B 136 -13.65 10.14 14.17
C GLN B 136 -13.09 11.40 13.53
N TYR B 137 -13.43 11.69 12.28
CA TYR B 137 -12.85 12.86 11.59
C TYR B 137 -13.91 13.92 11.42
N TRP B 138 -13.45 15.15 11.45
CA TRP B 138 -14.29 16.35 11.31
C TRP B 138 -13.75 17.37 10.30
N SER B 139 -14.62 17.93 9.51
CA SER B 139 -14.40 19.13 8.76
C SER B 139 -15.56 19.98 9.31
N VAL B 140 -15.23 21.08 9.97
CA VAL B 140 -16.27 21.94 10.57
C VAL B 140 -16.24 23.24 9.81
N ARG B 141 -17.35 23.59 9.18
CA ARG B 141 -17.46 24.82 8.40
C ARG B 141 -17.24 25.98 9.33
N THR B 142 -16.42 26.94 8.90
CA THR B 142 -16.08 28.07 9.80
C THR B 142 -17.28 29.00 10.06
N GLU B 143 -18.26 28.97 9.16
CA GLU B 143 -19.56 29.62 9.32
C GLU B 143 -20.68 28.62 9.01
N LYS B 144 -21.72 28.65 9.83
CA LYS B 144 -22.87 27.74 9.73
C LYS B 144 -23.61 27.93 8.47
N ARG B 145 -24.02 26.86 7.80
CA ARG B 145 -24.93 27.07 6.67
C ARG B 145 -25.87 25.92 6.57
N VAL B 146 -27.06 26.18 6.07
CA VAL B 146 -28.00 25.08 5.80
C VAL B 146 -28.39 25.04 4.36
N GLY B 147 -27.74 24.21 3.59
CA GLY B 147 -28.06 24.00 2.21
C GLY B 147 -26.89 24.33 1.29
N GLY B 148 -26.71 23.55 0.25
CA GLY B 148 -25.72 23.80 -0.73
C GLY B 148 -25.11 22.55 -1.23
N THR B 149 -23.89 22.69 -1.76
CA THR B 149 -23.15 21.55 -2.34
C THR B 149 -22.05 21.11 -1.34
N VAL B 150 -21.90 19.80 -1.09
CA VAL B 150 -20.76 19.27 -0.38
C VAL B 150 -20.04 18.26 -1.23
N THR B 151 -18.85 18.65 -1.68
CA THR B 151 -18.03 17.82 -2.54
C THR B 151 -17.15 16.98 -1.63
N THR B 152 -17.68 15.80 -1.26
CA THR B 152 -17.07 15.07 -0.16
C THR B 152 -15.66 14.63 -0.58
N ALA B 153 -15.43 14.37 -1.86
CA ALA B 153 -14.02 13.99 -2.28
C ALA B 153 -12.96 15.06 -1.93
N ASN B 154 -13.31 16.34 -1.95
CA ASN B 154 -12.31 17.35 -1.53
C ASN B 154 -11.96 17.24 -0.05
N HIS B 155 -12.95 16.93 0.76
CA HIS B 155 -12.69 16.70 2.18
C HIS B 155 -11.85 15.44 2.41
N PHE B 156 -12.24 14.33 1.80
CA PHE B 156 -11.48 13.08 2.00
C PHE B 156 -9.97 13.24 1.56
N ALA B 157 -9.76 13.96 0.47
CA ALA B 157 -8.38 14.24 -0.01
C ALA B 157 -7.58 15.07 0.94
N ALA B 158 -8.22 16.10 1.55
CA ALA B 158 -7.56 16.97 2.48
C ALA B 158 -7.20 16.24 3.76
N TRP B 159 -8.12 15.38 4.21
CA TRP B 159 -7.93 14.55 5.37
C TRP B 159 -6.78 13.57 5.13
N LYS B 160 -6.75 12.95 3.95
CA LYS B 160 -5.65 12.01 3.61
C LYS B 160 -4.28 12.69 3.50
N ALA B 161 -4.28 13.89 2.95
CA ALA B 161 -3.12 14.77 2.96
C ALA B 161 -2.55 15.12 4.34
N LEU B 162 -3.35 14.99 5.40
CA LEU B 162 -2.93 15.22 6.75
C LEU B 162 -2.64 13.93 7.49
N GLY B 163 -2.58 12.79 6.79
CA GLY B 163 -2.26 11.56 7.41
C GLY B 163 -3.50 10.88 7.99
N LEU B 164 -4.72 11.29 7.65
CA LEU B 164 -5.87 10.61 8.16
C LEU B 164 -6.35 9.53 7.21
N GLU B 165 -6.25 8.26 7.60
CA GLU B 165 -6.53 7.17 6.66
C GLU B 165 -8.04 6.90 6.53
N MET B 166 -8.49 6.62 5.33
CA MET B 166 -9.86 6.26 5.09
C MET B 166 -9.92 4.78 4.62
N GLY B 167 -10.91 4.05 5.08
CA GLY B 167 -11.11 2.67 4.59
C GLY B 167 -12.17 2.50 3.50
N THR B 168 -12.74 1.31 3.49
CA THR B 168 -13.83 0.94 2.59
C THR B 168 -15.09 1.68 3.02
N TYR B 169 -15.69 2.38 2.06
CA TYR B 169 -16.87 3.17 2.35
C TYR B 169 -18.03 2.30 2.79
N ASN B 170 -18.67 2.74 3.86
CA ASN B 170 -19.93 2.20 4.29
C ASN B 170 -20.99 3.25 3.91
N TYR B 171 -21.99 3.52 4.77
CA TYR B 171 -23.02 4.45 4.30
C TYR B 171 -22.52 5.87 4.39
N MET B 172 -23.25 6.78 3.74
CA MET B 172 -22.96 8.18 3.85
C MET B 172 -24.26 8.89 3.67
N ILE B 173 -24.64 9.72 4.62
CA ILE B 173 -25.91 10.41 4.63
C ILE B 173 -25.73 11.88 5.07
N VAL B 174 -26.71 12.70 4.74
CA VAL B 174 -26.89 13.99 5.35
C VAL B 174 -27.71 13.79 6.63
N SER B 175 -26.99 13.83 7.76
CA SER B 175 -27.54 13.52 9.07
C SER B 175 -27.88 14.76 9.86
N THR B 176 -29.05 14.69 10.44
CA THR B 176 -29.46 15.44 11.56
C THR B 176 -29.21 14.50 12.76
N GLU B 177 -28.49 14.99 13.78
CA GLU B 177 -28.18 14.22 14.97
C GLU B 177 -28.39 15.10 16.17
N GLY B 178 -29.04 14.58 17.21
CA GLY B 178 -29.36 15.40 18.36
C GLY B 178 -28.77 14.81 19.62
N TYR B 179 -28.49 15.67 20.60
CA TYR B 179 -28.09 15.19 21.88
C TYR B 179 -28.80 15.96 22.98
N GLU B 180 -29.65 15.30 23.75
CA GLU B 180 -30.41 15.97 24.86
C GLU B 180 -30.96 17.31 24.49
N SER B 181 -31.66 17.33 23.38
CA SER B 181 -32.22 18.55 22.93
C SER B 181 -33.59 18.30 22.38
N SER B 182 -34.17 19.37 21.86
CA SER B 182 -35.40 19.30 21.11
C SER B 182 -35.23 20.00 19.79
N GLY B 183 -36.14 19.74 18.87
CA GLY B 183 -36.26 20.54 17.66
C GLY B 183 -36.84 19.76 16.49
N SER B 184 -36.55 20.26 15.28
CA SER B 184 -36.98 19.66 14.06
C SER B 184 -36.01 20.05 12.94
N SER B 185 -36.01 19.22 11.88
CA SER B 185 -35.36 19.57 10.65
C SER B 185 -35.99 18.85 9.47
N THR B 186 -35.73 19.36 8.28
CA THR B 186 -36.27 18.77 7.05
C THR B 186 -35.29 19.08 5.95
N ILE B 187 -34.90 18.05 5.22
CA ILE B 187 -33.68 18.06 4.42
C ILE B 187 -33.97 17.16 3.24
N THR B 188 -33.63 17.65 2.06
CA THR B 188 -33.83 16.86 0.89
C THR B 188 -32.44 16.71 0.27
N VAL B 189 -32.02 15.46 0.12
CA VAL B 189 -30.72 15.07 -0.35
C VAL B 189 -30.77 14.65 -1.81
N SER B 190 -29.77 15.03 -2.56
CA SER B 190 -29.62 14.53 -3.95
C SER B 190 -28.16 14.50 -4.32
N CYS C 2 -46.11 -4.85 3.66
CA CYS C 2 -45.07 -5.67 3.07
C CYS C 2 -44.07 -4.66 2.57
N ILE C 3 -42.86 -5.13 2.30
CA ILE C 3 -41.84 -4.26 1.81
C ILE C 3 -41.22 -4.88 0.61
N THR C 4 -40.82 -4.02 -0.33
CA THR C 4 -40.23 -4.45 -1.57
C THR C 4 -38.87 -3.78 -1.77
N THR C 5 -38.40 -3.03 -0.77
CA THR C 5 -37.05 -2.45 -0.80
C THR C 5 -36.24 -2.85 0.45
N SER C 6 -34.94 -2.74 0.35
CA SER C 6 -34.08 -3.10 1.39
C SER C 6 -34.50 -2.39 2.68
N GLN C 7 -34.47 -3.12 3.78
CA GLN C 7 -34.90 -2.57 5.07
C GLN C 7 -34.34 -3.43 6.21
N THR C 8 -33.88 -2.78 7.29
CA THR C 8 -33.59 -3.47 8.56
C THR C 8 -34.23 -2.73 9.73
N GLY C 9 -34.42 -3.42 10.84
CA GLY C 9 -35.16 -2.85 11.96
C GLY C 9 -35.49 -3.92 12.98
N THR C 10 -36.39 -3.62 13.88
CA THR C 10 -36.87 -4.62 14.83
C THR C 10 -38.39 -4.65 14.70
N HIS C 11 -38.95 -5.84 14.90
CA HIS C 11 -40.38 -6.11 14.72
C HIS C 11 -40.77 -7.23 15.70
N ASN C 12 -41.68 -6.90 16.63
CA ASN C 12 -42.10 -7.81 17.67
C ASN C 12 -40.94 -8.38 18.44
N GLY C 13 -39.93 -7.55 18.65
CA GLY C 13 -38.78 -7.95 19.47
C GLY C 13 -37.70 -8.58 18.63
N TYR C 14 -37.92 -8.90 17.36
CA TYR C 14 -36.85 -9.53 16.56
C TYR C 14 -36.22 -8.53 15.63
N TYR C 15 -34.93 -8.73 15.38
CA TYR C 15 -34.22 -8.00 14.35
C TYR C 15 -34.79 -8.58 13.07
N TYR C 16 -34.98 -7.75 12.07
CA TYR C 16 -35.26 -8.21 10.71
C TYR C 16 -34.29 -7.52 9.73
N SER C 17 -33.93 -8.28 8.68
CA SER C 17 -33.16 -7.74 7.60
C SER C 17 -33.78 -8.23 6.28
N PHE C 18 -34.00 -7.28 5.39
CA PHE C 18 -34.29 -7.52 4.00
C PHE C 18 -33.27 -6.79 3.15
N TRP C 19 -32.59 -7.54 2.28
CA TRP C 19 -31.68 -6.96 1.28
C TRP C 19 -31.99 -7.49 -0.09
N THR C 20 -32.18 -6.60 -1.09
CA THR C 20 -32.30 -7.03 -2.47
C THR C 20 -31.44 -6.16 -3.34
N ASN C 21 -30.78 -6.73 -4.33
CA ASN C 21 -30.10 -5.96 -5.32
C ASN C 21 -30.99 -5.28 -6.38
N GLY C 22 -32.31 -5.47 -6.32
CA GLY C 22 -33.24 -4.71 -7.13
C GLY C 22 -33.81 -5.56 -8.23
N GLY C 23 -33.38 -6.80 -8.35
CA GLY C 23 -33.87 -7.66 -9.39
C GLY C 23 -35.24 -8.27 -9.13
N GLY C 24 -36.05 -8.31 -10.19
CA GLY C 24 -37.35 -8.95 -10.13
C GLY C 24 -38.31 -8.32 -9.16
N GLU C 25 -39.30 -9.08 -8.71
CA GLU C 25 -40.15 -8.61 -7.63
C GLU C 25 -39.97 -9.52 -6.43
N VAL C 26 -39.61 -8.88 -5.34
CA VAL C 26 -39.37 -9.57 -4.11
C VAL C 26 -40.12 -8.78 -3.06
N THR C 27 -40.96 -9.48 -2.35
CA THR C 27 -41.84 -8.86 -1.39
C THR C 27 -41.75 -9.60 -0.07
N MET C 28 -41.30 -8.91 1.00
CA MET C 28 -41.14 -9.52 2.34
C MET C 28 -42.23 -8.97 3.22
N CYS C 29 -42.81 -9.83 4.04
CA CYS C 29 -43.97 -9.48 4.84
C CYS C 29 -43.75 -9.96 6.30
N LEU C 30 -43.81 -9.02 7.21
CA LEU C 30 -43.57 -9.37 8.58
C LEU C 30 -44.85 -9.80 9.21
N GLY C 31 -44.75 -10.72 10.18
CA GLY C 31 -45.89 -11.14 10.97
C GLY C 31 -45.62 -11.20 12.46
N PRO C 32 -46.58 -11.69 13.23
CA PRO C 32 -46.47 -11.72 14.70
C PRO C 32 -45.28 -12.49 15.22
N GLY C 33 -44.82 -12.13 16.41
CA GLY C 33 -43.62 -12.79 17.02
C GLY C 33 -42.42 -12.83 16.08
N GLY C 34 -41.84 -14.02 15.91
CA GLY C 34 -40.68 -14.23 15.03
C GLY C 34 -40.96 -14.55 13.54
N GLU C 35 -42.15 -14.22 13.05
CA GLU C 35 -42.59 -14.69 11.72
C GLU C 35 -42.23 -13.67 10.66
N TYR C 36 -41.67 -14.16 9.58
CA TYR C 36 -41.65 -13.42 8.32
C TYR C 36 -42.00 -14.36 7.20
N SER C 37 -42.29 -13.74 6.02
CA SER C 37 -42.51 -14.46 4.78
C SER C 37 -41.95 -13.64 3.63
N VAL C 38 -41.55 -14.32 2.56
CA VAL C 38 -41.06 -13.65 1.37
C VAL C 38 -41.50 -14.41 0.09
N THR C 39 -41.80 -13.67 -0.97
CA THR C 39 -42.29 -14.26 -2.18
C THR C 39 -41.60 -13.50 -3.31
N TRP C 40 -41.09 -14.25 -4.27
CA TRP C 40 -40.27 -13.58 -5.28
C TRP C 40 -40.53 -14.13 -6.63
N VAL C 41 -40.51 -13.27 -7.65
CA VAL C 41 -40.46 -13.74 -9.05
C VAL C 41 -39.26 -13.16 -9.79
N ASN C 42 -38.51 -14.10 -10.36
CA ASN C 42 -37.31 -13.77 -11.14
C ASN C 42 -36.47 -12.82 -10.33
N CYS C 43 -36.10 -13.23 -9.12
CA CYS C 43 -35.27 -12.37 -8.27
C CYS C 43 -33.87 -12.21 -8.88
N GLY C 44 -33.14 -11.21 -8.42
CA GLY C 44 -31.74 -11.09 -8.77
C GLY C 44 -31.03 -11.81 -7.66
N ASP C 45 -30.72 -11.07 -6.60
CA ASP C 45 -30.18 -11.62 -5.34
C ASP C 45 -30.88 -10.88 -4.20
N PHE C 46 -31.31 -11.62 -3.19
CA PHE C 46 -31.95 -11.06 -1.96
C PHE C 46 -31.68 -11.98 -0.78
N THR C 47 -31.66 -11.39 0.40
CA THR C 47 -31.70 -12.14 1.60
C THR C 47 -32.79 -11.61 2.53
N SER C 48 -33.45 -12.48 3.24
CA SER C 48 -34.37 -11.99 4.28
C SER C 48 -34.66 -12.92 5.40
N GLY C 49 -34.96 -12.30 6.56
CA GLY C 49 -35.14 -13.06 7.78
C GLY C 49 -35.27 -12.26 9.04
N LYS C 50 -35.57 -13.00 10.10
CA LYS C 50 -35.73 -12.47 11.49
C LYS C 50 -34.73 -13.20 12.37
N GLY C 51 -34.35 -12.55 13.45
CA GLY C 51 -33.33 -13.03 14.34
C GLY C 51 -32.91 -11.93 15.33
N TRP C 52 -31.60 -11.73 15.44
CA TRP C 52 -30.93 -10.95 16.49
C TRP C 52 -29.84 -10.09 15.87
N ASN C 53 -29.68 -8.87 16.39
CA ASN C 53 -28.54 -8.08 16.09
C ASN C 53 -28.17 -7.18 17.23
N PRO C 54 -26.93 -7.23 17.71
CA PRO C 54 -25.87 -8.20 17.40
C PRO C 54 -26.30 -9.58 17.97
N ALA C 55 -25.86 -10.67 17.33
CA ALA C 55 -26.33 -12.00 17.70
C ALA C 55 -25.43 -12.50 18.78
N ASN C 56 -25.70 -13.70 19.27
CA ASN C 56 -24.96 -14.24 20.42
C ASN C 56 -24.96 -15.79 20.35
N ALA C 57 -24.68 -16.38 19.17
CA ALA C 57 -24.66 -17.84 18.98
C ALA C 57 -25.94 -18.47 19.55
N GLN C 58 -27.09 -17.91 19.17
CA GLN C 58 -28.36 -18.41 19.63
C GLN C 58 -28.58 -19.88 19.27
N THR C 59 -29.28 -20.59 20.13
CA THR C 59 -29.87 -21.87 19.77
C THR C 59 -31.22 -21.51 19.17
N VAL C 60 -31.32 -21.67 17.84
CA VAL C 60 -32.46 -21.29 17.10
C VAL C 60 -33.50 -22.39 16.85
N THR C 61 -34.76 -22.06 17.14
CA THR C 61 -35.90 -22.90 16.81
C THR C 61 -36.68 -22.17 15.72
N TYR C 62 -36.98 -22.88 14.65
CA TYR C 62 -37.77 -22.26 13.57
C TYR C 62 -38.70 -23.36 12.98
N SER C 63 -39.75 -22.91 12.31
CA SER C 63 -40.67 -23.77 11.59
C SER C 63 -41.24 -22.95 10.46
N GLY C 64 -41.84 -23.61 9.50
CA GLY C 64 -42.38 -22.86 8.38
C GLY C 64 -42.55 -23.70 7.14
N GLU C 65 -42.51 -23.03 5.99
CA GLU C 65 -42.64 -23.68 4.72
C GLU C 65 -41.76 -22.95 3.66
N PHE C 66 -41.02 -23.73 2.90
CA PHE C 66 -40.00 -23.22 1.96
C PHE C 66 -40.25 -23.80 0.59
N ASN C 67 -40.68 -22.95 -0.34
CA ASN C 67 -41.13 -23.39 -1.68
C ASN C 67 -40.31 -22.74 -2.77
N PRO C 68 -39.04 -23.11 -2.89
CA PRO C 68 -38.24 -22.50 -3.94
C PRO C 68 -38.68 -23.04 -5.29
N ASN C 69 -38.64 -22.23 -6.34
CA ASN C 69 -38.80 -22.83 -7.60
C ASN C 69 -37.42 -23.34 -8.06
N GLY C 70 -36.55 -22.46 -8.44
CA GLY C 70 -35.16 -22.89 -8.70
C GLY C 70 -34.18 -22.75 -7.53
N ASN C 71 -33.22 -21.81 -7.66
CA ASN C 71 -32.07 -21.68 -6.74
C ASN C 71 -32.39 -20.78 -5.58
N ALA C 72 -32.56 -21.38 -4.40
CA ALA C 72 -32.79 -20.59 -3.19
C ALA C 72 -32.24 -21.32 -2.03
N TYR C 73 -32.02 -20.61 -0.95
CA TYR C 73 -31.42 -21.18 0.24
C TYR C 73 -32.29 -20.88 1.46
N LEU C 74 -32.28 -21.80 2.42
CA LEU C 74 -32.90 -21.65 3.72
C LEU C 74 -31.86 -21.95 4.81
N ALA C 75 -31.43 -20.90 5.51
CA ALA C 75 -30.26 -21.04 6.35
C ALA C 75 -30.29 -20.23 7.57
N VAL C 76 -29.67 -20.71 8.60
CA VAL C 76 -29.29 -19.77 9.67
C VAL C 76 -28.05 -19.06 9.18
N TYR C 77 -28.17 -17.73 9.14
CA TYR C 77 -27.33 -16.88 8.28
C TYR C 77 -26.92 -15.57 9.05
N GLY C 78 -25.64 -15.25 9.03
CA GLY C 78 -25.18 -14.03 9.65
C GLY C 78 -23.83 -13.59 9.15
N TRP C 79 -23.20 -12.72 9.95
CA TRP C 79 -21.93 -12.13 9.64
C TRP C 79 -21.14 -11.89 10.94
N THR C 80 -19.82 -11.90 10.83
CA THR C 80 -18.99 -11.33 11.86
C THR C 80 -18.19 -10.20 11.25
N THR C 81 -17.59 -9.37 12.09
CA THR C 81 -16.67 -8.40 11.62
C THR C 81 -15.33 -8.59 12.33
N ASP C 82 -14.28 -8.17 11.63
CA ASP C 82 -12.96 -8.22 12.18
C ASP C 82 -12.59 -9.61 12.78
N PRO C 83 -12.52 -10.62 11.93
CA PRO C 83 -12.60 -10.52 10.51
C PRO C 83 -14.03 -10.57 9.96
N LEU C 84 -14.21 -9.97 8.77
CA LEU C 84 -15.44 -9.97 8.03
C LEU C 84 -15.69 -11.40 7.49
N VAL C 85 -16.82 -11.99 7.89
CA VAL C 85 -17.21 -13.33 7.54
C VAL C 85 -18.73 -13.40 7.22
N GLU C 86 -19.09 -14.03 6.12
CA GLU C 86 -20.52 -14.44 5.89
C GLU C 86 -20.68 -15.92 6.15
N TYR C 87 -21.68 -16.35 6.94
CA TYR C 87 -21.81 -17.75 7.31
C TYR C 87 -23.26 -18.24 7.16
N TYR C 88 -23.37 -19.54 6.87
CA TYR C 88 -24.64 -20.20 6.54
C TYR C 88 -24.64 -21.60 7.13
N ILE C 89 -25.74 -21.94 7.75
CA ILE C 89 -25.94 -23.25 8.27
C ILE C 89 -27.14 -23.57 7.46
N LEU C 90 -26.91 -24.31 6.36
CA LEU C 90 -27.89 -24.48 5.34
C LEU C 90 -28.79 -25.70 5.60
N GLU C 91 -30.06 -25.41 5.93
CA GLU C 91 -31.08 -26.38 6.28
C GLU C 91 -31.77 -27.06 5.07
N SER C 92 -32.06 -26.28 4.05
CA SER C 92 -32.64 -26.75 2.81
C SER C 92 -32.19 -25.78 1.67
N TYR C 93 -32.36 -26.22 0.45
CA TYR C 93 -32.07 -25.40 -0.74
C TYR C 93 -32.93 -25.96 -1.86
N GLY C 94 -32.94 -25.30 -3.01
CA GLY C 94 -33.75 -25.75 -4.17
C GLY C 94 -32.90 -26.53 -5.14
N THR C 95 -32.74 -26.05 -6.35
CA THR C 95 -32.10 -26.89 -7.43
C THR C 95 -30.56 -26.84 -7.45
N TYR C 96 -29.98 -25.90 -6.72
CA TYR C 96 -28.54 -25.75 -6.71
C TYR C 96 -27.98 -25.93 -5.27
N ASN C 97 -27.06 -26.89 -5.14
CA ASN C 97 -26.23 -27.03 -3.88
C ASN C 97 -25.06 -26.05 -3.93
N PRO C 98 -25.03 -25.06 -3.02
CA PRO C 98 -23.99 -23.98 -3.09
C PRO C 98 -22.60 -24.49 -2.74
N SER C 99 -22.46 -25.69 -2.24
CA SER C 99 -21.14 -26.27 -1.97
C SER C 99 -20.55 -26.99 -3.16
N SER C 100 -21.35 -27.16 -4.20
CA SER C 100 -20.85 -27.62 -5.49
C SER C 100 -19.61 -26.83 -5.93
N GLY C 101 -18.55 -27.49 -6.20
CA GLY C 101 -17.34 -26.73 -6.55
C GLY C 101 -16.48 -26.23 -5.40
N LEU C 102 -16.81 -26.57 -4.15
CA LEU C 102 -16.04 -26.16 -3.00
C LEU C 102 -15.41 -27.42 -2.36
N THR C 103 -14.35 -27.27 -1.61
CA THR C 103 -13.67 -28.46 -1.14
C THR C 103 -14.21 -28.74 0.26
N LEU C 104 -14.57 -30.00 0.46
CA LEU C 104 -15.09 -30.51 1.72
C LEU C 104 -14.04 -30.49 2.83
N LEU C 105 -14.35 -29.84 3.93
CA LEU C 105 -13.39 -29.62 5.04
C LEU C 105 -13.58 -30.58 6.19
N GLY C 106 -14.76 -31.19 6.23
CA GLY C 106 -15.18 -32.06 7.35
C GLY C 106 -16.67 -32.00 7.66
N GLN C 107 -17.06 -32.53 8.82
CA GLN C 107 -18.46 -32.63 9.22
C GLN C 107 -18.65 -32.12 10.63
N VAL C 108 -19.89 -31.73 10.91
CA VAL C 108 -20.35 -31.52 12.27
C VAL C 108 -21.70 -32.24 12.41
N THR C 109 -21.90 -32.90 13.56
CA THR C 109 -23.23 -33.45 13.81
C THR C 109 -23.90 -32.59 14.88
N SER C 110 -25.10 -32.14 14.62
CA SER C 110 -25.80 -31.28 15.57
C SER C 110 -27.30 -31.38 15.33
N ASP C 111 -28.07 -31.39 16.43
CA ASP C 111 -29.54 -31.32 16.39
C ASP C 111 -30.10 -32.45 15.55
N GLY C 112 -29.56 -33.64 15.74
CA GLY C 112 -30.09 -34.77 15.05
C GLY C 112 -29.64 -34.81 13.59
N GLY C 113 -28.86 -33.83 13.11
CA GLY C 113 -28.35 -33.90 11.76
C GLY C 113 -26.84 -33.89 11.56
N THR C 114 -26.47 -34.14 10.33
CA THR C 114 -25.10 -34.13 9.90
C THR C 114 -24.90 -33.06 8.84
N TYR C 115 -23.85 -32.26 9.00
CA TYR C 115 -23.62 -31.16 8.10
C TYR C 115 -22.18 -31.20 7.59
N ASP C 116 -22.03 -30.96 6.30
CA ASP C 116 -20.71 -30.89 5.65
C ASP C 116 -20.24 -29.47 5.61
N ILE C 117 -18.95 -29.30 5.86
CA ILE C 117 -18.39 -27.97 6.15
C ILE C 117 -17.53 -27.54 5.02
N TYR C 118 -17.70 -26.29 4.58
CA TYR C 118 -16.91 -25.75 3.42
C TYR C 118 -16.61 -24.30 3.65
N SER C 119 -15.64 -23.78 2.90
CA SER C 119 -15.30 -22.39 3.01
C SER C 119 -14.92 -21.91 1.63
N THR C 120 -15.12 -20.63 1.37
CA THR C 120 -14.67 -20.01 0.15
C THR C 120 -14.44 -18.49 0.35
N GLN C 121 -13.61 -17.86 -0.46
CA GLN C 121 -13.45 -16.43 -0.32
C GLN C 121 -14.30 -15.73 -1.40
N ARG C 122 -15.02 -14.70 -0.98
CA ARG C 122 -15.79 -13.84 -1.90
C ARG C 122 -15.02 -12.56 -2.14
N VAL C 123 -14.87 -12.17 -3.39
CA VAL C 123 -14.02 -11.07 -3.71
C VAL C 123 -14.84 -9.91 -4.24
N ASP C 124 -14.71 -8.75 -3.58
CA ASP C 124 -15.35 -7.49 -4.02
C ASP C 124 -16.84 -7.70 -4.22
N GLN C 125 -17.49 -8.32 -3.25
CA GLN C 125 -18.91 -8.63 -3.37
C GLN C 125 -19.66 -7.76 -2.39
N PRO C 126 -20.95 -7.48 -2.64
CA PRO C 126 -21.81 -6.76 -1.68
C PRO C 126 -21.77 -7.41 -0.30
N SER C 127 -21.73 -6.60 0.76
CA SER C 127 -21.59 -7.12 2.12
C SER C 127 -22.14 -6.12 3.12
N ILE C 128 -22.06 -6.46 4.41
CA ILE C 128 -22.45 -5.52 5.42
C ILE C 128 -21.43 -4.41 5.57
N GLU C 129 -20.23 -4.57 4.97
CA GLU C 129 -19.24 -3.47 4.94
C GLU C 129 -18.96 -3.16 3.52
N GLY C 130 -19.98 -2.72 2.84
CA GLY C 130 -19.83 -2.25 1.49
C GLY C 130 -19.46 -3.40 0.62
N THR C 131 -18.68 -3.07 -0.39
CA THR C 131 -18.24 -4.02 -1.32
C THR C 131 -16.91 -4.46 -0.79
N SER C 132 -16.80 -5.68 -0.26
CA SER C 132 -15.56 -6.10 0.34
C SER C 132 -15.28 -7.52 -0.05
N THR C 133 -14.10 -7.94 0.37
CA THR C 133 -13.64 -9.31 0.28
C THR C 133 -13.75 -9.98 1.65
N PHE C 134 -14.26 -11.21 1.68
CA PHE C 134 -14.56 -11.93 2.92
C PHE C 134 -14.61 -13.41 2.69
N ASN C 135 -14.40 -14.13 3.77
CA ASN C 135 -14.60 -15.55 3.81
C ASN C 135 -16.09 -15.83 4.05
N GLN C 136 -16.54 -16.91 3.40
CA GLN C 136 -17.89 -17.39 3.47
C GLN C 136 -17.84 -18.85 3.92
N TYR C 137 -18.49 -19.16 5.04
CA TYR C 137 -18.49 -20.50 5.55
C TYR C 137 -19.87 -21.13 5.48
N TRP C 138 -19.86 -22.46 5.29
CA TRP C 138 -21.03 -23.26 5.03
C TRP C 138 -21.01 -24.51 5.87
N SER C 139 -22.12 -24.70 6.61
CA SER C 139 -22.54 -26.02 7.05
C SER C 139 -23.72 -26.41 6.20
N VAL C 140 -23.57 -27.47 5.40
CA VAL C 140 -24.65 -27.97 4.55
C VAL C 140 -25.24 -29.26 5.15
N ARG C 141 -26.50 -29.24 5.59
CA ARG C 141 -27.13 -30.47 6.06
C ARG C 141 -27.15 -31.50 4.96
N THR C 142 -26.73 -32.73 5.29
CA THR C 142 -26.63 -33.82 4.32
C THR C 142 -28.02 -34.23 3.80
N GLU C 143 -29.08 -33.91 4.54
CA GLU C 143 -30.44 -34.08 4.04
C GLU C 143 -31.21 -32.83 4.34
N LYS C 144 -32.01 -32.38 3.40
CA LYS C 144 -32.75 -31.12 3.55
C LYS C 144 -33.77 -31.30 4.65
N ARG C 145 -33.99 -30.24 5.42
CA ARG C 145 -35.15 -30.19 6.31
C ARG C 145 -35.65 -28.74 6.44
N VAL C 146 -36.93 -28.58 6.80
CA VAL C 146 -37.55 -27.28 6.97
C VAL C 146 -38.25 -27.32 8.31
N GLY C 147 -37.53 -26.93 9.33
CA GLY C 147 -38.07 -26.81 10.67
C GLY C 147 -37.23 -27.61 11.62
N GLY C 148 -36.97 -27.05 12.79
CA GLY C 148 -36.21 -27.75 13.82
C GLY C 148 -35.43 -26.77 14.64
N THR C 149 -34.46 -27.33 15.37
CA THR C 149 -33.57 -26.56 16.21
C THR C 149 -32.14 -26.56 15.62
N VAL C 150 -31.51 -25.37 15.64
CA VAL C 150 -30.13 -25.31 15.20
C VAL C 150 -29.29 -24.70 16.33
N THR C 151 -28.44 -25.53 16.93
CA THR C 151 -27.50 -25.12 17.92
C THR C 151 -26.27 -24.49 17.29
N THR C 152 -26.33 -23.20 17.05
CA THR C 152 -25.32 -22.56 16.23
C THR C 152 -23.92 -22.70 16.80
N ALA C 153 -23.82 -22.67 18.14
CA ALA C 153 -22.56 -22.80 18.83
C ALA C 153 -21.92 -24.12 18.44
N ASN C 154 -22.69 -25.18 18.21
CA ASN C 154 -22.04 -26.40 17.67
C ASN C 154 -21.37 -26.18 16.37
N HIS C 155 -21.97 -25.36 15.50
CA HIS C 155 -21.39 -25.12 14.18
C HIS C 155 -20.18 -24.29 14.27
N PHE C 156 -20.30 -23.25 15.08
CA PHE C 156 -19.19 -22.34 15.19
C PHE C 156 -17.99 -23.08 15.80
N ALA C 157 -18.21 -23.93 16.81
CA ALA C 157 -17.07 -24.61 17.46
C ALA C 157 -16.39 -25.49 16.37
N ALA C 158 -17.17 -26.13 15.51
CA ALA C 158 -16.59 -27.01 14.53
C ALA C 158 -15.86 -26.25 13.43
N TRP C 159 -16.39 -25.11 13.03
CA TRP C 159 -15.69 -24.20 12.10
C TRP C 159 -14.29 -23.79 12.59
N LYS C 160 -14.25 -23.38 13.87
CA LYS C 160 -13.07 -22.79 14.45
C LYS C 160 -12.06 -23.93 14.56
N ALA C 161 -12.48 -25.10 15.02
CA ALA C 161 -11.61 -26.32 15.04
C ALA C 161 -11.01 -26.71 13.71
N LEU C 162 -11.53 -26.18 12.63
CA LEU C 162 -10.96 -26.46 11.33
C LEU C 162 -10.16 -25.30 10.83
N GLY C 163 -10.03 -24.30 11.71
CA GLY C 163 -9.26 -23.12 11.42
C GLY C 163 -9.94 -22.03 10.62
N LEU C 164 -11.25 -22.07 10.60
CA LEU C 164 -12.10 -21.02 10.00
C LEU C 164 -12.36 -19.97 11.10
N GLU C 165 -11.76 -18.79 10.96
CA GLU C 165 -11.78 -17.83 12.03
C GLU C 165 -13.09 -17.08 12.06
N MET C 166 -13.61 -16.86 13.27
CA MET C 166 -14.77 -15.95 13.49
C MET C 166 -14.44 -14.66 14.27
N GLY C 167 -15.02 -13.55 13.84
CA GLY C 167 -14.90 -12.27 14.57
C GLY C 167 -16.08 -11.97 15.48
N THR C 168 -16.41 -10.71 15.61
CA THR C 168 -17.53 -10.23 16.41
C THR C 168 -18.86 -10.47 15.71
N TYR C 169 -19.84 -10.97 16.44
CA TYR C 169 -21.10 -11.36 15.84
C TYR C 169 -21.80 -10.09 15.47
N ASN C 170 -22.12 -9.98 14.18
CA ASN C 170 -23.08 -8.98 13.74
C ASN C 170 -24.49 -9.63 13.76
N TYR C 171 -25.37 -9.34 12.82
CA TYR C 171 -26.68 -9.94 12.89
C TYR C 171 -26.68 -11.43 12.62
N MET C 172 -27.70 -12.12 13.11
CA MET C 172 -27.93 -13.50 12.70
C MET C 172 -29.44 -13.69 12.57
N ILE C 173 -29.86 -14.32 11.47
CA ILE C 173 -31.22 -14.55 11.13
C ILE C 173 -31.45 -15.92 10.58
N VAL C 174 -32.74 -16.34 10.51
CA VAL C 174 -33.05 -17.51 9.72
C VAL C 174 -33.43 -16.91 8.37
N SER C 175 -32.51 -17.00 7.42
CA SER C 175 -32.63 -16.35 6.11
C SER C 175 -33.15 -17.23 4.99
N THR C 176 -34.09 -16.66 4.23
CA THR C 176 -34.41 -17.15 2.90
C THR C 176 -33.62 -16.28 1.97
N GLU C 177 -32.83 -16.94 1.10
CA GLU C 177 -32.09 -16.27 0.04
C GLU C 177 -32.39 -16.84 -1.35
N GLY C 178 -32.58 -15.97 -2.34
CA GLY C 178 -32.72 -16.45 -3.73
C GLY C 178 -31.71 -15.87 -4.71
N TYR C 179 -31.43 -16.61 -5.77
CA TYR C 179 -30.56 -16.09 -6.79
C TYR C 179 -31.04 -16.48 -8.18
N GLU C 180 -31.62 -15.49 -8.87
CA GLU C 180 -32.21 -15.74 -10.22
C GLU C 180 -33.21 -16.90 -10.20
N SER C 181 -34.19 -16.75 -9.31
CA SER C 181 -35.17 -17.80 -9.14
C SER C 181 -36.53 -17.19 -8.82
N SER C 182 -37.50 -18.05 -8.54
CA SER C 182 -38.80 -17.61 -8.06
C SER C 182 -39.14 -18.45 -6.87
N GLY C 183 -40.11 -18.03 -6.08
CA GLY C 183 -40.70 -18.95 -5.16
C GLY C 183 -41.37 -18.21 -4.01
N SER C 184 -41.62 -18.95 -2.94
CA SER C 184 -42.13 -18.34 -1.71
C SER C 184 -41.66 -19.07 -0.47
N SER C 185 -41.69 -18.42 0.68
CA SER C 185 -41.24 -19.00 1.90
C SER C 185 -41.69 -18.19 3.13
N THR C 186 -42.08 -18.94 4.14
CA THR C 186 -42.48 -18.42 5.46
C THR C 186 -41.82 -19.17 6.58
N ILE C 187 -41.38 -18.42 7.57
CA ILE C 187 -40.58 -18.97 8.63
C ILE C 187 -40.87 -18.20 9.90
N THR C 188 -40.99 -18.95 10.97
CA THR C 188 -41.25 -18.37 12.29
C THR C 188 -40.07 -18.75 13.16
N VAL C 189 -39.35 -17.71 13.57
CA VAL C 189 -38.15 -17.82 14.35
C VAL C 189 -38.41 -17.70 15.86
N SER C 190 -37.78 -18.53 16.66
CA SER C 190 -37.65 -18.25 18.09
C SER C 190 -36.25 -18.66 18.68
N CYS D 2 11.82 -37.87 4.39
CA CYS D 2 12.35 -36.52 4.32
C CYS D 2 11.38 -35.84 3.40
N ILE D 3 11.52 -34.53 3.21
CA ILE D 3 10.62 -33.79 2.35
C ILE D 3 11.37 -32.91 1.32
N THR D 4 10.84 -32.86 0.10
CA THR D 4 11.37 -32.06 -0.95
C THR D 4 10.35 -31.08 -1.63
N THR D 5 9.13 -31.05 -1.12
CA THR D 5 8.11 -30.18 -1.65
C THR D 5 7.51 -29.36 -0.50
N SER D 6 7.05 -28.15 -0.82
CA SER D 6 6.56 -27.22 0.20
C SER D 6 5.50 -27.92 0.99
N GLN D 7 5.52 -27.79 2.33
CA GLN D 7 4.68 -28.56 3.25
C GLN D 7 4.79 -27.94 4.64
N THR D 8 3.76 -28.11 5.48
CA THR D 8 3.83 -27.76 6.92
C THR D 8 3.13 -28.79 7.73
N GLY D 9 3.31 -28.77 9.04
CA GLY D 9 2.72 -29.78 9.86
C GLY D 9 3.17 -29.62 11.29
N THR D 10 2.85 -30.61 12.08
CA THR D 10 3.47 -30.71 13.38
C THR D 10 4.18 -32.06 13.54
N HIS D 11 5.25 -32.06 14.33
CA HIS D 11 6.15 -33.26 14.50
C HIS D 11 6.77 -33.19 15.87
N ASN D 12 6.48 -34.19 16.69
CA ASN D 12 7.01 -34.24 18.06
C ASN D 12 6.70 -32.97 18.84
N GLY D 13 5.58 -32.35 18.53
CA GLY D 13 5.13 -31.24 19.26
C GLY D 13 5.60 -29.90 18.73
N TYR D 14 6.43 -29.89 17.72
CA TYR D 14 6.82 -28.66 17.06
C TYR D 14 6.15 -28.47 15.73
N TYR D 15 5.81 -27.23 15.45
CA TYR D 15 5.38 -26.86 14.12
C TYR D 15 6.62 -26.98 13.24
N TYR D 16 6.46 -27.41 12.00
CA TYR D 16 7.47 -27.33 11.03
C TYR D 16 6.93 -26.77 9.73
N SER D 17 7.82 -26.09 9.01
CA SER D 17 7.50 -25.48 7.76
C SER D 17 8.61 -25.71 6.82
N PHE D 18 8.25 -26.06 5.60
CA PHE D 18 9.20 -26.11 4.51
C PHE D 18 8.56 -25.48 3.32
N TRP D 19 9.27 -24.53 2.74
CA TRP D 19 8.91 -23.92 1.45
C TRP D 19 10.09 -23.77 0.52
N THR D 20 9.88 -24.12 -0.75
CA THR D 20 10.82 -23.93 -1.82
C THR D 20 10.15 -23.29 -3.05
N ASN D 21 10.90 -22.49 -3.81
CA ASN D 21 10.45 -22.02 -5.10
C ASN D 21 10.61 -23.10 -6.15
N GLY D 22 11.04 -24.30 -5.71
CA GLY D 22 11.24 -25.44 -6.60
C GLY D 22 12.64 -25.54 -7.17
N GLY D 23 13.55 -24.64 -6.78
CA GLY D 23 14.89 -24.64 -7.35
C GLY D 23 15.83 -25.73 -6.84
N GLY D 24 16.62 -26.27 -7.74
CA GLY D 24 17.71 -27.20 -7.37
C GLY D 24 17.17 -28.38 -6.60
N GLU D 25 17.88 -28.84 -5.58
CA GLU D 25 17.50 -30.02 -4.81
C GLU D 25 17.68 -29.58 -3.43
N VAL D 26 16.59 -29.65 -2.68
CA VAL D 26 16.48 -29.23 -1.29
C VAL D 26 15.72 -30.29 -0.50
N THR D 27 16.35 -30.89 0.50
CA THR D 27 15.65 -31.92 1.30
C THR D 27 15.68 -31.68 2.78
N MET D 28 14.50 -31.64 3.40
CA MET D 28 14.37 -31.38 4.81
C MET D 28 14.03 -32.69 5.46
N CYS D 29 14.69 -32.98 6.55
CA CYS D 29 14.45 -34.23 7.26
C CYS D 29 14.15 -33.87 8.69
N LEU D 30 13.12 -34.49 9.24
CA LEU D 30 12.68 -34.16 10.60
C LEU D 30 13.24 -35.15 11.64
N GLY D 31 13.59 -34.70 12.84
CA GLY D 31 14.22 -35.59 13.82
C GLY D 31 13.54 -35.53 15.16
N PRO D 32 14.08 -36.25 16.17
CA PRO D 32 13.54 -36.17 17.54
C PRO D 32 13.41 -34.77 18.12
N GLY D 33 12.37 -34.55 18.93
CA GLY D 33 12.20 -33.30 19.59
C GLY D 33 12.07 -32.21 18.56
N GLY D 34 12.74 -31.09 18.81
CA GLY D 34 12.72 -29.96 17.89
C GLY D 34 13.82 -29.98 16.81
N GLU D 35 14.34 -31.16 16.50
CA GLU D 35 15.40 -31.28 15.50
C GLU D 35 14.82 -31.30 14.08
N TYR D 36 15.49 -30.52 13.20
CA TYR D 36 15.38 -30.68 11.76
C TYR D 36 16.74 -30.51 11.09
N SER D 37 16.83 -30.93 9.83
CA SER D 37 17.99 -30.73 9.04
C SER D 37 17.55 -30.43 7.65
N VAL D 38 18.39 -29.72 6.92
CA VAL D 38 18.13 -29.45 5.56
C VAL D 38 19.42 -29.46 4.78
N THR D 39 19.38 -30.08 3.61
CA THR D 39 20.52 -30.13 2.76
C THR D 39 20.15 -29.74 1.30
N TRP D 40 20.98 -28.88 0.74
CA TRP D 40 20.67 -28.28 -0.57
C TRP D 40 21.86 -28.21 -1.54
N VAL D 41 21.55 -28.38 -2.82
CA VAL D 41 22.49 -28.19 -3.85
C VAL D 41 21.82 -27.30 -4.93
N ASN D 42 22.48 -26.16 -5.18
CA ASN D 42 22.10 -25.17 -6.20
C ASN D 42 20.62 -24.85 -6.06
N CYS D 43 20.22 -24.47 -4.86
CA CYS D 43 18.85 -24.16 -4.63
C CYS D 43 18.48 -22.92 -5.41
N GLY D 44 17.18 -22.65 -5.46
CA GLY D 44 16.72 -21.35 -5.87
C GLY D 44 16.54 -20.53 -4.59
N ASP D 45 15.40 -20.70 -3.96
CA ASP D 45 15.10 -20.04 -2.73
C ASP D 45 14.28 -21.03 -1.94
N PHE D 46 14.65 -21.16 -0.67
CA PHE D 46 13.88 -22.00 0.26
C PHE D 46 13.98 -21.53 1.72
N THR D 47 12.95 -21.88 2.51
CA THR D 47 12.99 -21.72 3.95
C THR D 47 12.62 -23.01 4.62
N SER D 48 13.17 -23.20 5.82
CA SER D 48 12.96 -24.47 6.47
C SER D 48 13.26 -24.43 7.97
N GLY D 49 12.33 -24.95 8.78
CA GLY D 49 12.59 -25.09 10.20
C GLY D 49 11.42 -25.59 11.05
N LYS D 50 11.69 -25.56 12.33
CA LYS D 50 10.79 -26.00 13.40
C LYS D 50 10.59 -24.89 14.42
N GLY D 51 9.40 -24.84 14.97
CA GLY D 51 9.02 -23.78 15.88
C GLY D 51 7.61 -23.90 16.38
N TRP D 52 6.82 -22.82 16.20
CA TRP D 52 5.52 -22.66 16.85
C TRP D 52 4.57 -22.06 15.85
N ASN D 53 3.31 -22.53 15.85
CA ASN D 53 2.29 -21.91 15.02
C ASN D 53 0.90 -22.17 15.58
N PRO D 54 0.16 -21.08 15.90
CA PRO D 54 0.56 -19.70 15.97
C PRO D 54 1.56 -19.44 17.08
N ALA D 55 2.57 -18.62 16.81
CA ALA D 55 3.59 -18.37 17.76
C ALA D 55 3.14 -17.33 18.79
N ASN D 56 3.98 -17.09 19.78
CA ASN D 56 3.69 -16.08 20.78
C ASN D 56 4.95 -15.57 21.50
N ALA D 57 5.85 -15.05 20.71
CA ALA D 57 7.10 -14.43 21.26
C ALA D 57 7.93 -15.35 22.17
N GLN D 58 8.05 -16.62 21.82
CA GLN D 58 8.78 -17.60 22.60
C GLN D 58 10.23 -17.16 22.84
N THR D 59 10.81 -17.59 23.93
CA THR D 59 12.25 -17.47 24.18
C THR D 59 12.77 -18.74 23.59
N VAL D 60 13.48 -18.63 22.48
CA VAL D 60 13.96 -19.78 21.75
C VAL D 60 15.33 -20.17 22.20
N THR D 61 15.53 -21.47 22.38
CA THR D 61 16.88 -22.02 22.53
C THR D 61 17.15 -22.97 21.34
N TYR D 62 18.38 -22.98 20.84
CA TYR D 62 18.68 -23.81 19.68
C TYR D 62 20.17 -24.17 19.70
N SER D 63 20.51 -25.31 19.08
CA SER D 63 21.89 -25.71 18.92
C SER D 63 21.98 -26.51 17.64
N GLY D 64 23.20 -26.67 17.17
CA GLY D 64 23.49 -27.39 15.94
C GLY D 64 24.61 -26.78 15.13
N GLU D 65 24.48 -26.94 13.80
CA GLU D 65 25.54 -26.75 12.81
C GLU D 65 24.95 -26.10 11.57
N PHE D 66 25.59 -25.07 11.07
CA PHE D 66 25.09 -24.35 9.88
C PHE D 66 26.25 -24.22 8.93
N ASN D 67 26.13 -24.87 7.77
CA ASN D 67 27.20 -25.06 6.75
C ASN D 67 26.87 -24.58 5.35
N PRO D 68 26.72 -23.28 5.19
CA PRO D 68 26.38 -22.75 3.89
C PRO D 68 27.60 -22.73 2.99
N ASN D 69 27.39 -23.05 1.74
CA ASN D 69 28.38 -22.75 0.78
C ASN D 69 28.10 -21.29 0.36
N GLY D 70 27.36 -20.95 -0.66
CA GLY D 70 27.16 -19.43 -0.78
C GLY D 70 26.20 -18.66 0.16
N ASN D 71 25.14 -18.08 -0.42
CA ASN D 71 24.11 -17.33 0.26
C ASN D 71 23.11 -18.19 1.01
N ALA D 72 23.10 -18.02 2.33
CA ALA D 72 22.08 -18.63 3.19
C ALA D 72 22.00 -17.91 4.53
N TYR D 73 20.88 -18.10 5.20
CA TYR D 73 20.58 -17.42 6.45
C TYR D 73 20.25 -18.45 7.52
N LEU D 74 20.65 -18.16 8.78
CA LEU D 74 20.13 -18.92 9.97
C LEU D 74 19.49 -17.86 10.89
N ALA D 75 18.17 -17.94 11.04
CA ALA D 75 17.41 -16.90 11.71
C ALA D 75 16.23 -17.43 12.50
N VAL D 76 15.86 -16.76 13.59
CA VAL D 76 14.51 -17.00 14.13
C VAL D 76 13.70 -16.16 13.21
N TYR D 77 12.72 -16.73 12.53
CA TYR D 77 12.10 -16.19 11.32
C TYR D 77 10.62 -16.39 11.47
N GLY D 78 9.80 -15.42 11.13
CA GLY D 78 8.35 -15.69 11.23
C GLY D 78 7.53 -14.65 10.58
N TRP D 79 6.23 -14.72 10.79
CA TRP D 79 5.32 -13.78 10.12
C TRP D 79 4.31 -13.20 11.09
N THR D 80 3.82 -12.01 10.75
CA THR D 80 2.55 -11.53 11.32
C THR D 80 1.58 -11.20 10.18
N THR D 81 0.30 -11.14 10.54
CA THR D 81 -0.77 -10.77 9.64
C THR D 81 -1.56 -9.61 10.26
N ASP D 82 -2.08 -8.77 9.37
CA ASP D 82 -2.82 -7.58 9.81
C ASP D 82 -2.02 -6.66 10.76
N PRO D 83 -0.91 -6.10 10.30
CA PRO D 83 -0.29 -6.16 8.99
C PRO D 83 0.52 -7.42 8.71
N LEU D 84 0.71 -7.69 7.45
CA LEU D 84 1.57 -8.72 6.96
C LEU D 84 2.97 -8.25 7.08
N VAL D 85 3.74 -8.95 7.92
CA VAL D 85 5.13 -8.66 8.12
C VAL D 85 5.95 -9.93 8.07
N GLU D 86 7.15 -9.85 7.49
CA GLU D 86 8.08 -11.00 7.48
C GLU D 86 9.27 -10.48 8.30
N TYR D 87 9.69 -11.24 9.32
CA TYR D 87 10.73 -10.81 10.18
C TYR D 87 11.79 -11.85 10.39
N TYR D 88 12.99 -11.35 10.64
CA TYR D 88 14.20 -12.15 10.84
C TYR D 88 15.04 -11.68 12.06
N ILE D 89 15.38 -12.60 12.94
CA ILE D 89 16.45 -12.38 13.90
C ILE D 89 17.63 -13.24 13.45
N LEU D 90 18.57 -12.62 12.75
CA LEU D 90 19.56 -13.34 11.96
C LEU D 90 20.80 -13.68 12.80
N GLU D 91 21.01 -14.94 13.03
CA GLU D 91 22.08 -15.37 13.94
C GLU D 91 23.36 -15.60 13.17
N SER D 92 23.21 -16.20 12.00
CA SER D 92 24.34 -16.35 11.09
C SER D 92 23.85 -16.26 9.63
N TYR D 93 24.81 -16.05 8.71
CA TYR D 93 24.58 -16.01 7.26
C TYR D 93 25.91 -16.40 6.60
N GLY D 94 25.85 -16.70 5.31
CA GLY D 94 27.04 -17.08 4.52
C GLY D 94 27.62 -15.82 3.85
N THR D 95 27.57 -15.79 2.52
CA THR D 95 28.40 -14.88 1.76
C THR D 95 27.71 -13.53 1.61
N TYR D 96 26.38 -13.50 1.79
CA TYR D 96 25.57 -12.29 1.59
C TYR D 96 24.94 -11.73 2.87
N ASN D 97 25.20 -10.45 3.14
CA ASN D 97 24.63 -9.80 4.30
C ASN D 97 23.39 -9.02 3.82
N PRO D 98 22.22 -9.40 4.34
CA PRO D 98 21.02 -8.84 3.78
C PRO D 98 20.78 -7.43 4.26
N SER D 99 21.57 -6.92 5.16
CA SER D 99 21.41 -5.57 5.56
C SER D 99 22.25 -4.60 4.75
N SER D 100 23.08 -5.10 3.83
CA SER D 100 23.94 -4.22 3.00
C SER D 100 23.06 -3.17 2.45
N GLY D 101 23.36 -1.91 2.72
CA GLY D 101 22.64 -0.83 2.07
C GLY D 101 21.23 -0.59 2.57
N LEU D 102 20.89 -1.07 3.76
CA LEU D 102 19.66 -0.66 4.40
C LEU D 102 20.01 0.44 5.42
N THR D 103 19.07 1.28 5.73
CA THR D 103 19.21 2.26 6.77
C THR D 103 19.16 1.64 8.16
N LEU D 104 20.22 1.83 8.92
CA LEU D 104 20.33 1.39 10.27
C LEU D 104 19.35 2.14 11.17
N LEU D 105 18.45 1.40 11.76
CA LEU D 105 17.39 1.96 12.60
C LEU D 105 17.79 2.12 14.04
N GLY D 106 18.77 1.35 14.47
CA GLY D 106 19.11 1.24 15.89
C GLY D 106 19.72 -0.12 16.14
N GLN D 107 20.07 -0.37 17.38
CA GLN D 107 20.55 -1.70 17.82
C GLN D 107 19.70 -2.24 18.97
N VAL D 108 19.81 -3.53 19.27
CA VAL D 108 19.26 -4.08 20.50
C VAL D 108 20.30 -5.07 20.99
N THR D 109 20.51 -5.10 22.29
CA THR D 109 21.36 -6.13 22.78
C THR D 109 20.49 -7.15 23.51
N SER D 110 20.70 -8.42 23.18
CA SER D 110 19.89 -9.48 23.80
C SER D 110 20.66 -10.73 23.83
N ASP D 111 20.52 -11.49 24.90
CA ASP D 111 21.13 -12.80 25.07
C ASP D 111 22.62 -12.76 24.79
N GLY D 112 23.25 -11.69 25.28
CA GLY D 112 24.69 -11.56 25.17
C GLY D 112 25.19 -11.11 23.83
N GLY D 113 24.32 -10.71 22.94
CA GLY D 113 24.71 -10.29 21.61
C GLY D 113 24.15 -8.91 21.30
N THR D 114 24.73 -8.25 20.30
CA THR D 114 24.18 -6.98 19.80
C THR D 114 23.68 -7.19 18.37
N TYR D 115 22.47 -6.72 18.10
CA TYR D 115 21.90 -6.79 16.76
C TYR D 115 21.62 -5.39 16.16
N ASP D 116 21.96 -5.22 14.90
CA ASP D 116 21.53 -4.02 14.18
C ASP D 116 20.09 -4.20 13.62
N ILE D 117 19.26 -3.17 13.60
CA ILE D 117 17.87 -3.29 13.26
C ILE D 117 17.57 -2.55 11.98
N TYR D 118 16.92 -3.24 11.05
CA TYR D 118 16.55 -2.63 9.73
C TYR D 118 15.12 -3.02 9.33
N SER D 119 14.55 -2.24 8.43
CA SER D 119 13.27 -2.51 7.87
C SER D 119 13.33 -2.28 6.37
N THR D 120 12.71 -3.15 5.56
CA THR D 120 12.66 -2.91 4.13
C THR D 120 11.37 -3.46 3.52
N GLN D 121 11.01 -2.95 2.36
CA GLN D 121 9.74 -3.31 1.78
C GLN D 121 9.91 -4.40 0.72
N ARG D 122 9.06 -5.40 0.74
CA ARG D 122 9.10 -6.42 -0.31
C ARG D 122 7.90 -6.20 -1.23
N VAL D 123 8.15 -6.10 -2.52
CA VAL D 123 7.13 -5.72 -3.51
C VAL D 123 6.88 -6.93 -4.41
N ASP D 124 5.61 -7.38 -4.48
CA ASP D 124 5.17 -8.55 -5.28
C ASP D 124 6.04 -9.82 -5.08
N GLN D 125 6.27 -10.18 -3.80
CA GLN D 125 7.06 -11.36 -3.44
C GLN D 125 6.21 -12.45 -2.78
N PRO D 126 6.67 -13.72 -2.84
CA PRO D 126 5.96 -14.82 -2.22
C PRO D 126 5.81 -14.55 -0.74
N SER D 127 4.67 -14.94 -0.19
CA SER D 127 4.35 -14.70 1.17
C SER D 127 3.44 -15.82 1.62
N ILE D 128 3.17 -15.89 2.94
CA ILE D 128 2.10 -16.74 3.46
C ILE D 128 0.73 -16.34 2.90
N GLU D 129 0.57 -15.15 2.31
CA GLU D 129 -0.73 -14.77 1.72
C GLU D 129 -0.66 -14.75 0.19
N GLY D 130 0.32 -15.44 -0.38
CA GLY D 130 0.53 -15.44 -1.82
C GLY D 130 1.37 -14.25 -2.24
N THR D 131 1.47 -14.03 -3.54
CA THR D 131 2.27 -12.94 -4.00
C THR D 131 1.73 -11.66 -3.42
N SER D 132 2.51 -10.94 -2.59
CA SER D 132 2.03 -9.70 -1.93
C SER D 132 3.18 -8.76 -1.70
N THR D 133 2.85 -7.58 -1.17
CA THR D 133 3.79 -6.54 -0.79
C THR D 133 3.70 -6.27 0.73
N PHE D 134 4.83 -6.07 1.42
CA PHE D 134 4.82 -6.07 2.89
C PHE D 134 6.17 -5.62 3.43
N ASN D 135 6.21 -5.22 4.69
CA ASN D 135 7.44 -4.89 5.32
C ASN D 135 8.16 -6.16 5.79
N GLN D 136 9.48 -6.06 5.86
CA GLN D 136 10.39 -7.05 6.34
C GLN D 136 11.34 -6.42 7.37
N TYR D 137 11.33 -6.95 8.57
CA TYR D 137 12.13 -6.47 9.66
C TYR D 137 13.29 -7.41 9.91
N TRP D 138 14.42 -6.83 10.29
CA TRP D 138 15.64 -7.55 10.61
C TRP D 138 16.27 -7.13 11.91
N SER D 139 16.63 -8.08 12.80
CA SER D 139 17.72 -7.88 13.72
C SER D 139 18.91 -8.65 13.20
N VAL D 140 20.05 -8.04 12.92
CA VAL D 140 21.20 -8.76 12.35
C VAL D 140 22.30 -8.77 13.39
N ARG D 141 22.67 -9.95 13.84
CA ARG D 141 23.65 -10.02 14.90
C ARG D 141 25.02 -9.51 14.38
N THR D 142 25.68 -8.67 15.18
CA THR D 142 26.91 -8.03 14.73
C THR D 142 28.11 -8.97 14.69
N GLU D 143 27.94 -10.14 15.33
CA GLU D 143 28.82 -11.27 15.06
C GLU D 143 28.03 -12.56 14.87
N LYS D 144 28.40 -13.28 13.83
CA LYS D 144 27.78 -14.54 13.53
C LYS D 144 27.91 -15.54 14.66
N ARG D 145 26.84 -16.25 14.97
CA ARG D 145 26.92 -17.41 15.86
C ARG D 145 25.89 -18.48 15.51
N VAL D 146 26.18 -19.71 15.92
CA VAL D 146 25.24 -20.80 15.68
C VAL D 146 25.07 -21.48 17.01
N GLY D 147 24.09 -21.01 17.74
CA GLY D 147 23.63 -21.71 18.93
C GLY D 147 23.42 -20.69 20.01
N GLY D 148 22.43 -20.93 20.85
CA GLY D 148 22.23 -20.15 22.04
C GLY D 148 20.76 -19.87 22.28
N THR D 149 20.47 -18.80 23.00
CA THR D 149 19.10 -18.41 23.25
C THR D 149 18.72 -17.08 22.60
N VAL D 150 17.56 -17.02 21.95
CA VAL D 150 17.05 -15.80 21.35
C VAL D 150 15.75 -15.47 22.07
N THR D 151 15.79 -14.42 22.90
CA THR D 151 14.61 -13.92 23.60
C THR D 151 13.87 -12.99 22.67
N THR D 152 12.95 -13.57 21.91
CA THR D 152 12.42 -12.87 20.76
C THR D 152 11.61 -11.66 21.23
N ALA D 153 10.91 -11.72 22.36
CA ALA D 153 10.31 -10.50 22.99
C ALA D 153 11.23 -9.24 23.06
N ASN D 154 12.52 -9.41 23.34
CA ASN D 154 13.45 -8.26 23.37
C ASN D 154 13.51 -7.56 22.05
N HIS D 155 13.55 -8.38 21.01
CA HIS D 155 13.68 -7.92 19.69
C HIS D 155 12.39 -7.23 19.29
N PHE D 156 11.26 -7.88 19.49
CA PHE D 156 9.98 -7.32 19.10
C PHE D 156 9.70 -6.02 19.85
N ALA D 157 10.02 -6.00 21.17
CA ALA D 157 9.90 -4.73 21.92
C ALA D 157 10.80 -3.64 21.22
N ALA D 158 12.03 -3.99 20.83
CA ALA D 158 12.97 -2.97 20.26
C ALA D 158 12.47 -2.37 18.96
N TRP D 159 11.92 -3.28 18.14
CA TRP D 159 11.39 -2.95 16.83
C TRP D 159 10.16 -2.02 16.95
N LYS D 160 9.26 -2.37 17.86
CA LYS D 160 8.08 -1.56 18.19
C LYS D 160 8.46 -0.15 18.66
N ALA D 161 9.42 -0.04 19.55
CA ALA D 161 9.95 1.26 19.98
C ALA D 161 10.57 2.08 18.83
N LEU D 162 11.02 1.44 17.76
CA LEU D 162 11.50 2.18 16.61
C LEU D 162 10.39 2.51 15.60
N GLY D 163 9.13 2.27 15.96
CA GLY D 163 8.02 2.48 15.08
C GLY D 163 7.72 1.33 14.14
N LEU D 164 8.32 0.17 14.30
CA LEU D 164 7.96 -0.93 13.38
C LEU D 164 6.72 -1.68 13.92
N GLU D 165 5.60 -1.66 13.19
CA GLU D 165 4.35 -2.26 13.74
C GLU D 165 4.37 -3.78 13.51
N MET D 166 3.84 -4.54 14.44
CA MET D 166 3.70 -6.00 14.33
C MET D 166 2.21 -6.31 14.36
N GLY D 167 1.75 -7.18 13.48
CA GLY D 167 0.39 -7.67 13.57
C GLY D 167 0.23 -8.90 14.44
N THR D 168 -0.81 -9.69 14.16
CA THR D 168 -1.04 -10.95 14.89
C THR D 168 0.00 -12.01 14.47
N TYR D 169 0.50 -12.74 15.43
CA TYR D 169 1.56 -13.73 15.14
C TYR D 169 0.99 -14.86 14.35
N ASN D 170 1.67 -15.15 13.24
CA ASN D 170 1.50 -16.42 12.51
C ASN D 170 2.63 -17.34 13.04
N TYR D 171 3.38 -18.01 12.15
CA TYR D 171 4.35 -19.03 12.62
C TYR D 171 5.64 -18.35 13.00
N MET D 172 6.45 -19.05 13.79
CA MET D 172 7.81 -18.61 14.08
C MET D 172 8.68 -19.84 14.28
N ILE D 173 9.78 -19.91 13.54
CA ILE D 173 10.62 -21.10 13.44
C ILE D 173 12.08 -20.61 13.54
N VAL D 174 13.00 -21.55 13.79
CA VAL D 174 14.40 -21.29 13.56
C VAL D 174 14.63 -21.76 12.17
N SER D 175 14.70 -20.80 11.24
CA SER D 175 14.77 -21.09 9.84
C SER D 175 16.16 -21.14 9.21
N THR D 176 16.38 -22.14 8.38
CA THR D 176 17.54 -22.16 7.52
C THR D 176 17.01 -21.82 6.14
N GLU D 177 17.60 -20.80 5.53
CA GLU D 177 17.11 -20.23 4.27
C GLU D 177 18.22 -20.11 3.27
N GLY D 178 18.01 -20.60 2.05
CA GLY D 178 19.09 -20.67 1.08
C GLY D 178 18.68 -19.89 -0.15
N TYR D 179 19.65 -19.18 -0.74
CA TYR D 179 19.41 -18.50 -2.01
C TYR D 179 20.56 -18.78 -2.99
N GLU D 180 20.26 -19.50 -4.09
CA GLU D 180 21.20 -19.72 -5.17
C GLU D 180 22.53 -20.22 -4.62
N SER D 181 22.44 -21.28 -3.82
CA SER D 181 23.63 -21.77 -3.14
C SER D 181 23.46 -23.24 -2.80
N SER D 182 24.42 -23.77 -2.03
CA SER D 182 24.47 -25.17 -1.61
C SER D 182 24.90 -25.18 -0.17
N GLY D 183 24.65 -26.31 0.50
CA GLY D 183 25.06 -26.50 1.87
C GLY D 183 24.18 -27.48 2.66
N SER D 184 24.41 -27.51 3.98
CA SER D 184 23.61 -28.24 4.94
C SER D 184 23.49 -27.48 6.28
N SER D 185 22.48 -27.87 7.04
CA SER D 185 22.22 -27.28 8.29
C SER D 185 21.46 -28.25 9.16
N THR D 186 21.76 -28.31 10.45
CA THR D 186 21.00 -29.14 11.36
C THR D 186 20.83 -28.38 12.61
N ILE D 187 19.60 -28.34 13.14
CA ILE D 187 19.21 -27.46 14.22
C ILE D 187 18.19 -28.13 15.14
N THR D 188 18.45 -28.07 16.43
CA THR D 188 17.54 -28.62 17.41
C THR D 188 17.03 -27.40 18.18
N VAL D 189 15.71 -27.24 18.10
CA VAL D 189 15.00 -26.12 18.65
C VAL D 189 14.36 -26.60 19.93
N SER D 190 14.23 -25.69 20.89
CA SER D 190 13.40 -25.91 22.07
C SER D 190 12.98 -24.58 22.70
N CYS E 2 1.73 15.43 14.80
CA CYS E 2 1.71 16.71 15.55
C CYS E 2 2.85 16.69 16.54
N ILE E 3 3.22 17.87 17.04
CA ILE E 3 4.37 17.99 17.93
C ILE E 3 4.07 18.87 19.12
N THR E 4 4.60 18.54 20.29
CA THR E 4 4.29 19.25 21.55
C THR E 4 5.54 19.67 22.29
N THR E 5 6.70 19.41 21.70
CA THR E 5 7.98 19.76 22.30
C THR E 5 8.65 20.66 21.28
N SER E 6 9.42 21.64 21.76
CA SER E 6 10.21 22.57 20.95
C SER E 6 10.93 21.82 19.84
N GLN E 7 10.82 22.35 18.61
CA GLN E 7 11.37 21.63 17.43
C GLN E 7 11.55 22.55 16.20
N THR E 8 12.62 22.32 15.42
CA THR E 8 12.76 23.08 14.14
C THR E 8 13.05 22.06 13.08
N GLY E 9 12.67 22.38 11.85
CA GLY E 9 13.04 21.61 10.67
C GLY E 9 12.48 22.14 9.40
N THR E 10 12.28 21.29 8.40
CA THR E 10 11.69 21.70 7.17
C THR E 10 10.61 20.70 6.89
N HIS E 11 9.55 21.21 6.32
CA HIS E 11 8.39 20.45 5.95
C HIS E 11 7.83 21.00 4.63
N ASN E 12 7.85 20.18 3.57
CA ASN E 12 7.36 20.59 2.25
C ASN E 12 8.05 21.80 1.68
N GLY E 13 9.33 21.91 1.96
CA GLY E 13 10.09 23.03 1.50
C GLY E 13 10.11 24.16 2.50
N TYR E 14 9.25 24.18 3.50
CA TYR E 14 9.17 25.34 4.37
C TYR E 14 9.88 25.08 5.68
N TYR E 15 10.70 26.03 6.10
CA TYR E 15 11.21 25.98 7.46
C TYR E 15 10.05 26.04 8.43
N TYR E 16 10.15 25.29 9.51
CA TYR E 16 9.27 25.51 10.57
C TYR E 16 9.99 25.66 11.89
N SER E 17 9.44 26.55 12.73
CA SER E 17 9.90 26.60 14.09
C SER E 17 8.80 26.43 15.06
N PHE E 18 9.07 25.68 16.12
CA PHE E 18 8.16 25.56 17.25
C PHE E 18 8.97 25.76 18.49
N TRP E 19 8.56 26.67 19.36
CA TRP E 19 9.27 26.86 20.61
C TRP E 19 8.22 26.97 21.69
N THR E 20 8.36 26.22 22.77
CA THR E 20 7.49 26.44 23.94
C THR E 20 8.30 26.49 25.21
N ASN E 21 7.86 27.27 26.21
CA ASN E 21 8.55 27.25 27.51
C ASN E 21 8.08 26.13 28.43
N GLY E 22 7.19 25.29 27.93
CA GLY E 22 6.72 24.11 28.65
C GLY E 22 5.39 24.33 29.33
N GLY E 23 4.87 25.56 29.32
CA GLY E 23 3.62 25.85 30.00
C GLY E 23 2.44 25.27 29.22
N GLY E 24 1.60 24.53 29.96
CA GLY E 24 0.29 24.06 29.53
C GLY E 24 0.34 23.10 28.40
N GLU E 25 -0.72 22.94 27.64
CA GLU E 25 -0.57 22.14 26.38
C GLU E 25 -0.59 22.99 25.14
N VAL E 26 0.36 22.70 24.27
CA VAL E 26 0.52 23.39 23.00
C VAL E 26 0.86 22.31 21.97
N THR E 27 0.01 22.19 20.97
CA THR E 27 0.16 21.16 19.89
C THR E 27 0.18 21.81 18.52
N MET E 28 1.29 21.58 17.81
CA MET E 28 1.47 22.16 16.52
C MET E 28 1.44 21.00 15.51
N CYS E 29 0.70 21.22 14.43
CA CYS E 29 0.39 20.20 13.43
C CYS E 29 0.72 20.80 12.06
N LEU E 30 1.59 20.13 11.32
CA LEU E 30 2.05 20.61 10.03
C LEU E 30 1.13 20.05 8.97
N GLY E 31 0.82 20.84 7.94
CA GLY E 31 -0.02 20.42 6.83
C GLY E 31 0.70 20.64 5.52
N PRO E 32 0.06 20.36 4.38
CA PRO E 32 0.60 20.44 3.03
C PRO E 32 1.07 21.85 2.76
N GLY E 33 2.02 21.98 1.82
CA GLY E 33 2.52 23.27 1.46
C GLY E 33 3.10 24.05 2.64
N GLY E 34 2.74 25.30 2.71
CA GLY E 34 3.18 26.15 3.86
C GLY E 34 2.18 26.20 5.01
N GLU E 35 1.34 25.15 5.15
CA GLU E 35 0.31 25.17 6.13
C GLU E 35 0.86 24.67 7.46
N TYR E 36 0.53 25.40 8.53
CA TYR E 36 0.70 24.86 9.92
C TYR E 36 -0.52 25.21 10.75
N SER E 37 -0.76 24.46 11.82
CA SER E 37 -1.81 24.79 12.77
C SER E 37 -1.29 24.65 14.20
N VAL E 38 -1.90 25.36 15.14
CA VAL E 38 -1.44 25.23 16.51
C VAL E 38 -2.64 25.38 17.45
N THR E 39 -2.70 24.49 18.44
CA THR E 39 -3.77 24.64 19.39
C THR E 39 -3.29 24.56 20.81
N TRP E 40 -3.81 25.44 21.67
CA TRP E 40 -3.16 25.62 22.96
C TRP E 40 -4.08 25.75 24.15
N VAL E 41 -3.70 25.26 25.32
CA VAL E 41 -4.55 25.49 26.43
C VAL E 41 -3.76 25.84 27.65
N ASN E 42 -4.17 26.97 28.28
CA ASN E 42 -3.50 27.47 29.46
C ASN E 42 -1.98 27.42 29.29
N CYS E 43 -1.52 28.05 28.20
CA CYS E 43 -0.13 27.98 27.80
C CYS E 43 0.74 28.86 28.66
N GLY E 44 2.06 28.71 28.51
CA GLY E 44 2.97 29.64 29.18
C GLY E 44 3.30 30.69 28.13
N ASP E 45 4.32 30.40 27.36
CA ASP E 45 4.70 31.21 26.22
C ASP E 45 5.11 30.22 25.15
N PHE E 46 4.64 30.43 23.91
CA PHE E 46 5.17 29.61 22.79
C PHE E 46 5.15 30.48 21.53
N THR E 47 5.93 30.06 20.54
CA THR E 47 5.89 30.63 19.20
C THR E 47 5.79 29.43 18.18
N SER E 48 5.26 29.70 16.99
CA SER E 48 5.07 28.64 16.06
C SER E 48 4.75 29.09 14.66
N GLY E 49 5.43 28.54 13.67
CA GLY E 49 5.06 28.79 12.31
C GLY E 49 5.99 28.23 11.29
N LYS E 50 5.64 28.60 10.04
CA LYS E 50 6.44 28.29 8.86
C LYS E 50 6.97 29.53 8.19
N GLY E 51 8.15 29.37 7.56
CA GLY E 51 8.62 30.36 6.61
C GLY E 51 9.96 29.91 6.10
N TRP E 52 11.03 30.65 6.42
CA TRP E 52 12.33 30.45 5.80
C TRP E 52 13.49 30.57 6.79
N ASN E 53 14.58 29.85 6.52
CA ASN E 53 15.79 29.96 7.29
C ASN E 53 17.00 29.47 6.51
N PRO E 54 17.97 30.34 6.23
CA PRO E 54 18.00 31.78 6.43
C PRO E 54 16.95 32.51 5.61
N ALA E 55 16.29 33.48 6.20
CA ALA E 55 15.37 34.28 5.46
C ALA E 55 16.11 35.33 4.65
N ASN E 56 15.33 36.04 3.82
CA ASN E 56 15.82 37.10 2.99
C ASN E 56 14.80 38.19 2.61
N ALA E 57 14.16 38.75 3.63
CA ALA E 57 13.16 39.80 3.42
C ALA E 57 12.17 39.42 2.34
N GLN E 58 11.68 38.20 2.47
CA GLN E 58 10.62 37.72 1.63
C GLN E 58 9.39 38.63 1.65
N THR E 59 8.72 38.69 0.50
CA THR E 59 7.42 39.25 0.47
C THR E 59 6.48 38.09 0.76
N VAL E 60 5.86 38.12 1.93
CA VAL E 60 5.14 36.99 2.47
C VAL E 60 3.64 37.08 2.18
N THR E 61 3.05 36.02 1.67
CA THR E 61 1.62 35.94 1.51
C THR E 61 1.14 34.87 2.44
N TYR E 62 0.03 35.08 3.12
CA TYR E 62 -0.46 34.10 4.08
C TYR E 62 -1.99 34.22 4.20
N SER E 63 -2.63 33.13 4.59
CA SER E 63 -4.03 33.18 4.95
C SER E 63 -4.32 32.13 5.98
N GLY E 64 -5.52 32.16 6.55
CA GLY E 64 -5.93 31.17 7.53
C GLY E 64 -6.90 31.74 8.53
N GLU E 65 -6.89 31.24 9.74
CA GLU E 65 -7.84 31.61 10.75
C GLU E 65 -7.12 31.69 12.11
N PHE E 66 -7.31 32.80 12.81
CA PHE E 66 -6.62 33.06 14.04
C PHE E 66 -7.64 33.17 15.21
N ASN E 67 -7.65 32.24 16.18
CA ASN E 67 -8.72 32.19 17.19
C ASN E 67 -8.20 32.20 18.58
N PRO E 68 -7.60 33.29 18.98
CA PRO E 68 -7.10 33.37 20.36
C PRO E 68 -8.21 33.43 21.38
N ASN E 69 -8.04 32.84 22.57
CA ASN E 69 -8.99 33.02 23.68
C ASN E 69 -8.62 34.12 24.65
N GLY E 70 -7.36 34.36 24.88
CA GLY E 70 -6.91 35.66 25.44
C GLY E 70 -5.70 36.28 24.71
N ASN E 71 -4.56 36.33 25.36
CA ASN E 71 -3.38 36.96 24.80
C ASN E 71 -2.64 36.05 23.77
N ALA E 72 -2.65 36.51 22.51
CA ALA E 72 -1.88 35.88 21.42
C ALA E 72 -1.57 36.86 20.34
N TYR E 73 -0.51 36.56 19.60
CA TYR E 73 -0.07 37.38 18.47
C TYR E 73 -0.07 36.55 17.17
N LEU E 74 -0.38 37.23 16.07
CA LEU E 74 -0.16 36.77 14.69
C LEU E 74 0.76 37.73 13.95
N ALA E 75 1.95 37.28 13.61
CA ALA E 75 2.99 38.16 13.06
C ALA E 75 3.89 37.44 12.13
N VAL E 76 4.43 38.20 11.18
CA VAL E 76 5.65 37.83 10.50
C VAL E 76 6.79 38.11 11.52
N TYR E 77 7.52 37.05 11.86
CA TYR E 77 8.30 37.04 13.08
C TYR E 77 9.66 36.41 12.79
N GLY E 78 10.69 36.93 13.44
CA GLY E 78 12.02 36.49 13.11
C GLY E 78 13.07 37.08 13.96
N TRP E 79 14.28 36.76 13.56
CA TRP E 79 15.48 37.14 14.26
C TRP E 79 16.57 37.54 13.26
N THR E 80 17.45 38.43 13.74
CA THR E 80 18.76 38.59 13.12
C THR E 80 19.83 38.27 14.15
N THR E 81 21.03 38.09 13.66
CA THR E 81 22.21 37.86 14.52
C THR E 81 23.27 38.89 14.13
N ASP E 82 24.14 39.21 15.10
CA ASP E 82 25.23 40.19 14.87
C ASP E 82 24.72 41.54 14.23
N PRO E 83 23.84 42.26 14.96
CA PRO E 83 23.38 41.95 16.30
C PRO E 83 22.18 41.07 16.42
N LEU E 84 21.98 40.59 17.64
CA LEU E 84 20.92 39.71 17.92
C LEU E 84 19.75 40.65 18.08
N VAL E 85 18.74 40.50 17.21
CA VAL E 85 17.44 41.22 17.28
C VAL E 85 16.25 40.26 17.02
N GLU E 86 15.14 40.45 17.75
CA GLU E 86 13.86 39.75 17.49
C GLU E 86 12.89 40.78 16.94
N TYR E 87 12.09 40.42 15.93
CA TYR E 87 11.20 41.39 15.36
C TYR E 87 9.86 40.77 15.04
N TYR E 88 8.84 41.62 15.13
CA TYR E 88 7.46 41.28 14.84
C TYR E 88 6.89 42.31 13.86
N ILE E 89 6.27 41.81 12.80
CA ILE E 89 5.32 42.60 12.02
C ILE E 89 3.94 42.08 12.35
N LEU E 90 3.32 42.70 13.36
CA LEU E 90 2.09 42.23 13.98
C LEU E 90 0.83 42.54 13.15
N GLU E 91 0.24 41.49 12.59
CA GLU E 91 -0.95 41.59 11.72
C GLU E 91 -2.22 41.66 12.59
N SER E 92 -2.31 40.76 13.57
CA SER E 92 -3.44 40.70 14.47
C SER E 92 -2.95 40.25 15.85
N TYR E 93 -3.83 40.41 16.84
CA TYR E 93 -3.59 39.92 18.18
C TYR E 93 -4.90 39.71 18.93
N GLY E 94 -4.83 39.16 20.13
CA GLY E 94 -6.04 38.87 20.84
C GLY E 94 -6.36 39.98 21.81
N THR E 95 -6.44 39.62 23.08
CA THR E 95 -6.90 40.61 24.10
C THR E 95 -5.84 41.67 24.50
N TYR E 96 -4.57 41.47 24.13
CA TYR E 96 -3.50 42.35 24.62
C TYR E 96 -2.77 42.93 23.46
N ASN E 97 -2.65 44.24 23.41
CA ASN E 97 -1.89 44.91 22.39
C ASN E 97 -0.48 45.05 22.99
N PRO E 98 0.53 44.42 22.34
CA PRO E 98 1.91 44.40 22.83
C PRO E 98 2.70 45.70 22.72
N SER E 99 2.14 46.68 22.01
CA SER E 99 2.71 48.04 22.03
C SER E 99 2.36 48.81 23.29
N SER E 100 1.42 48.30 24.09
CA SER E 100 1.09 48.80 25.44
C SER E 100 2.34 48.91 26.26
N GLY E 101 2.69 50.11 26.67
CA GLY E 101 3.87 50.30 27.52
C GLY E 101 5.11 50.54 26.70
N LEU E 102 5.01 50.63 25.39
CA LEU E 102 6.18 50.89 24.59
C LEU E 102 6.11 52.31 24.01
N THR E 103 7.25 52.87 23.65
CA THR E 103 7.26 54.25 23.17
C THR E 103 7.19 54.22 21.65
N LEU E 104 6.20 54.88 21.08
CA LEU E 104 6.04 54.96 19.64
C LEU E 104 7.15 55.76 18.99
N LEU E 105 7.70 55.21 17.95
CA LEU E 105 8.87 55.76 17.27
C LEU E 105 8.50 56.29 15.91
N GLY E 106 7.37 55.91 15.34
CA GLY E 106 7.03 56.38 14.00
C GLY E 106 6.08 55.41 13.32
N GLN E 107 5.82 55.59 12.03
CA GLN E 107 4.88 54.70 11.27
C GLN E 107 5.51 54.24 9.95
N VAL E 108 5.05 53.09 9.45
CA VAL E 108 5.28 52.68 8.04
C VAL E 108 3.94 52.33 7.41
N THR E 109 3.77 52.64 6.13
CA THR E 109 2.61 52.13 5.44
C THR E 109 3.06 51.10 4.39
N SER E 110 2.46 49.92 4.38
CA SER E 110 2.80 48.89 3.37
C SER E 110 1.57 48.01 3.14
N ASP E 111 1.43 47.49 1.93
CA ASP E 111 0.44 46.48 1.64
C ASP E 111 -0.96 46.90 2.15
N GLY E 112 -1.34 48.17 1.98
CA GLY E 112 -2.67 48.64 2.24
C GLY E 112 -2.95 48.95 3.71
N GLY E 113 -1.97 48.86 4.57
CA GLY E 113 -2.21 49.03 6.00
C GLY E 113 -1.23 50.06 6.50
N THR E 114 -1.51 50.59 7.68
CA THR E 114 -0.53 51.39 8.34
C THR E 114 -0.06 50.72 9.60
N TYR E 115 1.22 50.87 9.93
CA TYR E 115 1.80 50.19 11.09
C TYR E 115 2.55 51.11 12.04
N ASP E 116 2.35 50.94 13.34
CA ASP E 116 3.07 51.76 14.34
C ASP E 116 4.34 51.03 14.77
N ILE E 117 5.44 51.78 14.98
CA ILE E 117 6.80 51.16 15.11
C ILE E 117 7.26 51.35 16.57
N TYR E 118 7.79 50.29 17.18
CA TYR E 118 8.30 50.35 18.57
C TYR E 118 9.54 49.47 18.60
N SER E 119 10.34 49.68 19.66
CA SER E 119 11.54 48.92 20.01
C SER E 119 11.62 48.82 21.52
N THR E 120 11.96 47.67 22.02
CA THR E 120 12.15 47.52 23.45
C THR E 120 13.29 46.54 23.69
N GLN E 121 14.05 46.81 24.74
CA GLN E 121 15.13 45.91 25.08
C GLN E 121 14.53 44.78 25.85
N ARG E 122 14.91 43.54 25.52
CA ARG E 122 14.52 42.38 26.31
C ARG E 122 15.73 41.97 27.12
N VAL E 123 15.55 41.70 28.41
CA VAL E 123 16.68 41.35 29.28
C VAL E 123 16.66 39.91 29.82
N ASP E 124 17.74 39.17 29.57
CA ASP E 124 17.84 37.77 30.00
C ASP E 124 16.60 36.98 29.66
N GLN E 125 16.28 36.96 28.36
CA GLN E 125 15.09 36.28 27.87
C GLN E 125 15.51 35.22 26.90
N PRO E 126 14.68 34.19 26.72
CA PRO E 126 14.97 33.14 25.74
C PRO E 126 15.20 33.74 24.35
N SER E 127 16.16 33.19 23.60
CA SER E 127 16.43 33.64 22.27
C SER E 127 17.03 32.50 21.47
N ILE E 128 17.26 32.74 20.17
CA ILE E 128 18.05 31.80 19.40
C ILE E 128 19.52 31.68 19.83
N GLU E 129 19.98 32.53 20.74
CA GLU E 129 21.33 32.34 21.29
C GLU E 129 21.20 32.16 22.80
N GLY E 130 20.24 31.35 23.24
CA GLY E 130 19.97 31.11 24.67
C GLY E 130 19.47 32.33 25.41
N THR E 131 19.64 32.32 26.74
CA THR E 131 19.24 33.46 27.55
C THR E 131 20.10 34.62 27.20
N SER E 132 19.48 35.74 26.93
CA SER E 132 20.21 36.77 26.25
C SER E 132 19.51 38.10 26.43
N THR E 133 20.12 39.14 25.91
CA THR E 133 19.60 40.51 26.10
C THR E 133 19.70 41.10 24.77
N PHE E 134 18.63 41.69 24.29
CA PHE E 134 18.55 42.04 22.88
C PHE E 134 17.36 42.97 22.67
N ASN E 135 17.34 43.63 21.54
CA ASN E 135 16.20 44.48 21.20
C ASN E 135 15.15 43.71 20.42
N GLN E 136 13.91 44.11 20.65
CA GLN E 136 12.72 43.52 20.04
C GLN E 136 12.02 44.65 19.28
N TYR E 137 11.98 44.59 17.96
CA TYR E 137 11.32 45.62 17.10
C TYR E 137 9.92 45.14 16.72
N TRP E 138 9.00 46.08 16.55
CA TRP E 138 7.61 45.83 16.24
C TRP E 138 7.15 46.81 15.19
N SER E 139 6.40 46.30 14.21
CA SER E 139 5.45 47.02 13.39
C SER E 139 4.05 46.52 13.74
N VAL E 140 3.19 47.36 14.33
CA VAL E 140 1.84 46.97 14.78
C VAL E 140 0.79 47.54 13.88
N ARG E 141 0.09 46.68 13.11
CA ARG E 141 -0.89 47.18 12.18
C ARG E 141 -1.96 47.91 13.00
N THR E 142 -2.33 49.13 12.56
CA THR E 142 -3.26 49.98 13.34
C THR E 142 -4.66 49.42 13.29
N GLU E 143 -4.90 48.47 12.37
CA GLU E 143 -6.13 47.69 12.39
C GLU E 143 -5.82 46.22 12.18
N LYS E 144 -6.46 45.36 12.95
CA LYS E 144 -6.15 43.95 12.87
C LYS E 144 -6.57 43.37 11.53
N ARG E 145 -5.74 42.48 10.98
CA ARG E 145 -6.16 41.66 9.89
C ARG E 145 -5.55 40.28 10.02
N VAL E 146 -6.15 39.35 9.28
CA VAL E 146 -5.72 37.98 9.22
C VAL E 146 -5.79 37.64 7.78
N GLY E 147 -4.70 37.91 7.09
CA GLY E 147 -4.56 37.46 5.70
C GLY E 147 -4.17 38.64 4.87
N GLY E 148 -3.17 38.44 4.02
CA GLY E 148 -2.78 39.39 3.01
C GLY E 148 -1.36 39.12 2.65
N THR E 149 -0.72 40.17 2.16
CA THR E 149 0.66 40.13 1.77
C THR E 149 1.38 41.11 2.64
N VAL E 150 2.58 40.74 3.08
CA VAL E 150 3.41 41.58 3.92
C VAL E 150 4.77 41.75 3.24
N THR E 151 5.08 42.98 2.85
CA THR E 151 6.34 43.25 2.12
C THR E 151 7.40 43.64 3.15
N THR E 152 8.14 42.63 3.61
CA THR E 152 8.94 42.77 4.82
C THR E 152 10.02 43.85 4.62
N ALA E 153 10.46 43.98 3.38
CA ALA E 153 11.52 44.92 3.01
C ALA E 153 11.11 46.31 3.40
N ASN E 154 9.81 46.63 3.26
CA ASN E 154 9.33 47.95 3.64
C ASN E 154 9.49 48.19 5.11
N HIS E 155 9.16 47.19 5.93
CA HIS E 155 9.27 47.36 7.38
C HIS E 155 10.71 47.53 7.80
N PHE E 156 11.59 46.78 7.14
CA PHE E 156 12.99 46.72 7.53
C PHE E 156 13.61 48.04 7.17
N ALA E 157 13.28 48.58 5.98
CA ALA E 157 13.69 49.95 5.56
C ALA E 157 13.24 51.02 6.58
N ALA E 158 11.96 51.03 6.93
CA ALA E 158 11.46 52.07 7.85
C ALA E 158 12.11 51.95 9.25
N TRP E 159 12.30 50.70 9.69
CA TRP E 159 12.97 50.48 10.96
C TRP E 159 14.36 51.08 10.94
N LYS E 160 15.14 50.78 9.90
CA LYS E 160 16.52 51.33 9.81
C LYS E 160 16.57 52.87 9.73
N ALA E 161 15.63 53.48 9.02
CA ALA E 161 15.47 54.95 8.97
C ALA E 161 15.24 55.60 10.35
N LEU E 162 14.83 54.82 11.34
CA LEU E 162 14.67 55.24 12.71
C LEU E 162 15.83 54.84 13.62
N GLY E 163 16.95 54.41 13.02
CA GLY E 163 18.13 54.02 13.80
C GLY E 163 18.07 52.61 14.35
N LEU E 164 17.08 51.83 13.92
CA LEU E 164 16.98 50.42 14.36
C LEU E 164 17.84 49.52 13.48
N GLU E 165 18.94 49.09 14.07
CA GLU E 165 19.92 48.24 13.41
C GLU E 165 19.37 46.81 13.31
N MET E 166 19.59 46.22 12.14
CA MET E 166 19.31 44.82 11.87
C MET E 166 20.60 44.07 11.55
N GLY E 167 20.70 42.84 12.04
CA GLY E 167 21.76 41.94 11.65
C GLY E 167 21.53 41.05 10.43
N THR E 168 22.25 39.95 10.41
CA THR E 168 22.07 38.97 9.34
C THR E 168 20.82 38.16 9.61
N TYR E 169 20.01 37.98 8.60
CA TYR E 169 18.73 37.26 8.81
C TYR E 169 18.92 35.81 9.30
N ASN E 170 18.26 35.46 10.41
CA ASN E 170 18.15 34.07 10.80
C ASN E 170 16.76 33.68 10.23
N TYR E 171 15.92 32.96 10.98
CA TYR E 171 14.65 32.58 10.43
C TYR E 171 13.66 33.72 10.39
N MET E 172 12.64 33.53 9.58
CA MET E 172 11.49 34.39 9.52
C MET E 172 10.28 33.54 9.19
N ILE E 173 9.26 33.60 10.04
CA ILE E 173 8.05 32.77 9.85
C ILE E 173 6.81 33.63 10.07
N VAL E 174 5.63 33.09 9.75
CA VAL E 174 4.36 33.67 10.22
C VAL E 174 4.03 32.93 11.48
N SER E 175 4.25 33.61 12.57
CA SER E 175 4.17 33.00 13.88
C SER E 175 2.85 33.24 14.57
N THR E 176 2.29 32.18 15.10
CA THR E 176 1.30 32.33 16.12
C THR E 176 2.06 32.27 17.47
N GLU E 177 1.83 33.24 18.30
CA GLU E 177 2.44 33.21 19.62
C GLU E 177 1.40 33.36 20.70
N GLY E 178 1.44 32.56 21.74
CA GLY E 178 0.48 32.62 22.82
C GLY E 178 1.13 32.93 24.14
N TYR E 179 0.46 33.70 24.99
CA TYR E 179 0.96 34.06 26.32
C TYR E 179 -0.16 33.94 27.37
N GLU E 180 -0.03 32.92 28.23
CA GLU E 180 -0.99 32.64 29.32
C GLU E 180 -2.48 32.57 28.87
N SER E 181 -2.72 31.77 27.84
CA SER E 181 -3.99 31.83 27.18
C SER E 181 -4.28 30.50 26.56
N SER E 182 -5.40 30.46 25.89
CA SER E 182 -5.81 29.33 25.12
C SER E 182 -6.20 29.84 23.77
N GLY E 183 -6.43 28.89 22.87
CA GLY E 183 -6.86 29.24 21.53
C GLY E 183 -6.47 28.21 20.50
N SER E 184 -6.70 28.57 19.25
CA SER E 184 -6.17 27.81 18.11
C SER E 184 -5.94 28.77 16.92
N SER E 185 -5.12 28.31 15.98
CA SER E 185 -4.74 29.09 14.82
C SER E 185 -4.25 28.15 13.69
N THR E 186 -4.56 28.53 12.45
CA THR E 186 -4.13 27.74 11.24
C THR E 186 -3.76 28.81 10.25
N ILE E 187 -2.58 28.66 9.67
CA ILE E 187 -2.03 29.63 8.73
C ILE E 187 -1.36 28.89 7.58
N THR E 188 -1.63 29.35 6.37
CA THR E 188 -0.96 28.85 5.19
C THR E 188 -0.08 29.99 4.64
N VAL E 189 1.22 29.70 4.67
CA VAL E 189 2.25 30.63 4.27
C VAL E 189 2.62 30.37 2.82
N SER E 190 2.86 31.43 2.09
CA SER E 190 3.54 31.31 0.77
C SER E 190 4.37 32.58 0.48
N CYS F 2 35.41 26.07 -15.12
CA CYS F 2 34.13 25.78 -15.83
C CYS F 2 34.38 24.62 -16.76
N ILE F 3 33.33 24.08 -17.32
CA ILE F 3 33.40 22.87 -18.11
C ILE F 3 32.63 23.05 -19.40
N THR F 4 33.25 22.55 -20.46
CA THR F 4 32.69 22.66 -21.82
C THR F 4 32.61 21.31 -22.54
N THR F 5 33.02 20.23 -21.86
CA THR F 5 32.90 18.90 -22.39
C THR F 5 32.18 18.04 -21.40
N SER F 6 31.57 16.94 -21.87
CA SER F 6 30.73 16.12 -21.03
C SER F 6 31.54 15.61 -19.84
N GLN F 7 30.93 15.67 -18.65
CA GLN F 7 31.64 15.45 -17.36
C GLN F 7 30.69 15.12 -16.22
N THR F 8 31.06 14.15 -15.37
CA THR F 8 30.34 13.90 -14.13
C THR F 8 31.25 13.89 -12.93
N GLY F 9 30.73 14.23 -11.78
CA GLY F 9 31.52 14.05 -10.57
C GLY F 9 30.82 14.66 -9.38
N THR F 10 31.61 15.02 -8.37
CA THR F 10 31.12 15.71 -7.18
C THR F 10 31.80 17.05 -6.94
N HIS F 11 31.07 17.99 -6.33
CA HIS F 11 31.56 19.33 -6.07
C HIS F 11 30.80 19.90 -4.83
N ASN F 12 31.54 20.16 -3.76
CA ASN F 12 30.97 20.71 -2.53
C ASN F 12 29.80 19.89 -2.09
N GLY F 13 29.86 18.56 -2.20
CA GLY F 13 28.79 17.66 -1.73
C GLY F 13 27.80 17.13 -2.77
N TYR F 14 27.60 17.91 -3.82
CA TYR F 14 26.63 17.57 -4.82
C TYR F 14 27.22 16.85 -6.03
N TYR F 15 26.52 15.80 -6.47
CA TYR F 15 26.79 15.18 -7.80
C TYR F 15 26.50 16.22 -8.86
N TYR F 16 27.32 16.24 -9.89
CA TYR F 16 27.06 17.00 -11.04
C TYR F 16 27.22 16.10 -12.26
N SER F 17 26.41 16.45 -13.24
CA SER F 17 26.37 15.83 -14.54
C SER F 17 26.20 16.94 -15.62
N PHE F 18 27.17 16.96 -16.54
CA PHE F 18 27.10 17.78 -17.74
C PHE F 18 27.20 16.86 -18.95
N TRP F 19 26.26 16.96 -19.88
CA TRP F 19 26.35 16.27 -21.13
C TRP F 19 26.06 17.19 -22.32
N THR F 20 26.92 17.14 -23.34
CA THR F 20 26.64 17.86 -24.53
C THR F 20 26.91 16.96 -25.73
N ASN F 21 26.11 17.14 -26.77
CA ASN F 21 26.34 16.43 -28.01
C ASN F 21 27.40 17.16 -28.87
N GLY F 22 28.05 18.20 -28.32
CA GLY F 22 29.09 18.89 -29.07
C GLY F 22 28.66 20.12 -29.88
N GLY F 23 27.35 20.37 -29.98
CA GLY F 23 26.82 21.56 -30.68
C GLY F 23 27.08 22.93 -29.97
N GLY F 24 27.52 23.93 -30.74
CA GLY F 24 27.63 25.31 -30.26
C GLY F 24 28.58 25.48 -29.06
N GLU F 25 28.37 26.47 -28.21
CA GLU F 25 29.21 26.62 -27.04
C GLU F 25 28.31 26.52 -25.80
N VAL F 26 28.69 25.62 -24.90
CA VAL F 26 27.93 25.37 -23.70
C VAL F 26 28.99 25.35 -22.61
N THR F 27 28.85 26.27 -21.65
CA THR F 27 29.81 26.37 -20.55
C THR F 27 29.06 26.23 -19.23
N MET F 28 29.34 25.15 -18.49
CA MET F 28 28.78 24.98 -17.14
C MET F 28 29.84 25.32 -16.11
N CYS F 29 29.42 26.08 -15.10
CA CYS F 29 30.26 26.54 -14.07
C CYS F 29 29.68 26.22 -12.68
N LEU F 30 30.53 25.65 -11.83
CA LEU F 30 30.13 25.15 -10.53
C LEU F 30 30.44 26.16 -9.45
N GLY F 31 29.50 26.30 -8.52
CA GLY F 31 29.62 27.18 -7.39
C GLY F 31 29.47 26.46 -6.05
N PRO F 32 29.48 27.23 -4.95
CA PRO F 32 29.34 26.72 -3.59
C PRO F 32 28.04 25.92 -3.34
N GLY F 33 28.17 24.82 -2.63
CA GLY F 33 27.06 24.00 -2.28
C GLY F 33 26.43 23.42 -3.51
N GLY F 34 25.13 23.62 -3.60
CA GLY F 34 24.43 23.10 -4.75
C GLY F 34 24.32 24.04 -5.95
N GLU F 35 25.20 25.01 -6.08
CA GLU F 35 25.02 25.98 -7.16
C GLU F 35 25.71 25.51 -8.41
N TYR F 36 25.07 25.77 -9.54
CA TYR F 36 25.74 25.72 -10.81
C TYR F 36 25.16 26.76 -11.73
N SER F 37 25.86 27.04 -12.82
CA SER F 37 25.39 27.96 -13.84
C SER F 37 25.74 27.41 -15.23
N VAL F 38 24.95 27.73 -16.23
CA VAL F 38 25.36 27.32 -17.57
C VAL F 38 25.01 28.43 -18.53
N THR F 39 25.90 28.68 -19.47
CA THR F 39 25.61 29.71 -20.45
C THR F 39 25.93 29.12 -21.77
N TRP F 40 25.00 29.31 -22.70
CA TRP F 40 25.14 28.63 -24.00
C TRP F 40 24.77 29.53 -25.17
N VAL F 41 25.37 29.26 -26.33
CA VAL F 41 25.02 29.93 -27.60
C VAL F 41 24.99 28.94 -28.76
N ASN F 42 23.80 28.83 -29.37
CA ASN F 42 23.56 28.00 -30.57
C ASN F 42 24.00 26.55 -30.38
N CYS F 43 23.52 25.99 -29.25
CA CYS F 43 23.86 24.64 -28.79
C CYS F 43 23.21 23.56 -29.67
N GLY F 44 23.60 22.31 -29.43
CA GLY F 44 22.99 21.23 -30.13
C GLY F 44 21.95 20.70 -29.18
N ASP F 45 22.43 19.88 -28.28
CA ASP F 45 21.66 19.48 -27.18
C ASP F 45 22.62 19.25 -26.02
N PHE F 46 22.17 19.69 -24.85
CA PHE F 46 22.91 19.50 -23.66
C PHE F 46 21.99 19.41 -22.45
N THR F 47 22.47 18.73 -21.42
CA THR F 47 21.85 18.76 -20.15
C THR F 47 22.95 19.11 -19.14
N SER F 48 22.53 19.72 -18.03
CA SER F 48 23.44 20.06 -16.97
C SER F 48 22.79 20.46 -15.64
N GLY F 49 23.38 20.03 -14.55
CA GLY F 49 22.86 20.28 -13.23
C GLY F 49 23.59 19.56 -12.12
N LYS F 50 23.16 19.92 -10.91
CA LYS F 50 23.62 19.36 -9.65
C LYS F 50 22.49 18.57 -8.95
N GLY F 51 22.87 17.52 -8.19
CA GLY F 51 21.89 16.71 -7.44
C GLY F 51 22.57 15.54 -6.76
N TRP F 52 22.04 14.33 -7.03
CA TRP F 52 22.43 13.13 -6.28
C TRP F 52 22.70 11.97 -7.23
N ASN F 53 23.63 11.11 -6.84
CA ASN F 53 23.88 9.88 -7.54
C ASN F 53 24.55 8.95 -6.60
N PRO F 54 23.86 7.87 -6.20
CA PRO F 54 22.51 7.50 -6.66
C PRO F 54 21.50 8.35 -5.95
N ALA F 55 20.37 8.59 -6.61
CA ALA F 55 19.34 9.37 -5.98
C ALA F 55 18.41 8.45 -5.15
N ASN F 56 17.44 9.06 -4.48
CA ASN F 56 16.47 8.32 -3.70
C ASN F 56 15.19 9.12 -3.51
N ALA F 57 14.57 9.61 -4.58
CA ALA F 57 13.33 10.31 -4.48
C ALA F 57 13.39 11.46 -3.51
N GLN F 58 14.43 12.23 -3.63
CA GLN F 58 14.59 13.42 -2.81
C GLN F 58 13.47 14.43 -2.97
N THR F 59 13.08 15.04 -1.87
CA THR F 59 12.31 16.26 -1.98
C THR F 59 13.33 17.34 -2.23
N VAL F 60 13.26 17.94 -3.41
CA VAL F 60 14.26 18.86 -3.91
C VAL F 60 13.81 20.29 -3.72
N THR F 61 14.72 21.17 -3.29
CA THR F 61 14.39 22.59 -3.19
C THR F 61 15.42 23.28 -4.02
N TYR F 62 15.04 24.30 -4.75
CA TYR F 62 15.97 24.94 -5.62
C TYR F 62 15.51 26.36 -5.85
N SER F 63 16.49 27.24 -6.06
CA SER F 63 16.18 28.60 -6.57
C SER F 63 17.23 29.04 -7.57
N GLY F 64 16.92 30.14 -8.24
CA GLY F 64 17.75 30.69 -9.26
C GLY F 64 17.00 31.41 -10.38
N GLU F 65 17.52 31.34 -11.58
CA GLU F 65 17.06 32.19 -12.64
C GLU F 65 17.31 31.43 -13.89
N PHE F 66 16.33 31.41 -14.76
CA PHE F 66 16.41 30.62 -15.99
C PHE F 66 15.92 31.48 -17.13
N ASN F 67 16.76 31.71 -18.15
CA ASN F 67 16.62 32.75 -19.16
C ASN F 67 17.06 32.17 -20.50
N PRO F 68 16.22 31.27 -21.01
CA PRO F 68 16.51 30.70 -22.30
C PRO F 68 16.18 31.69 -23.39
N ASN F 69 16.92 31.59 -24.46
CA ASN F 69 16.55 32.27 -25.67
C ASN F 69 16.28 31.23 -26.72
N GLY F 70 15.01 30.78 -26.77
CA GLY F 70 14.56 29.67 -27.60
C GLY F 70 14.17 28.45 -26.74
N ASN F 71 14.55 27.28 -27.21
CA ASN F 71 14.05 26.02 -26.72
C ASN F 71 14.95 25.56 -25.60
N ALA F 72 14.38 25.43 -24.40
CA ALA F 72 15.19 24.89 -23.27
C ALA F 72 14.30 24.41 -22.16
N TYR F 73 14.82 23.54 -21.29
CA TYR F 73 14.02 22.97 -20.20
C TYR F 73 14.67 23.25 -18.89
N LEU F 74 13.84 23.52 -17.83
CA LEU F 74 14.27 23.52 -16.44
C LEU F 74 13.47 22.45 -15.72
N ALA F 75 14.13 21.39 -15.24
CA ALA F 75 13.45 20.24 -14.68
C ALA F 75 14.26 19.49 -13.64
N VAL F 76 13.57 18.90 -12.68
CA VAL F 76 14.15 17.79 -11.87
C VAL F 76 14.19 16.59 -12.80
N TYR F 77 15.39 16.09 -13.04
CA TYR F 77 15.66 15.21 -14.17
C TYR F 77 16.54 14.06 -13.76
N GLY F 78 16.24 12.88 -14.23
CA GLY F 78 16.91 11.71 -13.80
C GLY F 78 16.71 10.46 -14.65
N TRP F 79 17.27 9.36 -14.14
CA TRP F 79 17.22 8.10 -14.79
C TRP F 79 17.04 6.95 -13.80
N THR F 80 16.41 5.89 -14.25
CA THR F 80 16.50 4.59 -13.62
C THR F 80 17.16 3.59 -14.54
N THR F 81 17.62 2.51 -13.93
CA THR F 81 18.12 1.38 -14.65
C THR F 81 17.26 0.13 -14.26
N ASP F 82 17.22 -0.83 -15.18
CA ASP F 82 16.54 -2.07 -14.95
C ASP F 82 15.12 -1.91 -14.42
N PRO F 83 14.21 -1.32 -15.23
CA PRO F 83 14.47 -0.88 -16.58
C PRO F 83 15.10 0.51 -16.70
N LEU F 84 15.69 0.72 -17.86
CA LEU F 84 16.18 2.03 -18.23
C LEU F 84 15.01 2.98 -18.49
N VAL F 85 15.04 4.14 -17.85
CA VAL F 85 13.99 5.18 -17.95
C VAL F 85 14.62 6.57 -17.74
N GLU F 86 14.29 7.52 -18.62
CA GLU F 86 14.67 8.93 -18.45
C GLU F 86 13.38 9.62 -18.00
N TYR F 87 13.46 10.52 -17.02
CA TYR F 87 12.29 11.22 -16.55
C TYR F 87 12.59 12.71 -16.25
N TYR F 88 11.51 13.47 -16.35
CA TYR F 88 11.48 14.88 -16.20
C TYR F 88 10.25 15.34 -15.44
N ILE F 89 10.53 16.15 -14.41
CA ILE F 89 9.52 16.91 -13.67
C ILE F 89 9.79 18.37 -14.07
N LEU F 90 9.06 18.79 -15.10
CA LEU F 90 9.37 20.02 -15.85
C LEU F 90 8.75 21.21 -15.14
N GLU F 91 9.60 22.07 -14.61
CA GLU F 91 9.20 23.24 -13.85
C GLU F 91 8.95 24.46 -14.80
N SER F 92 9.86 24.71 -15.74
CA SER F 92 9.67 25.77 -16.77
C SER F 92 10.31 25.37 -18.09
N TYR F 93 10.06 26.15 -19.12
CA TYR F 93 10.66 25.82 -20.42
C TYR F 93 10.62 27.07 -21.23
N GLY F 94 11.26 27.05 -22.38
CA GLY F 94 11.29 28.28 -23.20
C GLY F 94 10.18 28.26 -24.21
N THR F 95 10.54 28.17 -25.49
CA THR F 95 9.60 28.35 -26.57
C THR F 95 8.86 27.13 -26.94
N TYR F 96 9.29 25.95 -26.46
CA TYR F 96 8.74 24.69 -26.91
C TYR F 96 8.38 23.79 -25.74
N ASN F 97 7.14 23.30 -25.79
CA ASN F 97 6.59 22.46 -24.80
C ASN F 97 6.77 21.06 -25.27
N PRO F 98 7.62 20.31 -24.56
CA PRO F 98 8.03 18.97 -25.01
C PRO F 98 6.92 17.90 -24.95
N SER F 99 5.78 18.29 -24.40
CA SER F 99 4.63 17.39 -24.41
C SER F 99 3.81 17.50 -25.70
N SER F 100 4.09 18.48 -26.55
CA SER F 100 3.53 18.51 -27.90
C SER F 100 3.60 17.15 -28.57
N GLY F 101 2.48 16.68 -29.09
CA GLY F 101 2.44 15.40 -29.74
C GLY F 101 2.37 14.24 -28.79
N LEU F 102 2.44 14.45 -27.46
CA LEU F 102 2.45 13.27 -26.57
C LEU F 102 1.01 12.98 -26.12
N THR F 103 0.74 11.75 -25.73
CA THR F 103 -0.55 11.36 -25.21
C THR F 103 -0.67 11.67 -23.70
N LEU F 104 -1.67 12.48 -23.38
CA LEU F 104 -1.99 12.97 -22.05
C LEU F 104 -2.53 11.81 -21.19
N LEU F 105 -1.84 11.50 -20.10
CA LEU F 105 -2.15 10.32 -19.29
C LEU F 105 -2.96 10.66 -18.08
N GLY F 106 -2.86 11.92 -17.64
CA GLY F 106 -3.56 12.38 -16.42
C GLY F 106 -2.78 13.45 -15.70
N GLN F 107 -3.07 13.71 -14.42
CA GLN F 107 -2.51 14.85 -13.72
C GLN F 107 -1.96 14.49 -12.42
N VAL F 108 -1.01 15.29 -11.89
CA VAL F 108 -0.67 15.14 -10.44
C VAL F 108 -0.53 16.54 -9.85
N THR F 109 -1.02 16.73 -8.64
CA THR F 109 -0.80 18.01 -8.00
C THR F 109 0.16 17.80 -6.86
N SER F 110 1.15 18.68 -6.77
CA SER F 110 2.25 18.59 -5.83
C SER F 110 2.87 19.96 -5.70
N ASP F 111 3.21 20.30 -4.46
CA ASP F 111 3.96 21.50 -4.15
C ASP F 111 3.27 22.70 -4.71
N GLY F 112 1.93 22.71 -4.64
CA GLY F 112 1.15 23.90 -5.11
C GLY F 112 0.93 24.02 -6.60
N GLY F 113 1.38 23.03 -7.37
CA GLY F 113 1.19 23.03 -8.77
C GLY F 113 0.46 21.82 -9.25
N THR F 114 0.01 21.94 -10.47
CA THR F 114 -0.58 20.81 -11.21
C THR F 114 0.30 20.51 -12.42
N TYR F 115 0.54 19.24 -12.67
CA TYR F 115 1.46 18.84 -13.70
C TYR F 115 0.72 17.84 -14.60
N ASP F 116 0.81 17.94 -15.89
CA ASP F 116 0.20 16.93 -16.76
C ASP F 116 1.26 15.84 -17.02
N ILE F 117 0.85 14.59 -17.20
CA ILE F 117 1.74 13.45 -17.20
C ILE F 117 1.69 12.81 -18.58
N TYR F 118 2.86 12.51 -19.14
CA TYR F 118 3.01 11.88 -20.46
C TYR F 118 4.16 10.86 -20.45
N SER F 119 4.11 9.96 -21.41
CA SER F 119 5.20 9.01 -21.58
C SER F 119 5.50 8.89 -23.06
N THR F 120 6.76 8.70 -23.43
CA THR F 120 7.07 8.48 -24.82
C THR F 120 8.25 7.54 -24.92
N GLN F 121 8.35 6.80 -26.03
CA GLN F 121 9.49 5.93 -26.24
C GLN F 121 10.57 6.68 -27.03
N ARG F 122 11.80 6.70 -26.49
CA ARG F 122 12.96 7.24 -27.21
C ARG F 122 13.73 6.04 -27.84
N VAL F 123 14.03 6.14 -29.16
CA VAL F 123 14.55 5.02 -29.97
C VAL F 123 15.99 5.37 -30.34
N ASP F 124 16.91 4.53 -29.88
CA ASP F 124 18.35 4.68 -30.18
C ASP F 124 18.80 6.11 -29.95
N GLN F 125 18.57 6.60 -28.75
CA GLN F 125 19.00 7.92 -28.41
C GLN F 125 20.12 7.79 -27.36
N PRO F 126 20.86 8.89 -27.14
CA PRO F 126 21.88 8.87 -26.09
C PRO F 126 21.28 8.60 -24.69
N SER F 127 22.04 7.94 -23.83
CA SER F 127 21.55 7.55 -22.54
C SER F 127 22.73 7.27 -21.57
N ILE F 128 22.39 7.14 -20.28
CA ILE F 128 23.39 6.79 -19.29
C ILE F 128 23.93 5.40 -19.55
N GLU F 129 23.35 4.63 -20.48
CA GLU F 129 23.90 3.32 -20.86
C GLU F 129 24.27 3.29 -22.33
N GLY F 130 24.67 4.42 -22.92
CA GLY F 130 24.98 4.40 -24.34
C GLY F 130 23.72 4.51 -25.18
N THR F 131 23.86 4.40 -26.49
CA THR F 131 22.74 4.54 -27.41
C THR F 131 21.72 3.46 -27.14
N SER F 132 20.46 3.83 -27.02
CA SER F 132 19.58 2.90 -26.39
C SER F 132 18.13 3.27 -26.61
N THR F 133 17.21 2.33 -26.38
CA THR F 133 15.79 2.57 -26.56
C THR F 133 15.09 2.42 -25.20
N PHE F 134 14.26 3.40 -24.83
CA PHE F 134 13.78 3.51 -23.45
C PHE F 134 12.60 4.46 -23.37
N ASN F 135 11.81 4.33 -22.32
CA ASN F 135 10.77 5.30 -22.07
C ASN F 135 11.18 6.54 -21.35
N GLN F 136 10.48 7.60 -21.72
CA GLN F 136 10.77 8.89 -21.20
C GLN F 136 9.47 9.41 -20.57
N TYR F 137 9.50 9.69 -19.30
CA TYR F 137 8.29 10.21 -18.62
C TYR F 137 8.39 11.66 -18.34
N TRP F 138 7.23 12.32 -18.26
CA TRP F 138 7.11 13.78 -18.00
C TRP F 138 5.98 14.09 -17.05
N SER F 139 6.25 15.01 -16.12
CA SER F 139 5.28 15.76 -15.42
C SER F 139 5.53 17.19 -15.86
N VAL F 140 4.57 17.80 -16.57
CA VAL F 140 4.75 19.16 -17.11
C VAL F 140 3.86 20.08 -16.27
N ARG F 141 4.47 21.04 -15.58
CA ARG F 141 3.76 22.01 -14.78
C ARG F 141 2.83 22.91 -15.65
N THR F 142 1.55 22.98 -15.34
CA THR F 142 0.61 23.66 -16.24
C THR F 142 0.82 25.18 -16.27
N GLU F 143 1.60 25.73 -15.32
CA GLU F 143 2.20 27.06 -15.47
C GLU F 143 3.66 27.00 -15.06
N LYS F 144 4.47 27.73 -15.78
CA LYS F 144 5.91 27.67 -15.60
C LYS F 144 6.22 28.24 -14.26
N ARG F 145 7.23 27.70 -13.58
CA ARG F 145 7.75 28.39 -12.43
C ARG F 145 9.23 28.17 -12.32
N VAL F 146 9.89 29.07 -11.63
CA VAL F 146 11.33 29.02 -11.51
C VAL F 146 11.70 29.17 -10.06
N GLY F 147 11.83 28.02 -9.40
CA GLY F 147 12.10 27.99 -7.97
C GLY F 147 10.96 27.48 -7.10
N GLY F 148 11.31 26.68 -6.10
CA GLY F 148 10.39 26.11 -5.18
C GLY F 148 10.85 24.75 -4.70
N THR F 149 9.90 23.95 -4.25
CA THR F 149 10.19 22.65 -3.80
C THR F 149 9.42 21.64 -4.64
N VAL F 150 10.09 20.52 -4.97
CA VAL F 150 9.50 19.46 -5.75
C VAL F 150 9.58 18.10 -5.01
N THR F 151 8.41 17.59 -4.60
CA THR F 151 8.30 16.39 -3.83
C THR F 151 8.26 15.22 -4.79
N THR F 152 9.43 14.75 -5.17
CA THR F 152 9.54 13.84 -6.31
C THR F 152 8.73 12.57 -6.08
N ALA F 153 8.65 12.08 -4.83
CA ALA F 153 7.85 10.91 -4.53
C ALA F 153 6.42 11.02 -5.00
N ASN F 154 5.78 12.17 -4.88
CA ASN F 154 4.41 12.34 -5.43
C ASN F 154 4.31 12.05 -6.95
N HIS F 155 5.25 12.61 -7.71
CA HIS F 155 5.34 12.38 -9.13
C HIS F 155 5.56 10.90 -9.44
N PHE F 156 6.58 10.28 -8.83
CA PHE F 156 6.87 8.88 -9.08
C PHE F 156 5.63 8.02 -8.82
N ALA F 157 4.96 8.31 -7.68
CA ALA F 157 3.77 7.59 -7.31
C ALA F 157 2.63 7.81 -8.31
N ALA F 158 2.33 9.03 -8.74
CA ALA F 158 1.31 9.26 -9.77
C ALA F 158 1.61 8.55 -11.11
N TRP F 159 2.88 8.53 -11.47
CA TRP F 159 3.33 7.83 -12.70
C TRP F 159 3.03 6.34 -12.57
N LYS F 160 3.46 5.77 -11.44
CA LYS F 160 3.27 4.36 -11.26
C LYS F 160 1.80 4.02 -11.19
N ALA F 161 0.97 4.94 -10.73
CA ALA F 161 -0.45 4.65 -10.66
C ALA F 161 -1.07 4.60 -12.01
N LEU F 162 -0.44 5.17 -13.05
CA LEU F 162 -0.95 5.12 -14.41
C LEU F 162 -0.20 4.07 -15.28
N GLY F 163 0.47 3.11 -14.62
CA GLY F 163 1.13 2.05 -15.27
C GLY F 163 2.56 2.33 -15.71
N LEU F 164 3.15 3.42 -15.27
CA LEU F 164 4.57 3.73 -15.65
C LEU F 164 5.55 3.20 -14.63
N GLU F 165 6.29 2.20 -15.06
CA GLU F 165 7.21 1.47 -14.22
C GLU F 165 8.55 2.19 -14.13
N MET F 166 9.10 2.19 -12.93
CA MET F 166 10.37 2.84 -12.59
C MET F 166 11.32 1.78 -12.18
N GLY F 167 12.58 1.85 -12.61
CA GLY F 167 13.61 0.95 -12.11
C GLY F 167 14.35 1.49 -10.89
N THR F 168 15.60 1.04 -10.74
CA THR F 168 16.44 1.47 -9.66
C THR F 168 16.98 2.86 -9.95
N TYR F 169 16.94 3.76 -8.94
CA TYR F 169 17.37 5.15 -9.20
C TYR F 169 18.87 5.21 -9.47
N ASN F 170 19.22 5.92 -10.56
CA ASN F 170 20.57 6.32 -10.90
C ASN F 170 20.62 7.83 -10.49
N TYR F 171 21.11 8.72 -11.33
CA TYR F 171 21.28 10.09 -10.91
C TYR F 171 19.95 10.85 -10.99
N MET F 172 19.86 11.88 -10.18
CA MET F 172 18.76 12.83 -10.30
C MET F 172 19.32 14.20 -10.03
N ILE F 173 19.10 15.14 -10.96
CA ILE F 173 19.59 16.52 -10.83
C ILE F 173 18.51 17.56 -11.14
N VAL F 174 18.78 18.80 -10.78
CA VAL F 174 18.01 19.87 -11.36
C VAL F 174 18.66 20.39 -12.65
N SER F 175 18.08 19.95 -13.76
CA SER F 175 18.76 20.11 -15.03
C SER F 175 18.27 21.28 -15.83
N THR F 176 19.22 22.04 -16.33
CA THR F 176 18.99 22.90 -17.52
C THR F 176 19.44 22.17 -18.78
N GLU F 177 18.55 22.11 -19.73
CA GLU F 177 18.82 21.41 -20.96
C GLU F 177 18.42 22.39 -22.07
N GLY F 178 19.25 22.54 -23.10
CA GLY F 178 18.92 23.33 -24.27
C GLY F 178 18.90 22.49 -25.57
N TYR F 179 18.09 22.91 -26.51
CA TYR F 179 18.05 22.27 -27.78
C TYR F 179 18.02 23.37 -28.83
N GLU F 180 19.10 23.51 -29.58
CA GLU F 180 19.18 24.40 -30.74
C GLU F 180 18.76 25.83 -30.36
N SER F 181 19.36 26.33 -29.30
CA SER F 181 18.98 27.59 -28.68
C SER F 181 20.18 28.23 -28.04
N SER F 182 19.99 29.39 -27.46
CA SER F 182 20.98 30.07 -26.64
C SER F 182 20.34 30.42 -25.28
N GLY F 183 21.11 30.88 -24.32
CA GLY F 183 20.52 31.43 -23.08
C GLY F 183 21.48 31.24 -21.96
N SER F 184 20.99 31.51 -20.76
CA SER F 184 21.72 31.23 -19.53
C SER F 184 20.77 30.78 -18.45
N SER F 185 21.32 30.03 -17.48
CA SER F 185 20.62 29.76 -16.22
C SER F 185 21.59 29.63 -15.01
N THR F 186 21.07 29.92 -13.81
CA THR F 186 21.83 29.75 -12.57
C THR F 186 20.87 29.24 -11.51
N ILE F 187 21.21 28.08 -10.93
CA ILE F 187 20.33 27.33 -10.07
C ILE F 187 21.12 26.82 -8.89
N THR F 188 20.51 26.87 -7.72
CA THR F 188 21.17 26.42 -6.54
C THR F 188 20.27 25.36 -5.92
N VAL F 189 20.82 24.18 -5.72
CA VAL F 189 20.05 22.99 -5.34
C VAL F 189 20.29 22.57 -3.88
N SER F 190 19.23 22.28 -3.15
CA SER F 190 19.40 21.65 -1.87
C SER F 190 18.39 20.54 -1.60
N CYS G 2 -5.34 -27.49 3.68
CA CYS G 2 -5.59 -28.66 2.85
C CYS G 2 -4.33 -29.01 2.10
N ILE G 3 -4.32 -30.20 1.51
CA ILE G 3 -3.18 -30.58 0.73
C ILE G 3 -3.54 -31.19 -0.61
N THR G 4 -2.61 -31.01 -1.52
CA THR G 4 -2.77 -31.37 -2.93
C THR G 4 -1.54 -32.10 -3.46
N THR G 5 -0.55 -32.39 -2.63
CA THR G 5 0.70 -32.94 -3.13
C THR G 5 1.00 -34.07 -2.19
N SER G 6 1.56 -35.16 -2.75
CA SER G 6 1.83 -36.38 -1.98
C SER G 6 2.71 -36.10 -0.74
N GLN G 7 2.26 -36.64 0.40
CA GLN G 7 2.90 -36.41 1.69
C GLN G 7 2.29 -37.28 2.77
N THR G 8 3.03 -37.40 3.86
CA THR G 8 2.62 -38.16 5.04
C THR G 8 3.01 -37.45 6.30
N GLY G 9 2.45 -37.84 7.41
CA GLY G 9 2.69 -37.08 8.59
C GLY G 9 1.87 -37.60 9.71
N THR G 10 1.86 -36.90 10.83
CA THR G 10 0.91 -37.22 11.87
C THR G 10 0.15 -35.96 12.32
N HIS G 11 -1.12 -36.12 12.68
CA HIS G 11 -2.02 -35.02 12.90
C HIS G 11 -3.04 -35.45 13.92
N ASN G 12 -3.08 -34.69 15.02
CA ASN G 12 -3.88 -35.05 16.21
C ASN G 12 -3.61 -36.48 16.68
N GLY G 13 -2.37 -36.90 16.63
CA GLY G 13 -1.98 -38.26 17.05
C GLY G 13 -2.18 -39.29 15.92
N TYR G 14 -2.75 -38.95 14.78
CA TYR G 14 -2.99 -39.97 13.78
C TYR G 14 -2.06 -39.81 12.62
N TYR G 15 -1.49 -40.92 12.13
CA TYR G 15 -0.80 -40.92 10.88
C TYR G 15 -1.80 -40.57 9.80
N TYR G 16 -1.31 -39.86 8.79
CA TYR G 16 -2.08 -39.53 7.60
C TYR G 16 -1.21 -39.68 6.38
N SER G 17 -1.84 -40.05 5.29
CA SER G 17 -1.15 -40.29 4.06
C SER G 17 -1.97 -39.81 2.89
N PHE G 18 -1.33 -39.11 1.97
CA PHE G 18 -1.94 -38.68 0.72
C PHE G 18 -0.96 -39.05 -0.38
N TRP G 19 -1.42 -39.80 -1.37
CA TRP G 19 -0.59 -40.13 -2.53
C TRP G 19 -1.46 -39.83 -3.74
N THR G 20 -0.92 -39.08 -4.72
CA THR G 20 -1.58 -38.87 -6.02
C THR G 20 -0.57 -39.04 -7.15
N ASN G 21 -1.02 -39.58 -8.27
CA ASN G 21 -0.12 -39.70 -9.40
C ASN G 21 -0.15 -38.38 -10.13
N GLY G 22 -0.86 -37.40 -9.55
CA GLY G 22 -0.92 -36.06 -10.08
C GLY G 22 -2.07 -35.70 -11.04
N GLY G 23 -2.91 -36.62 -11.45
CA GLY G 23 -4.02 -36.22 -12.34
C GLY G 23 -5.19 -35.53 -11.65
N GLY G 24 -5.90 -34.72 -12.44
CA GLY G 24 -7.12 -34.02 -12.01
C GLY G 24 -6.84 -33.11 -10.84
N GLU G 25 -7.87 -32.79 -10.09
CA GLU G 25 -7.61 -32.08 -8.90
C GLU G 25 -8.10 -32.93 -7.76
N VAL G 26 -7.22 -33.04 -6.77
CA VAL G 26 -7.45 -33.84 -5.58
C VAL G 26 -6.94 -33.05 -4.37
N THR G 27 -7.86 -32.78 -3.47
CA THR G 27 -7.62 -32.08 -2.24
C THR G 27 -8.04 -32.87 -0.97
N MET G 28 -7.05 -33.14 -0.12
CA MET G 28 -7.28 -33.73 1.17
C MET G 28 -7.21 -32.65 2.20
N CYS G 29 -8.14 -32.70 3.14
CA CYS G 29 -8.25 -31.76 4.22
C CYS G 29 -8.34 -32.48 5.60
N LEU G 30 -7.55 -32.04 6.56
CA LEU G 30 -7.44 -32.71 7.83
C LEU G 30 -8.29 -31.98 8.88
N GLY G 31 -8.86 -32.78 9.78
CA GLY G 31 -9.79 -32.32 10.78
C GLY G 31 -9.40 -32.85 12.14
N PRO G 32 -10.17 -32.49 13.17
CA PRO G 32 -9.83 -32.84 14.54
C PRO G 32 -9.92 -34.31 14.72
N GLY G 33 -9.10 -34.82 15.63
CA GLY G 33 -9.11 -36.22 15.96
C GLY G 33 -8.66 -37.00 14.76
N GLY G 34 -9.43 -38.05 14.44
CA GLY G 34 -9.10 -38.92 13.32
C GLY G 34 -9.77 -38.51 12.00
N GLU G 35 -10.14 -37.25 11.85
CA GLU G 35 -10.92 -36.86 10.68
C GLU G 35 -10.06 -36.47 9.48
N TYR G 36 -10.48 -36.90 8.31
CA TYR G 36 -9.94 -36.33 7.08
C TYR G 36 -11.08 -36.22 6.10
N SER G 37 -10.90 -35.44 5.03
CA SER G 37 -11.86 -35.39 3.96
C SER G 37 -11.10 -35.29 2.65
N VAL G 38 -11.66 -35.81 1.56
CA VAL G 38 -10.97 -35.70 0.28
C VAL G 38 -12.02 -35.33 -0.75
N THR G 39 -11.69 -34.39 -1.61
CA THR G 39 -12.57 -34.10 -2.71
C THR G 39 -11.79 -34.05 -3.98
N TRP G 40 -12.38 -34.66 -5.00
CA TRP G 40 -11.65 -34.86 -6.23
C TRP G 40 -12.49 -34.73 -7.47
N VAL G 41 -11.86 -34.23 -8.55
CA VAL G 41 -12.52 -34.18 -9.86
C VAL G 41 -11.56 -34.60 -10.97
N ASN G 42 -12.07 -35.51 -11.79
CA ASN G 42 -11.28 -36.15 -12.83
C ASN G 42 -9.89 -36.58 -12.44
N CYS G 43 -9.80 -37.34 -11.34
CA CYS G 43 -8.52 -37.81 -10.83
C CYS G 43 -7.87 -38.80 -11.76
N GLY G 44 -6.60 -39.01 -11.53
CA GLY G 44 -5.86 -40.05 -12.18
C GLY G 44 -5.96 -41.21 -11.28
N ASP G 45 -5.12 -41.25 -10.25
CA ASP G 45 -5.20 -42.24 -9.19
C ASP G 45 -4.74 -41.57 -7.90
N PHE G 46 -5.44 -41.79 -6.81
CA PHE G 46 -4.97 -41.28 -5.52
C PHE G 46 -5.36 -42.22 -4.42
N THR G 47 -4.67 -42.11 -3.28
CA THR G 47 -5.12 -42.73 -2.03
C THR G 47 -4.96 -41.73 -0.91
N SER G 48 -5.73 -41.95 0.15
CA SER G 48 -5.83 -40.93 1.17
C SER G 48 -6.53 -41.37 2.45
N GLY G 49 -5.92 -41.09 3.61
CA GLY G 49 -6.55 -41.48 4.85
C GLY G 49 -5.76 -41.20 6.11
N LYS G 50 -6.41 -41.47 7.25
CA LYS G 50 -5.78 -41.42 8.55
C LYS G 50 -5.79 -42.84 9.14
N GLY G 51 -4.81 -43.06 10.00
CA GLY G 51 -4.74 -44.28 10.80
C GLY G 51 -3.48 -44.37 11.62
N TRP G 52 -2.64 -45.41 11.36
CA TRP G 52 -1.48 -45.67 12.20
C TRP G 52 -0.26 -46.06 11.39
N ASN G 53 0.91 -45.72 11.91
CA ASN G 53 2.18 -46.08 11.31
C ASN G 53 3.34 -46.10 12.28
N PRO G 54 3.94 -47.27 12.53
CA PRO G 54 3.52 -48.60 12.02
C PRO G 54 2.19 -49.05 12.67
N ALA G 55 1.36 -49.73 11.92
CA ALA G 55 0.09 -50.17 12.46
C ALA G 55 0.31 -51.40 13.33
N ASN G 56 -0.76 -51.83 13.97
CA ASN G 56 -0.71 -53.06 14.72
C ASN G 56 -2.06 -53.77 14.77
N ALA G 57 -2.60 -54.11 13.60
CA ALA G 57 -3.93 -54.80 13.56
C ALA G 57 -4.97 -54.17 14.51
N GLN G 58 -5.03 -52.84 14.54
CA GLN G 58 -5.95 -52.09 15.39
C GLN G 58 -7.38 -52.49 15.08
N THR G 59 -8.28 -52.49 16.03
CA THR G 59 -9.70 -52.60 15.77
C THR G 59 -10.20 -51.16 15.53
N VAL G 60 -10.61 -50.94 14.30
CA VAL G 60 -10.91 -49.67 13.72
C VAL G 60 -12.40 -49.30 13.84
N THR G 61 -12.65 -48.13 14.40
CA THR G 61 -13.97 -47.53 14.35
C THR G 61 -13.97 -46.26 13.46
N TYR G 62 -14.96 -46.15 12.58
CA TYR G 62 -15.00 -45.06 11.62
C TYR G 62 -16.47 -44.69 11.32
N SER G 63 -16.68 -43.43 10.96
CA SER G 63 -17.94 -42.99 10.44
C SER G 63 -17.70 -41.84 9.43
N GLY G 64 -18.75 -41.55 8.66
CA GLY G 64 -18.69 -40.47 7.66
C GLY G 64 -19.55 -40.75 6.47
N GLU G 65 -19.18 -40.13 5.33
CA GLU G 65 -19.94 -40.10 4.09
C GLU G 65 -18.91 -40.46 2.98
N PHE G 66 -19.31 -41.25 1.99
CA PHE G 66 -18.42 -41.58 0.89
C PHE G 66 -19.25 -41.42 -0.35
N ASN G 67 -18.97 -40.43 -1.18
CA ASN G 67 -19.82 -40.04 -2.31
C ASN G 67 -19.05 -40.04 -3.58
N PRO G 68 -18.74 -41.23 -4.09
CA PRO G 68 -18.03 -41.29 -5.35
C PRO G 68 -19.05 -41.13 -6.52
N ASN G 69 -18.64 -40.55 -7.65
CA ASN G 69 -19.53 -40.58 -8.81
C ASN G 69 -19.33 -41.95 -9.55
N GLY G 70 -18.08 -42.19 -9.97
CA GLY G 70 -17.66 -43.45 -10.57
C GLY G 70 -16.73 -44.34 -9.72
N ASN G 71 -15.49 -44.59 -10.16
CA ASN G 71 -14.60 -45.64 -9.55
C ASN G 71 -13.77 -45.14 -8.32
N ALA G 72 -14.19 -45.58 -7.11
CA ALA G 72 -13.50 -45.28 -5.91
C ALA G 72 -13.77 -46.34 -4.81
N TYR G 73 -12.81 -46.44 -3.90
CA TYR G 73 -12.75 -47.46 -2.90
C TYR G 73 -12.79 -46.81 -1.55
N LEU G 74 -13.47 -47.47 -0.62
CA LEU G 74 -13.41 -47.06 0.79
C LEU G 74 -13.05 -48.30 1.55
N ALA G 75 -11.85 -48.32 2.08
CA ALA G 75 -11.34 -49.52 2.69
C ALA G 75 -10.43 -49.22 3.88
N VAL G 76 -10.37 -50.18 4.82
CA VAL G 76 -9.19 -50.27 5.69
C VAL G 76 -8.04 -50.83 4.87
N TYR G 77 -6.95 -50.07 4.77
CA TYR G 77 -5.97 -50.26 3.74
C TYR G 77 -4.60 -50.07 4.32
N GLY G 78 -3.64 -50.87 3.89
CA GLY G 78 -2.35 -50.90 4.60
C GLY G 78 -1.41 -51.77 3.83
N TRP G 79 -0.22 -51.91 4.36
CA TRP G 79 0.87 -52.60 3.65
C TRP G 79 1.62 -53.35 4.71
N THR G 80 2.27 -54.41 4.28
CA THR G 80 3.33 -55.02 5.02
C THR G 80 4.58 -55.06 4.18
N THR G 81 5.69 -55.31 4.89
CA THR G 81 7.02 -55.48 4.30
C THR G 81 7.56 -56.81 4.82
N ASP G 82 8.40 -57.40 4.00
CA ASP G 82 9.13 -58.64 4.28
C ASP G 82 8.15 -59.75 4.60
N PRO G 83 7.29 -60.11 3.65
CA PRO G 83 7.11 -59.64 2.28
C PRO G 83 6.28 -58.37 2.17
N LEU G 84 6.42 -57.75 1.00
CA LEU G 84 5.65 -56.58 0.59
C LEU G 84 4.22 -57.05 0.24
N VAL G 85 3.22 -56.63 1.03
CA VAL G 85 1.83 -56.92 0.73
C VAL G 85 1.04 -55.61 0.72
N GLU G 86 0.16 -55.43 -0.23
CA GLU G 86 -0.85 -54.39 -0.13
C GLU G 86 -2.22 -55.08 0.21
N TYR G 87 -2.97 -54.51 1.14
CA TYR G 87 -4.22 -55.14 1.58
C TYR G 87 -5.38 -54.14 1.75
N TYR G 88 -6.59 -54.61 1.51
CA TYR G 88 -7.84 -53.85 1.59
C TYR G 88 -8.90 -54.64 2.32
N ILE G 89 -9.54 -54.04 3.29
CA ILE G 89 -10.81 -54.55 3.83
C ILE G 89 -11.79 -53.54 3.36
N LEU G 90 -12.47 -53.92 2.28
CA LEU G 90 -13.15 -52.97 1.40
C LEU G 90 -14.60 -52.92 1.91
N GLU G 91 -14.93 -51.77 2.47
CA GLU G 91 -16.23 -51.48 3.08
C GLU G 91 -17.25 -51.02 2.05
N SER G 92 -16.88 -50.05 1.22
CA SER G 92 -17.75 -49.67 0.10
C SER G 92 -16.88 -49.37 -1.10
N TYR G 93 -17.52 -49.16 -2.24
CA TYR G 93 -16.81 -48.83 -3.50
C TYR G 93 -17.86 -48.29 -4.42
N GLY G 94 -17.45 -47.84 -5.61
CA GLY G 94 -18.35 -47.14 -6.51
C GLY G 94 -18.81 -48.02 -7.64
N THR G 95 -18.57 -47.57 -8.87
CA THR G 95 -19.05 -48.26 -10.08
C THR G 95 -18.25 -49.49 -10.49
N TYR G 96 -17.10 -49.72 -9.86
CA TYR G 96 -16.23 -50.84 -10.19
C TYR G 96 -15.93 -51.68 -8.92
N ASN G 97 -16.31 -52.95 -8.96
CA ASN G 97 -15.99 -53.91 -7.93
C ASN G 97 -14.64 -54.55 -8.20
N PRO G 98 -13.62 -54.16 -7.43
CA PRO G 98 -12.25 -54.66 -7.66
C PRO G 98 -12.10 -56.18 -7.65
N SER G 99 -13.03 -56.89 -7.03
CA SER G 99 -12.93 -58.35 -7.03
C SER G 99 -13.45 -59.05 -8.29
N SER G 100 -13.95 -58.33 -9.30
CA SER G 100 -14.37 -58.99 -10.57
C SER G 100 -13.28 -59.80 -11.15
N GLY G 101 -13.57 -61.04 -11.49
CA GLY G 101 -12.58 -61.92 -12.10
C GLY G 101 -11.62 -62.57 -11.15
N LEU G 102 -11.67 -62.21 -9.87
CA LEU G 102 -10.76 -62.79 -8.92
C LEU G 102 -11.40 -64.09 -8.42
N THR G 103 -10.59 -65.03 -8.03
CA THR G 103 -11.10 -66.35 -7.64
C THR G 103 -11.33 -66.31 -6.16
N LEU G 104 -12.51 -66.69 -5.74
CA LEU G 104 -12.96 -66.57 -4.36
C LEU G 104 -12.28 -67.60 -3.46
N LEU G 105 -11.60 -67.14 -2.43
CA LEU G 105 -10.82 -68.05 -1.59
C LEU G 105 -11.60 -68.55 -0.38
N GLY G 106 -12.66 -67.86 0.00
CA GLY G 106 -13.31 -68.11 1.31
C GLY G 106 -14.01 -66.81 1.76
N GLN G 107 -14.68 -66.86 2.89
CA GLN G 107 -15.35 -65.75 3.48
C GLN G 107 -14.84 -65.64 4.88
N VAL G 108 -14.97 -64.46 5.46
CA VAL G 108 -14.81 -64.23 6.88
C VAL G 108 -16.00 -63.39 7.34
N THR G 109 -16.53 -63.68 8.50
CA THR G 109 -17.59 -62.85 9.00
C THR G 109 -17.09 -62.11 10.24
N SER G 110 -17.39 -60.84 10.31
CA SER G 110 -16.72 -59.97 11.28
C SER G 110 -17.53 -58.68 11.36
N ASP G 111 -17.75 -58.21 12.58
CA ASP G 111 -18.40 -56.94 12.88
C ASP G 111 -19.72 -56.84 12.20
N GLY G 112 -20.41 -57.97 12.24
CA GLY G 112 -21.77 -58.04 11.77
C GLY G 112 -21.88 -58.09 10.27
N GLY G 113 -20.78 -58.30 9.52
CA GLY G 113 -20.91 -58.42 8.07
C GLY G 113 -20.15 -59.63 7.55
N THR G 114 -20.27 -59.88 6.26
CA THR G 114 -19.57 -60.99 5.59
C THR G 114 -18.73 -60.42 4.51
N TYR G 115 -17.53 -60.95 4.37
CA TYR G 115 -16.57 -60.44 3.45
C TYR G 115 -15.99 -61.61 2.65
N ASP G 116 -15.95 -61.45 1.34
CA ASP G 116 -15.30 -62.38 0.44
C ASP G 116 -13.78 -62.17 0.36
N ILE G 117 -13.00 -63.26 0.33
CA ILE G 117 -11.57 -63.15 0.43
C ILE G 117 -10.96 -63.51 -0.91
N TYR G 118 -10.11 -62.62 -1.41
CA TYR G 118 -9.36 -62.81 -2.67
C TYR G 118 -7.90 -62.36 -2.57
N SER G 119 -7.10 -62.78 -3.55
CA SER G 119 -5.71 -62.37 -3.60
C SER G 119 -5.32 -62.33 -5.07
N THR G 120 -4.50 -61.33 -5.44
CA THR G 120 -3.98 -61.19 -6.78
C THR G 120 -2.60 -60.57 -6.81
N GLN G 121 -1.90 -60.74 -7.92
CA GLN G 121 -0.53 -60.24 -8.06
C GLN G 121 -0.60 -58.91 -8.78
N ARG G 122 0.18 -57.95 -8.31
CA ARG G 122 0.32 -56.69 -9.02
C ARG G 122 1.74 -56.72 -9.57
N VAL G 123 1.92 -56.43 -10.88
CA VAL G 123 3.27 -56.39 -11.50
C VAL G 123 3.69 -54.95 -11.87
N ASP G 124 4.89 -54.56 -11.41
CA ASP G 124 5.44 -53.18 -11.56
C ASP G 124 4.47 -52.02 -11.31
N GLN G 125 3.83 -52.01 -10.14
CA GLN G 125 2.90 -50.94 -9.79
C GLN G 125 3.51 -50.09 -8.70
N PRO G 126 2.89 -48.94 -8.42
CA PRO G 126 3.22 -48.06 -7.30
C PRO G 126 3.01 -48.79 -5.97
N SER G 127 3.95 -48.58 -5.06
CA SER G 127 3.99 -49.22 -3.74
C SER G 127 4.78 -48.33 -2.80
N ILE G 128 4.78 -48.67 -1.50
CA ILE G 128 5.54 -47.95 -0.51
C ILE G 128 7.04 -48.09 -0.75
N GLU G 129 7.47 -49.00 -1.64
CA GLU G 129 8.88 -49.18 -1.96
C GLU G 129 9.14 -48.89 -3.44
N GLY G 130 8.55 -47.82 -3.96
CA GLY G 130 8.68 -47.45 -5.36
C GLY G 130 7.94 -48.44 -6.23
N THR G 131 8.29 -48.52 -7.52
CA THR G 131 7.61 -49.42 -8.42
C THR G 131 8.03 -50.82 -8.13
N SER G 132 7.05 -51.72 -7.98
CA SER G 132 7.33 -52.99 -7.38
C SER G 132 6.31 -54.04 -7.81
N THR G 133 6.61 -55.32 -7.55
CA THR G 133 5.70 -56.45 -7.82
C THR G 133 5.39 -57.22 -6.52
N PHE G 134 4.10 -57.29 -6.13
CA PHE G 134 3.67 -57.76 -4.79
C PHE G 134 2.28 -58.42 -4.81
N ASN G 135 1.99 -59.21 -3.79
CA ASN G 135 0.61 -59.65 -3.67
C ASN G 135 -0.29 -58.56 -3.12
N GLN G 136 -1.56 -58.65 -3.49
CA GLN G 136 -2.62 -57.78 -2.98
C GLN G 136 -3.78 -58.65 -2.41
N TYR G 137 -4.12 -58.41 -1.15
CA TYR G 137 -5.14 -59.19 -0.45
C TYR G 137 -6.40 -58.37 -0.27
N TRP G 138 -7.55 -59.02 -0.46
CA TRP G 138 -8.87 -58.39 -0.25
C TRP G 138 -9.78 -59.16 0.66
N SER G 139 -10.46 -58.42 1.53
CA SER G 139 -11.71 -58.83 2.15
C SER G 139 -12.76 -57.85 1.56
N VAL G 140 -13.67 -58.35 0.75
CA VAL G 140 -14.65 -57.46 0.18
C VAL G 140 -16.00 -57.67 0.86
N ARG G 141 -16.52 -56.66 1.54
CA ARG G 141 -17.84 -56.80 2.19
C ARG G 141 -18.93 -57.09 1.14
N THR G 142 -19.82 -58.07 1.41
CA THR G 142 -20.82 -58.55 0.43
C THR G 142 -21.93 -57.55 0.24
N GLU G 143 -22.17 -56.70 1.22
CA GLU G 143 -22.99 -55.51 1.05
C GLU G 143 -22.17 -54.30 1.47
N LYS G 144 -22.34 -53.20 0.74
CA LYS G 144 -21.58 -51.97 0.96
C LYS G 144 -21.98 -51.32 2.26
N ARG G 145 -21.04 -50.80 3.02
CA ARG G 145 -21.44 -49.93 4.10
C ARG G 145 -20.46 -48.80 4.33
N VAL G 146 -20.98 -47.75 4.91
CA VAL G 146 -20.18 -46.65 5.24
C VAL G 146 -20.28 -46.37 6.74
N GLY G 147 -19.38 -46.94 7.51
CA GLY G 147 -19.21 -46.56 8.93
C GLY G 147 -19.43 -47.80 9.79
N GLY G 148 -18.69 -47.89 10.88
CA GLY G 148 -18.92 -48.97 11.83
C GLY G 148 -17.58 -49.39 12.38
N THR G 149 -17.50 -50.65 12.80
CA THR G 149 -16.26 -51.19 13.32
C THR G 149 -15.68 -52.25 12.44
N VAL G 150 -14.35 -52.28 12.32
CA VAL G 150 -13.64 -53.30 11.58
C VAL G 150 -12.50 -53.85 12.44
N THR G 151 -12.64 -55.11 12.79
CA THR G 151 -11.72 -55.73 13.69
C THR G 151 -10.68 -56.38 12.80
N THR G 152 -9.60 -55.65 12.50
CA THR G 152 -8.67 -56.10 11.50
C THR G 152 -8.04 -57.45 11.79
N ALA G 153 -7.81 -57.76 13.06
CA ALA G 153 -7.19 -59.03 13.45
C ALA G 153 -8.02 -60.23 12.93
N ASN G 154 -9.35 -60.12 12.89
CA ASN G 154 -10.22 -61.17 12.28
C ASN G 154 -9.94 -61.43 10.85
N HIS G 155 -9.73 -60.35 10.12
CA HIS G 155 -9.39 -60.45 8.70
C HIS G 155 -7.99 -61.02 8.50
N PHE G 156 -7.02 -60.47 9.23
CA PHE G 156 -5.63 -60.98 9.11
C PHE G 156 -5.57 -62.48 9.53
N ALA G 157 -6.34 -62.91 10.52
CA ALA G 157 -6.29 -64.36 10.86
C ALA G 157 -6.93 -65.21 9.74
N ALA G 158 -8.06 -64.72 9.17
CA ALA G 158 -8.77 -65.46 8.13
C ALA G 158 -7.87 -65.61 6.91
N TRP G 159 -7.20 -64.53 6.55
CA TRP G 159 -6.30 -64.54 5.38
C TRP G 159 -5.12 -65.54 5.53
N LYS G 160 -4.57 -65.61 6.74
CA LYS G 160 -3.41 -66.46 7.00
C LYS G 160 -3.87 -67.93 7.02
N ALA G 161 -5.04 -68.17 7.61
CA ALA G 161 -5.73 -69.46 7.55
C ALA G 161 -5.88 -70.02 6.16
N LEU G 162 -5.79 -69.19 5.12
CA LEU G 162 -5.89 -69.64 3.76
C LEU G 162 -4.56 -69.57 3.06
N GLY G 163 -3.45 -69.45 3.79
CA GLY G 163 -2.10 -69.35 3.21
C GLY G 163 -1.63 -67.99 2.69
N LEU G 164 -2.31 -66.92 3.07
CA LEU G 164 -1.90 -65.63 2.56
C LEU G 164 -1.00 -65.07 3.65
N GLU G 165 0.28 -65.00 3.34
CA GLU G 165 1.33 -64.67 4.33
C GLU G 165 1.36 -63.15 4.46
N MET G 166 1.52 -62.69 5.69
CA MET G 166 1.63 -61.27 5.98
C MET G 166 3.00 -60.95 6.52
N GLY G 167 3.60 -59.87 6.01
CA GLY G 167 4.85 -59.35 6.57
C GLY G 167 4.75 -58.50 7.85
N THR G 168 5.74 -57.62 8.04
CA THR G 168 5.78 -56.64 9.08
C THR G 168 4.84 -55.50 8.71
N TYR G 169 3.98 -55.13 9.65
CA TYR G 169 3.00 -54.06 9.40
C TYR G 169 3.76 -52.76 9.16
N ASN G 170 3.48 -52.16 8.02
CA ASN G 170 3.70 -50.75 7.78
C ASN G 170 2.43 -49.96 8.20
N TYR G 171 1.98 -48.99 7.42
CA TYR G 171 0.87 -48.16 7.84
C TYR G 171 -0.44 -48.86 7.59
N MET G 172 -1.44 -48.41 8.30
CA MET G 172 -2.80 -48.91 8.02
C MET G 172 -3.73 -47.73 8.25
N ILE G 173 -4.57 -47.45 7.26
CA ILE G 173 -5.43 -46.29 7.29
C ILE G 173 -6.84 -46.66 6.82
N VAL G 174 -7.79 -45.78 7.10
CA VAL G 174 -9.07 -45.87 6.43
C VAL G 174 -8.90 -45.01 5.19
N SER G 175 -8.75 -45.66 4.03
CA SER G 175 -8.38 -44.96 2.80
C SER G 175 -9.59 -44.74 1.88
N THR G 176 -9.69 -43.54 1.37
CA THR G 176 -10.52 -43.25 0.22
C THR G 176 -9.60 -43.29 -0.97
N GLU G 177 -9.91 -44.13 -1.94
CA GLU G 177 -9.06 -44.28 -3.13
C GLU G 177 -9.90 -44.03 -4.36
N GLY G 178 -9.33 -43.33 -5.35
CA GLY G 178 -10.06 -42.95 -6.51
C GLY G 178 -9.29 -43.31 -7.74
N TYR G 179 -10.04 -43.54 -8.82
CA TYR G 179 -9.41 -43.81 -10.12
C TYR G 179 -10.28 -43.38 -11.24
N GLU G 180 -9.79 -42.40 -12.03
CA GLU G 180 -10.46 -41.85 -13.17
C GLU G 180 -11.87 -41.46 -12.85
N SER G 181 -12.06 -40.77 -11.73
CA SER G 181 -13.41 -40.51 -11.24
C SER G 181 -13.46 -39.16 -10.58
N SER G 182 -14.61 -38.85 -10.02
CA SER G 182 -14.77 -37.67 -9.16
C SER G 182 -15.53 -38.03 -7.93
N GLY G 183 -15.49 -37.16 -6.93
CA GLY G 183 -16.36 -37.31 -5.77
C GLY G 183 -15.84 -36.61 -4.54
N SER G 184 -16.43 -36.99 -3.40
CA SER G 184 -15.92 -36.62 -2.13
C SER G 184 -16.20 -37.66 -1.13
N SER G 185 -15.42 -37.56 -0.06
CA SER G 185 -15.64 -38.38 1.11
C SER G 185 -15.06 -37.74 2.36
N THR G 186 -15.61 -38.09 3.52
CA THR G 186 -15.13 -37.59 4.84
C THR G 186 -15.33 -38.68 5.80
N ILE G 187 -14.31 -38.90 6.61
CA ILE G 187 -14.26 -40.08 7.46
C ILE G 187 -13.53 -39.65 8.69
N THR G 188 -14.01 -40.09 9.84
CA THR G 188 -13.33 -39.84 11.03
C THR G 188 -12.98 -41.21 11.62
N VAL G 189 -11.68 -41.41 11.84
CA VAL G 189 -11.17 -42.67 12.26
C VAL G 189 -10.96 -42.62 13.77
N SER G 190 -11.15 -43.75 14.46
CA SER G 190 -10.73 -43.90 15.86
C SER G 190 -10.33 -45.34 16.18
N CYS H 2 -4.25 2.75 -22.14
CA CYS H 2 -5.00 3.65 -23.03
C CYS H 2 -5.80 2.86 -24.03
N ILE H 3 -6.85 3.45 -24.55
CA ILE H 3 -7.73 2.78 -25.45
C ILE H 3 -8.03 3.66 -26.64
N THR H 4 -8.12 3.06 -27.82
CA THR H 4 -8.27 3.83 -29.09
C THR H 4 -9.46 3.35 -29.94
N THR H 5 -10.15 2.36 -29.45
CA THR H 5 -11.43 1.96 -29.98
C THR H 5 -12.53 2.09 -28.98
N SER H 6 -13.79 2.10 -29.45
CA SER H 6 -14.92 2.41 -28.55
C SER H 6 -15.01 1.37 -27.45
N GLN H 7 -15.48 1.78 -26.29
CA GLN H 7 -15.44 0.88 -25.11
C GLN H 7 -16.23 1.48 -23.95
N THR H 8 -16.92 0.62 -23.22
CA THR H 8 -17.61 1.03 -22.01
C THR H 8 -17.26 0.02 -20.95
N GLY H 9 -17.24 0.48 -19.70
CA GLY H 9 -16.87 -0.34 -18.57
C GLY H 9 -17.01 0.44 -17.31
N THR H 10 -16.57 -0.15 -16.21
CA THR H 10 -16.47 0.59 -14.95
C THR H 10 -14.96 0.65 -14.56
N HIS H 11 -14.55 1.65 -13.79
CA HIS H 11 -13.12 1.87 -13.44
C HIS H 11 -13.03 2.75 -12.20
N ASN H 12 -12.46 2.17 -11.14
CA ASN H 12 -12.34 2.89 -9.89
C ASN H 12 -13.64 3.46 -9.39
N GLY H 13 -14.67 2.66 -9.52
CA GLY H 13 -15.98 2.96 -9.07
C GLY H 13 -16.81 3.87 -9.98
N TYR H 14 -16.30 4.17 -11.21
CA TYR H 14 -16.99 5.06 -12.12
C TYR H 14 -17.19 4.40 -13.49
N TYR H 15 -18.42 4.59 -14.00
CA TYR H 15 -18.73 4.24 -15.38
C TYR H 15 -17.83 5.07 -16.28
N TYR H 16 -17.43 4.48 -17.41
CA TYR H 16 -16.71 5.21 -18.46
C TYR H 16 -17.28 4.79 -19.81
N SER H 17 -17.35 5.76 -20.68
CA SER H 17 -17.80 5.57 -22.05
C SER H 17 -16.83 6.26 -22.98
N PHE H 18 -16.36 5.47 -23.95
CA PHE H 18 -15.62 5.99 -25.06
C PHE H 18 -16.32 5.55 -26.36
N TRP H 19 -16.67 6.50 -27.18
CA TRP H 19 -17.18 6.23 -28.51
C TRP H 19 -16.39 7.02 -29.56
N THR H 20 -15.93 6.37 -30.63
CA THR H 20 -15.40 7.14 -31.77
C THR H 20 -15.98 6.63 -33.07
N ASN H 21 -16.22 7.54 -34.03
CA ASN H 21 -16.54 7.08 -35.40
C ASN H 21 -15.31 6.62 -36.13
N GLY H 22 -14.17 6.59 -35.44
CA GLY H 22 -12.95 6.04 -35.96
C GLY H 22 -12.06 7.00 -36.74
N GLY H 23 -12.50 8.25 -36.94
CA GLY H 23 -11.67 9.24 -37.63
C GLY H 23 -10.44 9.71 -36.85
N GLY H 24 -9.33 9.95 -37.57
CA GLY H 24 -8.07 10.44 -36.98
C GLY H 24 -7.53 9.53 -35.89
N GLU H 25 -6.79 10.09 -34.93
CA GLU H 25 -6.49 9.27 -33.73
C GLU H 25 -7.03 9.93 -32.48
N VAL H 26 -7.57 9.06 -31.66
CA VAL H 26 -8.19 9.49 -30.45
C VAL H 26 -7.76 8.46 -29.48
N THR H 27 -7.20 8.93 -28.37
CA THR H 27 -6.68 8.03 -27.32
C THR H 27 -7.16 8.49 -25.95
N MET H 28 -7.94 7.62 -25.32
CA MET H 28 -8.46 7.87 -24.01
C MET H 28 -7.70 7.03 -23.02
N CYS H 29 -7.40 7.69 -21.91
CA CYS H 29 -6.57 7.14 -20.84
C CYS H 29 -7.21 7.31 -19.47
N LEU H 30 -7.37 6.16 -18.80
CA LEU H 30 -8.09 6.14 -17.52
C LEU H 30 -7.11 6.35 -16.35
N GLY H 31 -7.48 7.16 -15.32
CA GLY H 31 -6.63 7.43 -14.17
C GLY H 31 -7.31 7.00 -12.86
N PRO H 32 -6.64 7.18 -11.71
CA PRO H 32 -7.27 6.86 -10.42
C PRO H 32 -8.58 7.63 -10.20
N GLY H 33 -9.43 7.05 -9.36
CA GLY H 33 -10.68 7.62 -8.99
C GLY H 33 -11.46 7.97 -10.21
N GLY H 34 -11.96 9.20 -10.28
CA GLY H 34 -12.82 9.58 -11.39
C GLY H 34 -12.11 10.25 -12.53
N GLU H 35 -10.81 9.92 -12.71
CA GLU H 35 -10.04 10.65 -13.67
C GLU H 35 -10.03 9.97 -15.02
N TYR H 36 -10.11 10.75 -16.12
CA TYR H 36 -9.89 10.22 -17.47
C TYR H 36 -9.18 11.35 -18.24
N SER H 37 -8.54 11.03 -19.35
CA SER H 37 -7.98 12.04 -20.27
C SER H 37 -8.18 11.57 -21.71
N VAL H 38 -8.21 12.49 -22.66
CA VAL H 38 -8.29 12.10 -24.07
C VAL H 38 -7.40 12.99 -24.92
N THR H 39 -6.66 12.37 -25.84
CA THR H 39 -5.89 13.17 -26.78
C THR H 39 -6.19 12.72 -28.17
N TRP H 40 -6.44 13.72 -29.01
CA TRP H 40 -6.92 13.45 -30.36
C TRP H 40 -6.29 14.40 -31.37
N VAL H 41 -6.15 13.93 -32.60
CA VAL H 41 -5.68 14.76 -33.73
C VAL H 41 -6.48 14.38 -34.98
N ASN H 42 -7.01 15.42 -35.58
CA ASN H 42 -7.80 15.35 -36.77
C ASN H 42 -8.88 14.31 -36.60
N CYS H 43 -9.72 14.48 -35.56
CA CYS H 43 -10.74 13.45 -35.31
C CYS H 43 -11.88 13.49 -36.31
N GLY H 44 -12.68 12.42 -36.34
CA GLY H 44 -13.99 12.39 -36.98
C GLY H 44 -14.96 12.98 -35.99
N ASP H 45 -15.59 12.12 -35.20
CA ASP H 45 -16.45 12.52 -34.03
C ASP H 45 -16.13 11.53 -32.92
N PHE H 46 -16.05 11.98 -31.66
CA PHE H 46 -15.88 11.07 -30.55
C PHE H 46 -16.43 11.69 -29.27
N THR H 47 -16.84 10.83 -28.33
CA THR H 47 -17.26 11.29 -27.00
C THR H 47 -16.49 10.44 -25.99
N SER H 48 -16.33 10.91 -24.76
CA SER H 48 -15.37 10.29 -23.89
C SER H 48 -15.50 10.83 -22.49
N GLY H 49 -15.64 10.00 -21.46
CA GLY H 49 -15.65 10.52 -20.08
C GLY H 49 -16.02 9.46 -19.05
N LYS H 50 -16.12 9.94 -17.83
CA LYS H 50 -16.52 9.14 -16.68
C LYS H 50 -17.76 9.69 -15.99
N GLY H 51 -18.50 8.82 -15.35
CA GLY H 51 -19.74 9.20 -14.72
C GLY H 51 -20.50 7.99 -14.20
N TRP H 52 -21.72 7.78 -14.69
CA TRP H 52 -22.68 6.88 -14.04
C TRP H 52 -23.52 6.22 -15.10
N ASN H 53 -23.81 4.95 -14.91
CA ASN H 53 -24.76 4.29 -15.75
C ASN H 53 -25.46 3.11 -15.01
N PRO H 54 -26.80 3.09 -14.90
CA PRO H 54 -27.78 4.09 -15.23
C PRO H 54 -27.53 5.27 -14.32
N ALA H 55 -27.64 6.49 -14.82
CA ALA H 55 -27.46 7.67 -14.00
C ALA H 55 -28.72 8.06 -13.24
N ASN H 56 -28.62 9.04 -12.37
CA ASN H 56 -29.78 9.49 -11.60
C ASN H 56 -29.74 10.93 -11.19
N ALA H 57 -29.46 11.79 -12.19
CA ALA H 57 -29.44 13.23 -11.94
C ALA H 57 -28.49 13.58 -10.81
N GLN H 58 -27.31 12.97 -10.82
CA GLN H 58 -26.23 13.27 -9.84
C GLN H 58 -25.81 14.72 -9.94
N THR H 59 -25.47 15.26 -8.79
CA THR H 59 -24.63 16.43 -8.76
C THR H 59 -23.18 15.98 -8.98
N VAL H 60 -22.45 16.63 -9.87
CA VAL H 60 -21.09 16.25 -10.22
C VAL H 60 -20.20 17.44 -9.91
N THR H 61 -19.04 17.16 -9.31
CA THR H 61 -17.98 18.15 -9.20
C THR H 61 -16.84 17.65 -10.10
N TYR H 62 -16.31 18.49 -10.97
CA TYR H 62 -15.19 18.09 -11.84
C TYR H 62 -14.12 19.19 -11.88
N SER H 63 -12.89 18.77 -12.17
CA SER H 63 -11.77 19.69 -12.43
C SER H 63 -10.91 19.08 -13.49
N GLY H 64 -9.95 19.85 -13.94
CA GLY H 64 -9.04 19.42 -14.99
C GLY H 64 -8.75 20.57 -15.97
N GLU H 65 -8.50 20.21 -17.20
CA GLU H 65 -7.93 21.07 -18.22
C GLU H 65 -8.53 20.66 -19.53
N PHE H 66 -8.96 21.61 -20.37
CA PHE H 66 -9.64 21.37 -21.63
C PHE H 66 -8.92 22.23 -22.69
N ASN H 67 -8.32 21.60 -23.71
CA ASN H 67 -7.47 22.28 -24.68
C ASN H 67 -7.82 21.91 -26.15
N PRO H 68 -9.02 22.28 -26.60
CA PRO H 68 -9.36 22.04 -27.96
C PRO H 68 -8.52 22.96 -28.79
N ASN H 69 -8.15 22.63 -30.00
CA ASN H 69 -7.79 23.78 -30.78
C ASN H 69 -8.97 24.16 -31.66
N GLY H 70 -9.53 23.22 -32.42
CA GLY H 70 -10.82 23.56 -33.11
C GLY H 70 -12.16 23.35 -32.38
N ASN H 71 -13.06 22.60 -33.03
CA ASN H 71 -14.41 22.26 -32.50
C ASN H 71 -14.38 21.10 -31.51
N ALA H 72 -14.62 21.43 -30.24
CA ALA H 72 -14.82 20.42 -29.22
C ALA H 72 -15.70 20.98 -28.11
N TYR H 73 -16.25 20.08 -27.30
CA TYR H 73 -17.23 20.43 -26.29
C TYR H 73 -16.71 19.84 -25.00
N LEU H 74 -16.96 20.53 -23.89
CA LEU H 74 -16.86 19.95 -22.54
C LEU H 74 -18.24 20.11 -21.87
N ALA H 75 -18.86 18.97 -21.58
CA ALA H 75 -20.25 18.94 -21.06
C ALA H 75 -20.57 17.80 -20.16
N VAL H 76 -21.50 18.04 -19.25
CA VAL H 76 -22.12 16.89 -18.59
C VAL H 76 -23.11 16.38 -19.67
N TYR H 77 -22.99 15.13 -20.01
CA TYR H 77 -23.54 14.59 -21.27
C TYR H 77 -24.18 13.21 -21.05
N GLY H 78 -25.35 13.00 -21.61
CA GLY H 78 -25.95 11.70 -21.43
C GLY H 78 -27.20 11.48 -22.28
N TRP H 79 -27.87 10.38 -21.99
CA TRP H 79 -29.06 9.99 -22.67
C TRP H 79 -30.18 9.54 -21.79
N THR H 80 -31.37 9.55 -22.40
CA THR H 80 -32.51 8.86 -21.85
C THR H 80 -33.14 8.03 -22.95
N THR H 81 -33.94 7.06 -22.54
CA THR H 81 -34.70 6.16 -23.45
C THR H 81 -36.19 6.31 -23.20
N ASP H 82 -37.04 6.10 -24.23
CA ASP H 82 -38.49 6.09 -23.99
C ASP H 82 -38.98 7.36 -23.24
N PRO H 83 -38.80 8.57 -23.80
CA PRO H 83 -38.20 8.77 -25.11
C PRO H 83 -36.66 8.84 -25.11
N LEU H 84 -36.13 8.62 -26.29
CA LEU H 84 -34.74 8.78 -26.63
C LEU H 84 -34.37 10.23 -26.79
N VAL H 85 -33.40 10.66 -25.95
CA VAL H 85 -33.01 12.05 -25.80
C VAL H 85 -31.56 12.06 -25.49
N GLU H 86 -30.81 12.96 -26.15
CA GLU H 86 -29.39 13.20 -25.90
C GLU H 86 -29.29 14.61 -25.29
N TYR H 87 -28.51 14.78 -24.19
CA TYR H 87 -28.52 16.11 -23.58
C TYR H 87 -27.18 16.52 -23.22
N TYR H 88 -26.95 17.84 -23.23
CA TYR H 88 -25.65 18.43 -22.91
C TYR H 88 -25.85 19.58 -21.91
N ILE H 89 -25.04 19.56 -20.84
CA ILE H 89 -24.88 20.77 -20.01
C ILE H 89 -23.51 21.31 -20.32
N LEU H 90 -23.46 22.30 -21.21
CA LEU H 90 -22.21 22.65 -21.88
C LEU H 90 -21.41 23.69 -21.10
N GLU H 91 -20.26 23.26 -20.56
CA GLU H 91 -19.41 24.11 -19.74
C GLU H 91 -18.40 25.00 -20.51
N SER H 92 -17.73 24.40 -21.47
CA SER H 92 -16.81 25.09 -22.34
C SER H 92 -16.90 24.46 -23.68
N TYR H 93 -16.37 25.18 -24.68
CA TYR H 93 -16.29 24.63 -26.04
C TYR H 93 -15.19 25.38 -26.81
N GLY H 94 -14.86 24.89 -28.00
CA GLY H 94 -13.75 25.46 -28.74
C GLY H 94 -14.29 26.54 -29.63
N THR H 95 -14.08 26.36 -30.93
CA THR H 95 -14.38 27.41 -31.88
C THR H 95 -15.83 27.40 -32.33
N TYR H 96 -16.62 26.38 -31.99
CA TYR H 96 -17.98 26.30 -32.50
C TYR H 96 -18.98 26.21 -31.33
N ASN H 97 -19.88 27.18 -31.29
CA ASN H 97 -20.92 27.25 -30.28
C ASN H 97 -22.16 26.55 -30.84
N PRO H 98 -22.51 25.38 -30.28
CA PRO H 98 -23.52 24.55 -30.92
C PRO H 98 -24.92 25.09 -30.73
N SER H 99 -25.06 26.16 -29.95
CA SER H 99 -26.30 26.87 -29.88
C SER H 99 -26.59 27.80 -31.08
N SER H 100 -25.59 28.09 -31.93
CA SER H 100 -25.81 28.95 -33.11
C SER H 100 -27.03 28.59 -33.87
N GLY H 101 -27.95 29.52 -34.06
CA GLY H 101 -29.05 29.27 -34.94
C GLY H 101 -30.17 28.44 -34.32
N LEU H 102 -30.10 28.12 -33.02
CA LEU H 102 -31.19 27.43 -32.36
C LEU H 102 -32.07 28.46 -31.69
N THR H 103 -33.31 28.10 -31.38
CA THR H 103 -34.17 29.08 -30.80
C THR H 103 -34.07 29.03 -29.24
N LEU H 104 -33.74 30.18 -28.68
CA LEU H 104 -33.60 30.33 -27.23
C LEU H 104 -34.91 30.08 -26.48
N LEU H 105 -34.89 29.11 -25.57
CA LEU H 105 -36.12 28.75 -24.85
C LEU H 105 -36.20 29.39 -23.48
N GLY H 106 -35.06 29.75 -22.90
CA GLY H 106 -35.05 30.39 -21.58
C GLY H 106 -33.68 30.17 -20.92
N GLN H 107 -33.63 30.41 -19.62
CA GLN H 107 -32.38 30.29 -18.90
C GLN H 107 -32.56 29.47 -17.66
N VAL H 108 -31.47 28.91 -17.21
CA VAL H 108 -31.45 28.39 -15.86
C VAL H 108 -30.21 28.87 -15.15
N THR H 109 -30.32 29.21 -13.86
CA THR H 109 -29.09 29.50 -13.20
C THR H 109 -28.84 28.44 -12.13
N SER H 110 -27.61 28.01 -12.06
CA SER H 110 -27.18 26.89 -11.21
C SER H 110 -25.66 26.97 -11.01
N ASP H 111 -25.23 26.74 -9.77
CA ASP H 111 -23.85 26.57 -9.45
C ASP H 111 -23.06 27.83 -9.80
N GLY H 112 -23.61 28.99 -9.39
CA GLY H 112 -23.08 30.28 -9.73
C GLY H 112 -22.93 30.63 -11.21
N GLY H 113 -23.50 29.87 -12.13
CA GLY H 113 -23.47 30.33 -13.53
C GLY H 113 -24.87 30.47 -14.07
N THR H 114 -24.93 31.02 -15.25
CA THR H 114 -26.20 31.17 -15.98
C THR H 114 -26.05 30.44 -17.26
N TYR H 115 -27.09 29.69 -17.63
CA TYR H 115 -27.08 28.85 -18.82
C TYR H 115 -28.26 29.11 -19.70
N ASP H 116 -28.01 29.22 -21.01
CA ASP H 116 -29.12 29.36 -21.96
C ASP H 116 -29.62 27.97 -22.45
N ILE H 117 -30.94 27.86 -22.60
CA ILE H 117 -31.55 26.59 -22.92
C ILE H 117 -32.07 26.56 -24.38
N TYR H 118 -31.74 25.47 -25.07
CA TYR H 118 -32.18 25.14 -26.43
C TYR H 118 -32.51 23.66 -26.60
N SER H 119 -33.30 23.38 -27.64
CA SER H 119 -33.65 22.04 -28.04
C SER H 119 -33.57 21.95 -29.56
N THR H 120 -33.09 20.83 -30.07
CA THR H 120 -33.09 20.63 -31.51
C THR H 120 -33.27 19.14 -31.86
N GLN H 121 -33.93 18.88 -32.99
CA GLN H 121 -34.17 17.52 -33.44
C GLN H 121 -32.97 17.02 -34.23
N ARG H 122 -32.50 15.83 -33.89
CA ARG H 122 -31.43 15.21 -34.65
C ARG H 122 -32.10 14.19 -35.55
N VAL H 123 -31.85 14.27 -36.86
CA VAL H 123 -32.51 13.35 -37.79
C VAL H 123 -31.53 12.31 -38.30
N ASP H 124 -31.83 11.06 -37.97
CA ASP H 124 -31.01 9.91 -38.37
C ASP H 124 -29.53 10.14 -38.12
N GLN H 125 -29.22 10.33 -36.85
CA GLN H 125 -27.87 10.48 -36.36
C GLN H 125 -27.57 9.32 -35.44
N PRO H 126 -26.27 9.05 -35.16
CA PRO H 126 -25.90 7.95 -34.26
C PRO H 126 -26.47 8.17 -32.89
N SER H 127 -26.81 7.07 -32.23
CA SER H 127 -27.35 7.11 -30.88
C SER H 127 -27.08 5.80 -30.16
N ILE H 128 -27.27 5.77 -28.84
CA ILE H 128 -27.17 4.53 -28.07
C ILE H 128 -28.21 3.50 -28.50
N GLU H 129 -29.27 3.92 -29.21
CA GLU H 129 -30.18 2.95 -29.82
C GLU H 129 -30.03 2.92 -31.33
N GLY H 130 -28.83 3.15 -31.85
CA GLY H 130 -28.61 3.04 -33.27
C GLY H 130 -29.02 4.31 -33.97
N THR H 131 -28.81 4.35 -35.28
CA THR H 131 -29.16 5.53 -36.07
C THR H 131 -30.58 5.89 -35.84
N SER H 132 -30.83 7.12 -35.44
CA SER H 132 -32.14 7.44 -34.93
C SER H 132 -32.53 8.89 -35.06
N THR H 133 -33.77 9.18 -34.82
CA THR H 133 -34.21 10.56 -34.84
C THR H 133 -34.64 10.92 -33.45
N PHE H 134 -34.06 11.97 -32.87
CA PHE H 134 -34.35 12.24 -31.44
C PHE H 134 -34.15 13.68 -31.10
N ASN H 135 -34.77 14.12 -30.01
CA ASN H 135 -34.43 15.42 -29.44
C ASN H 135 -33.03 15.48 -28.75
N GLN H 136 -32.36 16.62 -28.96
CA GLN H 136 -31.13 17.01 -28.31
C GLN H 136 -31.38 18.26 -27.42
N TYR H 137 -31.10 18.15 -26.11
CA TYR H 137 -31.32 19.27 -25.22
C TYR H 137 -29.98 19.86 -24.80
N TRP H 138 -29.89 21.18 -24.70
CA TRP H 138 -28.68 21.93 -24.30
C TRP H 138 -28.99 22.91 -23.19
N SER H 139 -28.09 22.98 -22.22
CA SER H 139 -27.92 24.13 -21.39
C SER H 139 -26.53 24.69 -21.75
N VAL H 140 -26.47 25.89 -22.32
CA VAL H 140 -25.17 26.49 -22.67
C VAL H 140 -24.75 27.57 -21.65
N ARG H 141 -23.74 27.27 -20.85
CA ARG H 141 -23.23 28.25 -19.94
C ARG H 141 -22.90 29.59 -20.66
N THR H 142 -23.29 30.74 -20.10
CA THR H 142 -23.10 32.00 -20.83
C THR H 142 -21.63 32.45 -20.88
N GLU H 143 -20.80 31.96 -19.98
CA GLU H 143 -19.36 32.09 -20.17
C GLU H 143 -18.74 30.78 -19.94
N LYS H 144 -17.68 30.52 -20.69
CA LYS H 144 -17.04 29.25 -20.66
C LYS H 144 -16.40 29.04 -19.29
N ARG H 145 -16.35 27.80 -18.85
CA ARG H 145 -15.72 27.52 -17.59
C ARG H 145 -15.19 26.09 -17.71
N VAL H 146 -14.02 25.82 -17.16
CA VAL H 146 -13.50 24.49 -17.06
C VAL H 146 -13.27 24.17 -15.57
N GLY H 147 -14.28 23.65 -14.89
CA GLY H 147 -14.15 23.14 -13.55
C GLY H 147 -15.19 23.73 -12.65
N GLY H 148 -15.76 22.90 -11.79
CA GLY H 148 -16.73 23.36 -10.80
C GLY H 148 -17.77 22.28 -10.67
N THR H 149 -18.91 22.68 -10.15
CA THR H 149 -19.99 21.79 -9.85
C THR H 149 -21.14 21.97 -10.81
N VAL H 150 -21.76 20.86 -11.23
CA VAL H 150 -23.00 20.91 -11.99
C VAL H 150 -24.12 20.10 -11.33
N THR H 151 -25.15 20.79 -10.89
CA THR H 151 -26.24 20.17 -10.21
C THR H 151 -27.20 19.81 -11.26
N THR H 152 -27.09 18.59 -11.83
CA THR H 152 -27.77 18.29 -13.05
C THR H 152 -29.30 18.35 -12.86
N ALA H 153 -29.80 17.97 -11.68
CA ALA H 153 -31.25 18.07 -11.44
C ALA H 153 -31.84 19.48 -11.63
N ASN H 154 -31.09 20.55 -11.29
CA ASN H 154 -31.55 21.91 -11.64
C ASN H 154 -31.77 22.12 -13.14
N HIS H 155 -30.88 21.55 -13.95
CA HIS H 155 -31.05 21.68 -15.41
C HIS H 155 -32.26 20.90 -15.97
N PHE H 156 -32.40 19.65 -15.56
CA PHE H 156 -33.48 18.80 -15.96
C PHE H 156 -34.86 19.39 -15.55
N ALA H 157 -34.98 19.89 -14.33
CA ALA H 157 -36.18 20.52 -13.88
C ALA H 157 -36.49 21.75 -14.75
N ALA H 158 -35.46 22.49 -15.15
CA ALA H 158 -35.70 23.69 -15.92
C ALA H 158 -36.07 23.30 -17.33
N TRP H 159 -35.47 22.22 -17.84
CA TRP H 159 -35.88 21.70 -19.16
C TRP H 159 -37.36 21.31 -19.19
N LYS H 160 -37.77 20.53 -18.23
CA LYS H 160 -39.12 20.01 -18.19
C LYS H 160 -40.11 21.15 -17.97
N ALA H 161 -39.65 22.16 -17.25
CA ALA H 161 -40.52 23.30 -17.02
C ALA H 161 -40.82 24.00 -18.35
N LEU H 162 -39.96 23.86 -19.33
CA LEU H 162 -40.19 24.46 -20.64
C LEU H 162 -40.85 23.46 -21.58
N GLY H 163 -41.26 22.32 -21.04
CA GLY H 163 -41.93 21.31 -21.79
C GLY H 163 -41.05 20.34 -22.50
N LEU H 164 -39.78 20.23 -22.11
CA LEU H 164 -38.85 19.34 -22.80
C LEU H 164 -38.91 18.06 -22.00
N GLU H 165 -39.28 16.97 -22.63
CA GLU H 165 -39.54 15.72 -21.90
C GLU H 165 -38.28 14.88 -21.77
N MET H 166 -38.09 14.26 -20.60
CA MET H 166 -37.00 13.33 -20.32
C MET H 166 -37.52 11.89 -20.11
N GLY H 167 -36.81 10.90 -20.66
CA GLY H 167 -37.16 9.51 -20.39
C GLY H 167 -36.42 8.88 -19.21
N THR H 168 -36.26 7.56 -19.28
CA THR H 168 -35.47 6.81 -18.35
C THR H 168 -33.97 7.11 -18.55
N TYR H 169 -33.24 7.44 -17.46
CA TYR H 169 -31.86 7.80 -17.54
C TYR H 169 -31.02 6.63 -17.96
N ASN H 170 -30.22 6.84 -18.99
CA ASN H 170 -29.19 5.92 -19.32
C ASN H 170 -27.92 6.51 -18.74
N TYR H 171 -26.80 6.48 -19.45
CA TYR H 171 -25.60 7.01 -18.85
C TYR H 171 -25.53 8.54 -18.81
N MET H 172 -24.68 8.99 -17.88
CA MET H 172 -24.32 10.41 -17.78
C MET H 172 -22.85 10.55 -17.41
N ILE H 173 -22.11 11.28 -18.24
CA ILE H 173 -20.70 11.47 -18.04
C ILE H 173 -20.35 12.92 -18.18
N VAL H 174 -19.15 13.26 -17.71
CA VAL H 174 -18.52 14.54 -17.98
C VAL H 174 -17.65 14.25 -19.22
N SER H 175 -18.20 14.65 -20.38
CA SER H 175 -17.72 14.26 -21.68
C SER H 175 -16.86 15.33 -22.32
N THR H 176 -15.74 14.89 -22.89
CA THR H 176 -15.00 15.63 -23.87
C THR H 176 -15.40 15.07 -25.25
N GLU H 177 -15.88 15.97 -26.10
CA GLU H 177 -16.31 15.60 -27.44
C GLU H 177 -15.62 16.44 -28.49
N GLY H 178 -15.05 15.78 -29.50
CA GLY H 178 -14.39 16.47 -30.59
C GLY H 178 -15.10 16.22 -31.91
N TYR H 179 -15.10 17.25 -32.77
CA TYR H 179 -15.55 17.12 -34.11
C TYR H 179 -14.55 17.77 -35.06
N GLU H 180 -13.95 16.99 -35.97
CA GLU H 180 -13.01 17.55 -36.98
C GLU H 180 -12.03 18.50 -36.40
N SER H 181 -11.34 18.05 -35.35
CA SER H 181 -10.39 18.90 -34.66
C SER H 181 -9.27 18.05 -34.10
N SER H 182 -8.50 18.69 -33.25
CA SER H 182 -7.41 18.08 -32.54
C SER H 182 -7.43 18.66 -31.15
N GLY H 183 -6.85 17.96 -30.19
CA GLY H 183 -6.53 18.65 -28.95
C GLY H 183 -6.27 17.72 -27.80
N SER H 184 -6.60 18.18 -26.61
CA SER H 184 -6.44 17.27 -25.43
C SER H 184 -7.23 17.75 -24.22
N SER H 185 -7.56 16.81 -23.32
CA SER H 185 -8.17 17.15 -22.05
C SER H 185 -8.02 16.07 -20.99
N THR H 186 -8.09 16.49 -19.72
CA THR H 186 -8.14 15.60 -18.54
C THR H 186 -9.12 16.20 -17.60
N ILE H 187 -9.96 15.36 -17.07
CA ILE H 187 -11.05 15.74 -16.23
C ILE H 187 -11.14 14.71 -15.14
N THR H 188 -11.34 15.17 -13.91
CA THR H 188 -11.53 14.31 -12.77
C THR H 188 -12.87 14.67 -12.15
N VAL H 189 -13.67 13.63 -12.01
CA VAL H 189 -15.06 13.73 -11.72
C VAL H 189 -15.27 13.13 -10.33
N SER H 190 -16.15 13.72 -9.55
CA SER H 190 -16.67 13.02 -8.36
C SER H 190 -18.17 13.33 -8.04
N CYS I 2 26.30 -41.91 -22.37
CA CYS I 2 25.11 -41.50 -21.58
C CYS I 2 25.59 -40.59 -20.47
N ILE I 3 24.78 -39.58 -20.13
CA ILE I 3 25.12 -38.64 -19.08
C ILE I 3 24.06 -38.70 -18.00
N THR I 4 24.49 -38.48 -16.78
CA THR I 4 23.59 -38.44 -15.64
C THR I 4 23.74 -37.16 -14.78
N THR I 5 24.50 -36.16 -15.26
CA THR I 5 24.55 -34.83 -14.66
C THR I 5 24.42 -33.73 -15.70
N SER I 6 23.98 -32.58 -15.22
CA SER I 6 23.54 -31.52 -16.10
C SER I 6 24.68 -31.06 -16.96
N GLN I 7 24.36 -30.75 -18.20
CA GLN I 7 25.36 -30.55 -19.19
C GLN I 7 24.68 -30.02 -20.46
N THR I 8 25.35 -29.13 -21.19
CA THR I 8 24.92 -28.72 -22.51
C THR I 8 26.12 -28.77 -23.43
N GLY I 9 25.86 -28.83 -24.71
CA GLY I 9 26.93 -28.88 -25.67
C GLY I 9 26.31 -29.02 -27.02
N THR I 10 27.11 -29.47 -27.98
CA THR I 10 26.57 -29.84 -29.25
C THR I 10 26.95 -31.26 -29.71
N HIS I 11 26.04 -31.96 -30.34
CA HIS I 11 26.19 -33.36 -30.69
C HIS I 11 25.57 -33.53 -32.03
N ASN I 12 26.43 -33.93 -32.98
CA ASN I 12 26.17 -34.04 -34.39
C ASN I 12 25.46 -32.83 -34.90
N GLY I 13 26.03 -31.67 -34.65
CA GLY I 13 25.48 -30.45 -35.21
C GLY I 13 24.23 -29.97 -34.48
N TYR I 14 23.61 -30.76 -33.55
CA TYR I 14 22.50 -30.24 -32.72
C TYR I 14 22.95 -29.77 -31.37
N TYR I 15 22.33 -28.71 -30.90
CA TYR I 15 22.50 -28.33 -29.55
C TYR I 15 21.79 -29.34 -28.68
N TYR I 16 22.34 -29.61 -27.50
CA TYR I 16 21.69 -30.49 -26.56
C TYR I 16 21.80 -29.90 -25.17
N SER I 17 20.73 -30.09 -24.43
CA SER I 17 20.70 -29.57 -23.10
C SER I 17 20.18 -30.67 -22.24
N PHE I 18 20.86 -30.92 -21.14
CA PHE I 18 20.38 -31.82 -20.15
C PHE I 18 20.48 -31.09 -18.83
N TRP I 19 19.34 -31.03 -18.15
CA TRP I 19 19.37 -30.43 -16.83
C TRP I 19 18.56 -31.26 -15.89
N THR I 20 19.18 -31.71 -14.81
CA THR I 20 18.51 -32.47 -13.75
C THR I 20 18.89 -31.88 -12.39
N ASN I 21 17.91 -31.77 -11.48
CA ASN I 21 18.18 -31.31 -10.13
C ASN I 21 18.92 -32.40 -9.32
N GLY I 22 19.06 -33.60 -9.90
CA GLY I 22 19.83 -34.67 -9.24
C GLY I 22 18.98 -35.62 -8.45
N GLY I 23 17.64 -35.45 -8.45
CA GLY I 23 16.76 -36.46 -7.84
C GLY I 23 16.66 -37.77 -8.63
N GLY I 24 16.46 -38.89 -7.93
CA GLY I 24 16.46 -40.28 -8.48
C GLY I 24 17.59 -40.56 -9.45
N GLU I 25 17.30 -41.34 -10.49
CA GLU I 25 18.23 -41.58 -11.57
C GLU I 25 17.60 -41.12 -12.90
N VAL I 26 18.35 -40.30 -13.62
CA VAL I 26 17.94 -39.79 -14.90
C VAL I 26 19.17 -39.93 -15.76
N THR I 27 19.01 -40.66 -16.86
CA THR I 27 20.10 -40.90 -17.79
C THR I 27 19.72 -40.51 -19.23
N MET I 28 20.48 -39.60 -19.83
CA MET I 28 20.29 -39.17 -21.21
C MET I 28 21.38 -39.78 -22.07
N CYS I 29 20.95 -40.30 -23.21
CA CYS I 29 21.80 -40.94 -24.18
C CYS I 29 21.64 -40.25 -25.57
N LEU I 30 22.75 -39.80 -26.11
CA LEU I 30 22.81 -39.11 -27.37
C LEU I 30 23.04 -40.11 -28.51
N GLY I 31 22.37 -39.92 -29.65
CA GLY I 31 22.49 -40.80 -30.81
C GLY I 31 22.77 -39.99 -32.09
N PRO I 32 22.87 -40.67 -33.26
CA PRO I 32 23.16 -40.11 -34.57
C PRO I 32 22.21 -38.95 -34.88
N GLY I 33 22.68 -37.96 -35.67
CA GLY I 33 21.83 -36.84 -36.09
C GLY I 33 21.20 -36.17 -34.87
N GLY I 34 19.88 -35.95 -34.91
CA GLY I 34 19.13 -35.27 -33.86
C GLY I 34 18.50 -36.12 -32.77
N GLU I 35 19.02 -37.34 -32.64
CA GLU I 35 18.51 -38.26 -31.66
C GLU I 35 19.03 -38.01 -30.26
N TYR I 36 18.09 -38.10 -29.33
CA TYR I 36 18.42 -38.38 -27.96
C TYR I 36 17.37 -39.28 -27.39
N SER I 37 17.67 -39.73 -26.20
CA SER I 37 16.90 -40.70 -25.51
C SER I 37 17.10 -40.39 -24.03
N VAL I 38 16.06 -40.55 -23.24
CA VAL I 38 16.16 -40.32 -21.80
C VAL I 38 15.30 -41.32 -21.00
N THR I 39 15.90 -41.86 -19.95
CA THR I 39 15.20 -42.82 -19.11
C THR I 39 15.41 -42.47 -17.64
N TRP I 40 14.33 -42.54 -16.88
CA TRP I 40 14.30 -41.91 -15.55
C TRP I 40 13.53 -42.74 -14.57
N VAL I 41 13.98 -42.75 -13.31
CA VAL I 41 13.21 -43.45 -12.26
C VAL I 41 13.11 -42.62 -10.97
N ASN I 42 11.88 -42.28 -10.59
CA ASN I 42 11.64 -41.41 -9.41
C ASN I 42 12.50 -40.16 -9.41
N CYS I 43 12.47 -39.40 -10.52
CA CYS I 43 13.25 -38.19 -10.65
C CYS I 43 12.73 -37.13 -9.71
N GLY I 44 13.50 -36.10 -9.51
CA GLY I 44 13.00 -34.91 -8.85
C GLY I 44 12.34 -34.11 -9.97
N ASP I 45 13.25 -33.61 -10.78
CA ASP I 45 13.04 -32.62 -11.69
C ASP I 45 14.10 -32.61 -12.85
N PHE I 46 13.69 -32.67 -14.13
CA PHE I 46 14.63 -32.58 -15.24
C PHE I 46 14.05 -32.10 -16.57
N THR I 47 14.93 -31.60 -17.46
CA THR I 47 14.59 -31.38 -18.86
C THR I 47 15.73 -31.99 -19.71
N SER I 48 15.40 -32.44 -20.90
CA SER I 48 16.37 -32.93 -21.85
C SER I 48 15.85 -32.89 -23.29
N GLY I 49 16.74 -32.54 -24.19
CA GLY I 49 16.43 -32.54 -25.61
C GLY I 49 17.58 -32.01 -26.46
N LYS I 50 17.36 -32.15 -27.76
CA LYS I 50 18.20 -31.53 -28.74
C LYS I 50 17.37 -30.54 -29.49
N GLY I 51 18.06 -29.70 -30.26
CA GLY I 51 17.47 -28.60 -30.93
C GLY I 51 18.56 -27.64 -31.35
N TRP I 52 18.33 -26.37 -31.08
CA TRP I 52 19.21 -25.32 -31.58
C TRP I 52 19.46 -24.28 -30.54
N ASN I 53 20.59 -23.60 -30.72
CA ASN I 53 21.01 -22.55 -29.80
C ASN I 53 22.14 -21.61 -30.30
N PRO I 54 21.86 -20.32 -30.55
CA PRO I 54 20.53 -19.70 -30.42
C PRO I 54 19.62 -20.22 -31.52
N ALA I 55 18.33 -20.40 -31.21
CA ALA I 55 17.36 -20.85 -32.19
C ALA I 55 16.78 -19.69 -32.99
N ASN I 56 15.95 -20.03 -33.97
CA ASN I 56 15.37 -19.07 -34.88
C ASN I 56 14.10 -19.56 -35.55
N ALA I 57 13.15 -19.95 -34.69
CA ALA I 57 11.81 -20.25 -35.08
C ALA I 57 11.76 -21.32 -36.14
N GLN I 58 12.63 -22.34 -35.96
CA GLN I 58 12.71 -23.45 -36.87
C GLN I 58 11.36 -24.18 -36.99
N THR I 59 11.11 -24.76 -38.16
CA THR I 59 10.00 -25.68 -38.32
C THR I 59 10.56 -27.01 -37.90
N VAL I 60 10.13 -27.53 -36.74
CA VAL I 60 10.68 -28.75 -36.18
C VAL I 60 9.98 -30.02 -36.71
N THR I 61 10.76 -31.03 -37.14
CA THR I 61 10.15 -32.36 -37.41
C THR I 61 10.76 -33.34 -36.45
N TYR I 62 9.93 -34.10 -35.77
CA TYR I 62 10.42 -34.99 -34.74
C TYR I 62 9.61 -36.29 -34.83
N SER I 63 10.21 -37.35 -34.35
CA SER I 63 9.53 -38.62 -34.24
C SER I 63 10.09 -39.33 -33.03
N GLY I 64 9.37 -40.34 -32.55
CA GLY I 64 9.89 -41.20 -31.56
C GLY I 64 8.80 -41.73 -30.64
N GLU I 65 9.21 -42.04 -29.44
CA GLU I 65 8.40 -42.74 -28.45
C GLU I 65 8.48 -41.91 -27.16
N PHE I 66 7.36 -41.79 -26.46
CA PHE I 66 7.32 -41.07 -25.19
C PHE I 66 6.48 -41.87 -24.22
N ASN I 67 7.11 -42.49 -23.22
CA ASN I 67 6.45 -43.41 -22.26
C ASN I 67 6.58 -42.97 -20.81
N PRO I 68 5.85 -41.91 -20.43
CA PRO I 68 5.83 -41.41 -19.06
C PRO I 68 5.08 -42.36 -18.17
N ASN I 69 5.60 -42.60 -16.96
CA ASN I 69 4.79 -43.33 -16.05
C ASN I 69 3.88 -42.38 -15.29
N GLY I 70 4.36 -41.50 -14.44
CA GLY I 70 3.44 -40.41 -13.96
C GLY I 70 3.48 -39.04 -14.64
N ASN I 71 4.04 -38.03 -13.98
CA ASN I 71 4.16 -36.63 -14.58
C ASN I 71 5.40 -36.42 -15.50
N ALA I 72 5.15 -36.10 -16.77
CA ALA I 72 6.18 -35.65 -17.69
C ALA I 72 5.56 -34.97 -18.92
N TYR I 73 6.35 -34.13 -19.56
CA TYR I 73 5.92 -33.37 -20.71
C TYR I 73 6.80 -33.75 -21.90
N LEU I 74 6.22 -33.72 -23.10
CA LEU I 74 6.94 -33.73 -24.36
C LEU I 74 6.59 -32.41 -25.03
N ALA I 75 7.56 -31.54 -25.27
CA ALA I 75 7.27 -30.23 -25.87
C ALA I 75 8.46 -29.67 -26.59
N VAL I 76 8.19 -28.81 -27.59
CA VAL I 76 9.15 -27.91 -28.15
C VAL I 76 9.20 -26.78 -27.10
N TYR I 77 10.40 -26.55 -26.61
CA TYR I 77 10.61 -25.83 -25.42
C TYR I 77 11.81 -24.92 -25.57
N GLY I 78 11.69 -23.69 -25.06
CA GLY I 78 12.80 -22.75 -25.08
C GLY I 78 12.57 -21.50 -24.31
N TRP I 79 13.51 -20.57 -24.46
CA TRP I 79 13.48 -19.32 -23.72
C TRP I 79 13.80 -18.19 -24.69
N THR I 80 13.31 -17.01 -24.36
CA THR I 80 13.83 -15.77 -24.92
C THR I 80 14.41 -14.91 -23.77
N THR I 81 15.24 -13.93 -24.14
CA THR I 81 15.73 -12.89 -23.21
C THR I 81 15.38 -11.50 -23.78
N ASP I 82 15.26 -10.52 -22.89
CA ASP I 82 14.93 -9.14 -23.21
C ASP I 82 13.69 -9.08 -24.05
N PRO I 83 12.57 -9.48 -23.49
CA PRO I 83 12.30 -9.93 -22.17
C PRO I 83 12.55 -11.46 -21.98
N LEU I 84 12.72 -11.81 -20.71
CA LEU I 84 12.86 -13.18 -20.32
C LEU I 84 11.51 -13.86 -20.40
N VAL I 85 11.41 -14.93 -21.21
CA VAL I 85 10.21 -15.73 -21.42
C VAL I 85 10.59 -17.22 -21.45
N GLU I 86 9.73 -18.06 -20.86
CA GLU I 86 9.87 -19.51 -21.04
C GLU I 86 8.68 -19.98 -21.86
N TYR I 87 8.86 -20.88 -22.81
CA TYR I 87 7.74 -21.28 -23.59
C TYR I 87 7.71 -22.77 -23.87
N TYR I 88 6.50 -23.28 -23.99
CA TYR I 88 6.25 -24.67 -24.29
C TYR I 88 5.26 -24.74 -25.42
N ILE I 89 5.58 -25.55 -26.43
CA ILE I 89 4.57 -26.08 -27.35
C ILE I 89 4.43 -27.55 -27.04
N LEU I 90 3.35 -27.84 -26.32
CA LEU I 90 3.20 -29.09 -25.64
C LEU I 90 2.41 -30.09 -26.49
N GLU I 91 3.08 -31.14 -26.90
CA GLU I 91 2.52 -32.13 -27.77
C GLU I 91 1.93 -33.32 -27.00
N SER I 92 2.62 -33.82 -25.98
CA SER I 92 2.02 -34.85 -25.10
C SER I 92 2.42 -34.59 -23.65
N TYR I 93 1.78 -35.28 -22.73
CA TYR I 93 2.13 -35.20 -21.35
C TYR I 93 1.51 -36.42 -20.70
N GLY I 94 1.90 -36.65 -19.44
CA GLY I 94 1.51 -37.81 -18.73
C GLY I 94 0.26 -37.56 -17.89
N THR I 95 0.41 -37.75 -16.57
CA THR I 95 -0.78 -37.76 -15.69
C THR I 95 -1.21 -36.41 -15.30
N TYR I 96 -0.33 -35.43 -15.40
CA TYR I 96 -0.62 -34.06 -15.02
C TYR I 96 -0.69 -33.13 -16.21
N ASN I 97 -1.77 -32.36 -16.27
CA ASN I 97 -1.98 -31.33 -17.30
C ASN I 97 -1.63 -29.94 -16.80
N PRO I 98 -0.55 -29.38 -17.31
CA PRO I 98 -0.11 -28.10 -16.79
C PRO I 98 -0.93 -26.90 -17.28
N SER I 99 -1.90 -27.10 -18.16
CA SER I 99 -2.83 -26.03 -18.47
C SER I 99 -3.97 -25.96 -17.45
N SER I 100 -4.13 -26.96 -16.58
CA SER I 100 -5.25 -26.96 -15.69
C SER I 100 -5.31 -25.70 -14.87
N GLY I 101 -6.43 -25.04 -14.89
CA GLY I 101 -6.59 -23.85 -14.10
C GLY I 101 -6.02 -22.60 -14.75
N LEU I 102 -5.50 -22.65 -15.99
CA LEU I 102 -4.95 -21.44 -16.61
C LEU I 102 -6.07 -20.77 -17.40
N THR I 103 -5.92 -19.46 -17.60
CA THR I 103 -6.89 -18.72 -18.37
C THR I 103 -6.65 -18.88 -19.88
N LEU I 104 -7.66 -19.43 -20.57
CA LEU I 104 -7.61 -19.70 -22.01
C LEU I 104 -7.59 -18.38 -22.78
N LEU I 105 -6.55 -18.18 -23.57
CA LEU I 105 -6.37 -16.94 -24.28
C LEU I 105 -6.92 -16.94 -25.66
N GLY I 106 -7.11 -18.13 -26.21
CA GLY I 106 -7.23 -18.28 -27.63
C GLY I 106 -6.79 -19.66 -28.11
N GLN I 107 -6.87 -19.87 -29.41
CA GLN I 107 -6.45 -21.09 -30.03
C GLN I 107 -5.60 -20.80 -31.28
N VAL I 108 -4.67 -21.72 -31.59
CA VAL I 108 -3.98 -21.68 -32.88
C VAL I 108 -4.10 -23.08 -33.49
N THR I 109 -4.40 -23.12 -34.77
CA THR I 109 -4.39 -24.38 -35.47
C THR I 109 -3.10 -24.41 -36.24
N SER I 110 -2.35 -25.50 -36.10
CA SER I 110 -1.05 -25.65 -36.81
C SER I 110 -0.67 -27.10 -36.98
N ASP I 111 -0.09 -27.40 -38.14
CA ASP I 111 0.42 -28.74 -38.45
C ASP I 111 -0.61 -29.87 -38.14
N GLY I 112 -1.85 -29.64 -38.48
CA GLY I 112 -2.89 -30.61 -38.36
C GLY I 112 -3.51 -30.73 -36.98
N GLY I 113 -3.11 -29.86 -36.02
CA GLY I 113 -3.62 -29.90 -34.66
C GLY I 113 -4.18 -28.56 -34.26
N THR I 114 -4.85 -28.55 -33.14
CA THR I 114 -5.37 -27.33 -32.62
C THR I 114 -4.76 -27.22 -31.23
N TYR I 115 -4.34 -26.03 -30.87
CA TYR I 115 -3.64 -25.84 -29.60
C TYR I 115 -4.31 -24.71 -28.82
N ASP I 116 -4.52 -24.93 -27.52
CA ASP I 116 -4.92 -23.89 -26.63
C ASP I 116 -3.73 -23.09 -26.14
N ILE I 117 -3.93 -21.79 -26.02
CA ILE I 117 -2.89 -20.86 -25.68
C ILE I 117 -3.08 -20.27 -24.30
N TYR I 118 -2.01 -20.34 -23.50
CA TYR I 118 -2.05 -19.77 -22.13
C TYR I 118 -0.78 -18.99 -21.81
N SER I 119 -0.87 -18.13 -20.78
CA SER I 119 0.24 -17.39 -20.29
C SER I 119 0.12 -17.31 -18.80
N THR I 120 1.18 -17.70 -18.13
CA THR I 120 1.18 -17.56 -16.71
C THR I 120 2.47 -16.91 -16.19
N GLN I 121 2.28 -16.07 -15.19
CA GLN I 121 3.37 -15.38 -14.56
C GLN I 121 4.03 -16.22 -13.49
N ARG I 122 5.34 -16.23 -13.48
CA ARG I 122 6.08 -17.07 -12.58
C ARG I 122 6.85 -16.10 -11.71
N VAL I 123 6.54 -16.07 -10.41
CA VAL I 123 7.11 -15.09 -9.55
C VAL I 123 8.26 -15.72 -8.79
N ASP I 124 9.43 -15.11 -8.95
CA ASP I 124 10.67 -15.59 -8.32
C ASP I 124 10.87 -17.11 -8.41
N GLN I 125 10.99 -17.57 -9.67
CA GLN I 125 11.16 -18.98 -10.03
C GLN I 125 12.46 -19.26 -10.74
N PRO I 126 12.86 -20.54 -10.79
CA PRO I 126 14.10 -20.82 -11.51
C PRO I 126 13.99 -20.47 -13.00
N SER I 127 15.07 -19.95 -13.54
CA SER I 127 15.10 -19.61 -14.92
C SER I 127 16.51 -19.83 -15.40
N ILE I 128 16.73 -19.73 -16.71
CA ILE I 128 18.09 -19.71 -17.20
C ILE I 128 18.86 -18.49 -16.71
N GLU I 129 18.20 -17.52 -16.09
CA GLU I 129 18.88 -16.34 -15.56
C GLU I 129 19.12 -16.43 -14.04
N GLY I 130 18.99 -17.61 -13.46
CA GLY I 130 18.98 -17.76 -11.99
C GLY I 130 17.57 -17.88 -11.39
N THR I 131 17.15 -16.89 -10.59
CA THR I 131 15.82 -16.81 -9.97
C THR I 131 15.17 -15.53 -10.49
N SER I 132 14.03 -15.60 -11.15
CA SER I 132 13.48 -14.48 -11.89
C SER I 132 11.95 -14.45 -11.85
N THR I 133 11.36 -13.35 -12.31
CA THR I 133 9.95 -13.21 -12.49
C THR I 133 9.77 -13.04 -13.97
N PHE I 134 8.98 -13.90 -14.59
CA PHE I 134 8.88 -13.96 -16.07
C PHE I 134 7.61 -14.70 -16.37
N ASN I 135 7.14 -14.52 -17.60
CA ASN I 135 5.97 -15.24 -18.09
C ASN I 135 6.35 -16.49 -18.84
N GLN I 136 5.42 -17.42 -18.80
CA GLN I 136 5.62 -18.76 -19.33
C GLN I 136 4.43 -18.96 -20.27
N TYR I 137 4.71 -19.15 -21.57
CA TYR I 137 3.65 -19.27 -22.59
C TYR I 137 3.50 -20.74 -22.90
N TRP I 138 2.26 -21.11 -23.25
CA TRP I 138 1.90 -22.50 -23.59
C TRP I 138 1.05 -22.50 -24.88
N SER I 139 1.38 -23.38 -25.81
CA SER I 139 0.44 -23.90 -26.79
C SER I 139 0.26 -25.36 -26.37
N VAL I 140 -0.95 -25.75 -26.02
CA VAL I 140 -1.19 -27.15 -25.54
C VAL I 140 -2.08 -27.83 -26.59
N ARG I 141 -1.56 -28.87 -27.26
CA ARG I 141 -2.36 -29.59 -28.25
C ARG I 141 -3.60 -30.17 -27.58
N THR I 142 -4.79 -29.95 -28.14
CA THR I 142 -6.04 -30.42 -27.54
C THR I 142 -6.20 -31.95 -27.59
N GLU I 143 -5.43 -32.61 -28.45
CA GLU I 143 -5.24 -34.08 -28.39
C GLU I 143 -3.71 -34.39 -28.41
N LYS I 144 -3.26 -35.24 -27.51
CA LYS I 144 -1.85 -35.61 -27.45
C LYS I 144 -1.36 -36.28 -28.76
N ARG I 145 -0.12 -35.95 -29.19
CA ARG I 145 0.52 -36.74 -30.20
C ARG I 145 1.99 -36.79 -29.92
N VAL I 146 2.62 -37.87 -30.37
CA VAL I 146 4.07 -38.07 -30.27
C VAL I 146 4.59 -38.29 -31.67
N GLY I 147 4.95 -37.19 -32.33
CA GLY I 147 5.66 -37.19 -33.63
C GLY I 147 4.94 -36.29 -34.63
N GLY I 148 5.70 -35.55 -35.40
CA GLY I 148 5.08 -34.77 -36.45
C GLY I 148 5.95 -33.58 -36.74
N THR I 149 5.31 -32.53 -37.30
CA THR I 149 5.97 -31.28 -37.52
C THR I 149 5.37 -30.21 -36.66
N VAL I 150 6.23 -29.36 -36.10
CA VAL I 150 5.78 -28.21 -35.37
C VAL I 150 6.31 -26.94 -36.00
N THR I 151 5.44 -26.17 -36.61
CA THR I 151 5.89 -24.96 -37.27
C THR I 151 5.86 -23.87 -36.24
N THR I 152 6.97 -23.71 -35.52
CA THR I 152 7.00 -22.85 -34.31
C THR I 152 6.67 -21.40 -34.63
N ALA I 153 7.03 -20.95 -35.84
CA ALA I 153 6.67 -19.64 -36.28
C ALA I 153 5.18 -19.39 -36.25
N ASN I 154 4.36 -20.38 -36.54
CA ASN I 154 2.88 -20.24 -36.42
C ASN I 154 2.42 -20.03 -34.97
N HIS I 155 3.11 -20.70 -34.06
CA HIS I 155 2.87 -20.50 -32.64
C HIS I 155 3.23 -19.11 -32.17
N PHE I 156 4.42 -18.64 -32.56
CA PHE I 156 4.95 -17.32 -32.05
C PHE I 156 4.08 -16.18 -32.60
N ALA I 157 3.71 -16.31 -33.84
CA ALA I 157 2.82 -15.33 -34.48
C ALA I 157 1.44 -15.27 -33.76
N ALA I 158 0.83 -16.41 -33.43
CA ALA I 158 -0.48 -16.39 -32.74
C ALA I 158 -0.31 -15.80 -31.33
N TRP I 159 0.76 -16.19 -30.66
CA TRP I 159 1.06 -15.65 -29.33
C TRP I 159 1.19 -14.15 -29.36
N LYS I 160 1.95 -13.66 -30.33
CA LYS I 160 2.16 -12.21 -30.46
C LYS I 160 0.85 -11.52 -30.80
N ALA I 161 0.02 -12.16 -31.60
CA ALA I 161 -1.28 -11.58 -31.96
C ALA I 161 -2.18 -11.46 -30.75
N LEU I 162 -1.94 -12.27 -29.73
CA LEU I 162 -2.63 -12.12 -28.47
C LEU I 162 -1.99 -11.16 -27.45
N GLY I 163 -0.96 -10.42 -27.84
CA GLY I 163 -0.29 -9.52 -26.89
C GLY I 163 0.84 -10.15 -26.11
N LEU I 164 1.29 -11.34 -26.50
CA LEU I 164 2.39 -11.95 -25.75
C LEU I 164 3.71 -11.63 -26.46
N GLU I 165 4.54 -10.85 -25.78
CA GLU I 165 5.81 -10.42 -26.40
C GLU I 165 6.90 -11.47 -26.24
N MET I 166 7.76 -11.53 -27.23
CA MET I 166 8.86 -12.49 -27.31
C MET I 166 10.14 -11.70 -27.48
N GLY I 167 11.18 -12.12 -26.75
CA GLY I 167 12.50 -11.57 -26.83
C GLY I 167 13.39 -12.18 -27.89
N THR I 168 14.69 -11.92 -27.75
CA THR I 168 15.75 -12.57 -28.53
C THR I 168 15.75 -14.06 -28.21
N TYR I 169 15.80 -14.93 -29.22
CA TYR I 169 15.82 -16.37 -28.94
C TYR I 169 17.11 -16.79 -28.25
N ASN I 170 16.94 -17.53 -27.18
CA ASN I 170 17.95 -18.39 -26.59
C ASN I 170 17.73 -19.83 -27.19
N TYR I 171 17.89 -20.88 -26.44
CA TYR I 171 17.78 -22.21 -27.06
C TYR I 171 16.34 -22.63 -27.36
N MET I 172 16.20 -23.68 -28.15
CA MET I 172 14.88 -24.25 -28.46
C MET I 172 15.14 -25.70 -28.72
N ILE I 173 14.57 -26.59 -27.88
CA ILE I 173 14.82 -28.04 -28.00
C ILE I 173 13.53 -28.79 -28.00
N VAL I 174 13.53 -30.03 -28.48
CA VAL I 174 12.39 -30.88 -28.29
C VAL I 174 12.64 -31.59 -26.98
N SER I 175 11.96 -31.08 -25.94
CA SER I 175 12.24 -31.51 -24.58
C SER I 175 11.35 -32.65 -24.07
N THR I 176 11.98 -33.62 -23.44
CA THR I 176 11.32 -34.52 -22.53
C THR I 176 11.56 -33.92 -21.14
N GLU I 177 10.46 -33.60 -20.43
CA GLU I 177 10.57 -33.04 -19.08
C GLU I 177 9.83 -33.92 -18.05
N GLY I 178 10.46 -34.16 -16.92
CA GLY I 178 9.87 -35.04 -15.91
C GLY I 178 9.79 -34.39 -14.56
N TYR I 179 8.78 -34.74 -13.76
CA TYR I 179 8.59 -34.23 -12.41
C TYR I 179 8.09 -35.34 -11.49
N GLU I 180 8.91 -35.71 -10.50
CA GLU I 180 8.47 -36.74 -9.54
C GLU I 180 7.83 -37.94 -10.21
N SER I 181 8.50 -38.47 -11.22
CA SER I 181 7.93 -39.55 -12.04
C SER I 181 9.00 -40.59 -12.43
N SER I 182 8.59 -41.53 -13.29
CA SER I 182 9.48 -42.49 -13.88
C SER I 182 9.08 -42.62 -15.33
N GLY I 183 10.00 -43.06 -16.17
CA GLY I 183 9.66 -43.49 -17.54
C GLY I 183 10.85 -43.48 -18.49
N SER I 184 10.52 -43.48 -19.78
CA SER I 184 11.48 -43.34 -20.86
C SER I 184 10.88 -42.61 -22.08
N SER I 185 11.78 -42.04 -22.88
CA SER I 185 11.43 -41.38 -24.11
C SER I 185 12.64 -41.34 -25.01
N THR I 186 12.40 -41.42 -26.32
CA THR I 186 13.44 -41.33 -27.33
C THR I 186 12.88 -40.48 -28.41
N ILE I 187 13.67 -39.55 -28.90
CA ILE I 187 13.19 -38.57 -29.84
C ILE I 187 14.29 -38.25 -30.83
N THR I 188 13.88 -38.18 -32.10
CA THR I 188 14.77 -37.68 -33.11
C THR I 188 14.23 -36.40 -33.67
N VAL I 189 15.03 -35.36 -33.55
CA VAL I 189 14.74 -34.04 -34.08
C VAL I 189 15.43 -33.82 -35.42
N SER I 190 14.73 -33.13 -36.34
CA SER I 190 15.38 -32.47 -37.47
C SER I 190 14.75 -31.11 -37.76
N CYS J 2 -7.01 -9.52 -20.72
CA CYS J 2 -8.33 -10.17 -20.55
C CYS J 2 -9.23 -9.22 -19.76
N ILE J 3 -10.48 -9.59 -19.64
CA ILE J 3 -11.37 -8.82 -18.84
C ILE J 3 -12.18 -9.63 -17.88
N THR J 4 -12.45 -9.01 -16.74
CA THR J 4 -13.05 -9.70 -15.60
C THR J 4 -14.20 -8.88 -15.02
N THR J 5 -14.55 -7.75 -15.63
CA THR J 5 -15.63 -6.95 -15.11
C THR J 5 -16.41 -6.50 -16.34
N SER J 6 -17.70 -6.24 -16.15
CA SER J 6 -18.61 -5.91 -17.24
C SER J 6 -18.05 -4.88 -18.16
N GLN J 7 -18.01 -5.19 -19.48
CA GLN J 7 -17.44 -4.28 -20.47
C GLN J 7 -18.04 -4.50 -21.83
N THR J 8 -17.99 -3.43 -22.64
CA THR J 8 -18.32 -3.53 -24.07
C THR J 8 -17.33 -2.77 -24.95
N GLY J 9 -17.32 -3.08 -26.24
CA GLY J 9 -16.44 -2.34 -27.11
C GLY J 9 -16.41 -2.89 -28.51
N THR J 10 -15.42 -2.45 -29.28
CA THR J 10 -15.23 -3.01 -30.59
C THR J 10 -13.81 -3.45 -30.64
N HIS J 11 -13.54 -4.58 -31.28
CA HIS J 11 -12.21 -5.20 -31.28
C HIS J 11 -12.08 -5.94 -32.61
N ASN J 12 -11.06 -5.55 -33.39
CA ASN J 12 -10.89 -6.05 -34.77
C ASN J 12 -12.14 -5.98 -35.61
N GLY J 13 -12.85 -4.90 -35.45
CA GLY J 13 -14.06 -4.67 -36.20
C GLY J 13 -15.29 -5.34 -35.62
N TYR J 14 -15.17 -6.25 -34.64
CA TYR J 14 -16.39 -6.82 -34.03
C TYR J 14 -16.82 -6.09 -32.76
N TYR J 15 -18.12 -5.96 -32.53
CA TYR J 15 -18.67 -5.63 -31.22
C TYR J 15 -18.41 -6.82 -30.24
N TYR J 16 -18.10 -6.47 -29.00
CA TYR J 16 -18.08 -7.46 -27.91
C TYR J 16 -18.79 -6.92 -26.70
N SER J 17 -19.38 -7.85 -25.94
CA SER J 17 -20.05 -7.60 -24.70
C SER J 17 -19.66 -8.68 -23.66
N PHE J 18 -19.38 -8.20 -22.45
CA PHE J 18 -19.09 -9.00 -21.31
C PHE J 18 -19.90 -8.41 -20.18
N TRP J 19 -20.71 -9.24 -19.55
CA TRP J 19 -21.51 -8.83 -18.42
C TRP J 19 -21.39 -9.96 -17.41
N THR J 20 -20.99 -9.60 -16.21
CA THR J 20 -20.82 -10.60 -15.18
C THR J 20 -21.46 -10.06 -13.95
N ASN J 21 -21.93 -10.93 -13.14
CA ASN J 21 -22.45 -10.32 -11.99
C ASN J 21 -21.57 -10.62 -10.75
N GLY J 22 -20.24 -10.80 -10.97
CA GLY J 22 -19.22 -10.67 -9.90
C GLY J 22 -18.98 -11.92 -9.03
N GLY J 23 -19.96 -12.80 -8.82
CA GLY J 23 -19.64 -13.97 -8.04
C GLY J 23 -18.56 -14.73 -8.80
N GLY J 24 -17.54 -15.27 -8.09
CA GLY J 24 -16.67 -16.30 -8.63
C GLY J 24 -15.62 -15.76 -9.53
N GLU J 25 -15.07 -16.62 -10.40
CA GLU J 25 -14.22 -16.09 -11.43
C GLU J 25 -14.59 -16.41 -12.86
N VAL J 26 -14.59 -15.33 -13.65
CA VAL J 26 -14.95 -15.35 -15.04
C VAL J 26 -14.01 -14.35 -15.76
N THR J 27 -13.36 -14.82 -16.81
CA THR J 27 -12.35 -14.05 -17.53
C THR J 27 -12.48 -14.24 -19.01
N MET J 28 -12.79 -13.17 -19.71
CA MET J 28 -13.01 -13.24 -21.13
C MET J 28 -11.79 -12.63 -21.78
N CYS J 29 -11.25 -13.33 -22.76
CA CYS J 29 -10.04 -12.89 -23.43
C CYS J 29 -10.35 -12.83 -24.94
N LEU J 30 -10.04 -11.68 -25.50
CA LEU J 30 -10.32 -11.40 -26.90
C LEU J 30 -9.12 -11.78 -27.78
N GLY J 31 -9.41 -12.25 -28.97
CA GLY J 31 -8.36 -12.68 -29.92
C GLY J 31 -8.50 -12.08 -31.29
N PRO J 32 -7.64 -12.53 -32.21
CA PRO J 32 -7.80 -11.94 -33.57
C PRO J 32 -9.18 -12.14 -34.18
N GLY J 33 -9.53 -11.22 -35.11
CA GLY J 33 -10.78 -11.30 -35.76
C GLY J 33 -11.93 -11.45 -34.80
N GLY J 34 -12.75 -12.45 -35.06
CA GLY J 34 -13.95 -12.60 -34.32
C GLY J 34 -13.85 -13.53 -33.10
N GLU J 35 -12.65 -13.74 -32.62
CA GLU J 35 -12.40 -14.71 -31.59
C GLU J 35 -12.53 -14.11 -30.19
N TYR J 36 -13.04 -14.94 -29.29
CA TYR J 36 -13.10 -14.66 -27.88
C TYR J 36 -13.05 -16.01 -27.24
N SER J 37 -12.51 -16.02 -26.02
CA SER J 37 -12.50 -17.17 -25.18
C SER J 37 -12.99 -16.75 -23.84
N VAL J 38 -13.58 -17.65 -23.10
CA VAL J 38 -13.92 -17.34 -21.69
C VAL J 38 -13.65 -18.57 -20.82
N THR J 39 -13.10 -18.33 -19.64
CA THR J 39 -12.88 -19.39 -18.66
C THR J 39 -13.43 -19.01 -17.30
N TRP J 40 -14.18 -19.92 -16.69
CA TRP J 40 -14.91 -19.57 -15.49
C TRP J 40 -14.94 -20.71 -14.41
N VAL J 41 -14.88 -20.27 -13.16
CA VAL J 41 -15.02 -21.20 -12.02
C VAL J 41 -15.94 -20.64 -10.98
N ASN J 42 -16.96 -21.43 -10.66
CA ASN J 42 -17.97 -21.12 -9.64
C ASN J 42 -18.56 -19.74 -9.89
N CYS J 43 -19.06 -19.53 -11.12
CA CYS J 43 -19.61 -18.22 -11.50
C CYS J 43 -20.98 -17.99 -10.86
N GLY J 44 -21.45 -16.73 -10.87
CA GLY J 44 -22.83 -16.45 -10.59
C GLY J 44 -23.60 -16.51 -11.90
N ASP J 45 -23.64 -15.40 -12.60
CA ASP J 45 -24.20 -15.37 -13.91
C ASP J 45 -23.36 -14.49 -14.79
N PHE J 46 -23.15 -14.92 -16.02
CA PHE J 46 -22.45 -14.09 -16.98
C PHE J 46 -22.88 -14.32 -18.40
N THR J 47 -22.61 -13.33 -19.24
CA THR J 47 -22.75 -13.45 -20.68
C THR J 47 -21.52 -12.86 -21.32
N SER J 48 -21.13 -13.42 -22.45
CA SER J 48 -19.84 -13.14 -23.01
C SER J 48 -19.83 -13.42 -24.55
N GLY J 49 -19.37 -12.49 -25.37
CA GLY J 49 -19.34 -12.78 -26.81
C GLY J 49 -19.00 -11.64 -27.75
N LYS J 50 -18.73 -12.03 -28.97
CA LYS J 50 -18.51 -11.10 -30.09
C LYS J 50 -19.63 -11.20 -31.09
N GLY J 51 -19.75 -10.13 -31.86
CA GLY J 51 -20.75 -9.96 -32.92
C GLY J 51 -20.82 -8.54 -33.47
N TRP J 52 -22.01 -7.94 -33.44
CA TRP J 52 -22.36 -6.71 -34.16
C TRP J 52 -23.22 -5.83 -33.25
N ASN J 53 -23.15 -4.51 -33.37
CA ASN J 53 -24.07 -3.62 -32.66
C ASN J 53 -24.05 -2.28 -33.37
N PRO J 54 -25.14 -1.79 -33.94
CA PRO J 54 -26.48 -2.42 -34.09
C PRO J 54 -26.37 -3.60 -35.02
N ALA J 55 -27.01 -4.72 -34.70
CA ALA J 55 -26.98 -5.88 -35.58
C ALA J 55 -28.01 -5.69 -36.69
N ASN J 56 -28.02 -6.60 -37.63
CA ASN J 56 -29.00 -6.56 -38.72
C ASN J 56 -29.32 -7.96 -39.27
N ALA J 57 -29.66 -8.86 -38.38
CA ALA J 57 -29.97 -10.21 -38.75
C ALA J 57 -28.91 -10.89 -39.62
N GLN J 58 -27.68 -10.78 -39.17
CA GLN J 58 -26.53 -11.37 -39.86
C GLN J 58 -26.68 -12.85 -40.03
N THR J 59 -26.21 -13.36 -41.17
CA THR J 59 -26.02 -14.80 -41.26
C THR J 59 -24.65 -15.07 -40.61
N VAL J 60 -24.65 -15.71 -39.46
CA VAL J 60 -23.50 -15.93 -38.60
C VAL J 60 -22.82 -17.25 -38.93
N THR J 61 -21.51 -17.23 -39.09
CA THR J 61 -20.71 -18.44 -39.16
C THR J 61 -19.81 -18.45 -37.92
N TYR J 62 -19.76 -19.53 -37.17
CA TYR J 62 -18.89 -19.56 -36.01
C TYR J 62 -18.31 -20.95 -35.83
N SER J 63 -17.17 -21.01 -35.13
CA SER J 63 -16.55 -22.31 -34.80
C SER J 63 -15.80 -22.20 -33.49
N GLY J 64 -15.38 -23.33 -32.95
CA GLY J 64 -14.69 -23.39 -31.70
C GLY J 64 -15.17 -24.51 -30.80
N GLU J 65 -15.02 -24.32 -29.50
CA GLU J 65 -15.30 -25.33 -28.54
C GLU J 65 -15.98 -24.77 -27.33
N PHE J 66 -16.83 -25.59 -26.71
CA PHE J 66 -17.72 -25.16 -25.62
C PHE J 66 -17.74 -26.28 -24.60
N ASN J 67 -17.10 -26.08 -23.45
CA ASN J 67 -16.96 -27.17 -22.50
C ASN J 67 -17.45 -26.77 -21.12
N PRO J 68 -18.78 -26.75 -20.92
CA PRO J 68 -19.26 -26.35 -19.62
C PRO J 68 -19.17 -27.51 -18.68
N ASN J 69 -19.06 -27.23 -17.40
CA ASN J 69 -19.33 -28.33 -16.58
C ASN J 69 -20.75 -28.36 -15.96
N GLY J 70 -21.26 -27.35 -15.32
CA GLY J 70 -22.77 -27.39 -15.13
C GLY J 70 -23.68 -26.69 -16.16
N ASN J 71 -24.42 -25.71 -15.70
CA ASN J 71 -25.33 -24.97 -16.57
C ASN J 71 -24.58 -23.86 -17.33
N ALA J 72 -24.57 -23.99 -18.64
CA ALA J 72 -24.12 -22.92 -19.49
C ALA J 72 -24.84 -23.01 -20.82
N TYR J 73 -24.90 -21.87 -21.54
CA TYR J 73 -25.47 -21.81 -22.89
C TYR J 73 -24.45 -21.33 -23.92
N LEU J 74 -24.65 -21.78 -25.16
CA LEU J 74 -23.95 -21.28 -26.28
C LEU J 74 -24.99 -20.85 -27.32
N ALA J 75 -25.13 -19.54 -27.55
CA ALA J 75 -26.25 -19.04 -28.38
C ALA J 75 -25.88 -17.80 -29.13
N VAL J 76 -26.57 -17.60 -30.24
CA VAL J 76 -26.61 -16.32 -30.88
C VAL J 76 -27.67 -15.63 -30.06
N TYR J 77 -27.31 -14.47 -29.52
CA TYR J 77 -28.01 -13.88 -28.42
C TYR J 77 -28.04 -12.40 -28.62
N GLY J 78 -29.19 -11.77 -28.39
CA GLY J 78 -29.28 -10.36 -28.64
C GLY J 78 -30.49 -9.71 -28.04
N TRP J 79 -30.63 -8.43 -28.41
CA TRP J 79 -31.74 -7.59 -27.97
C TRP J 79 -32.33 -6.75 -29.14
N THR J 80 -33.59 -6.38 -29.00
CA THR J 80 -34.19 -5.34 -29.81
C THR J 80 -34.74 -4.36 -28.87
N THR J 81 -34.93 -3.13 -29.35
CA THR J 81 -35.61 -2.08 -28.58
C THR J 81 -36.88 -1.60 -29.29
N ASP J 82 -37.82 -1.14 -28.46
CA ASP J 82 -39.09 -0.59 -28.88
C ASP J 82 -39.79 -1.50 -29.88
N PRO J 83 -40.27 -2.67 -29.41
CA PRO J 83 -40.28 -3.21 -28.03
C PRO J 83 -38.93 -3.76 -27.59
N LEU J 84 -38.68 -3.69 -26.28
CA LEU J 84 -37.55 -4.36 -25.69
C LEU J 84 -37.74 -5.88 -25.75
N VAL J 85 -36.78 -6.58 -26.34
CA VAL J 85 -36.83 -8.05 -26.39
C VAL J 85 -35.42 -8.61 -26.24
N GLU J 86 -35.32 -9.71 -25.50
CA GLU J 86 -34.09 -10.47 -25.35
C GLU J 86 -34.31 -11.77 -26.08
N TYR J 87 -33.37 -12.17 -26.93
CA TYR J 87 -33.50 -13.44 -27.64
C TYR J 87 -32.26 -14.34 -27.67
N TYR J 88 -32.51 -15.64 -27.76
CA TYR J 88 -31.51 -16.67 -27.92
C TYR J 88 -31.81 -17.65 -29.05
N ILE J 89 -30.74 -18.01 -29.76
CA ILE J 89 -30.80 -19.11 -30.74
C ILE J 89 -29.79 -20.04 -30.18
N LEU J 90 -30.28 -21.00 -29.37
CA LEU J 90 -29.50 -21.81 -28.53
C LEU J 90 -28.98 -23.01 -29.35
N GLU J 91 -27.66 -23.06 -29.50
CA GLU J 91 -26.95 -24.07 -30.31
C GLU J 91 -26.58 -25.25 -29.42
N SER J 92 -26.08 -24.95 -28.21
CA SER J 92 -25.76 -25.99 -27.23
C SER J 92 -25.91 -25.49 -25.81
N TYR J 93 -25.85 -26.39 -24.85
CA TYR J 93 -26.03 -25.99 -23.43
C TYR J 93 -25.52 -27.14 -22.57
N GLY J 94 -25.51 -26.92 -21.28
CA GLY J 94 -24.93 -27.89 -20.39
C GLY J 94 -25.98 -28.75 -19.77
N THR J 95 -26.05 -28.68 -18.46
CA THR J 95 -26.88 -29.62 -17.70
C THR J 95 -28.31 -29.12 -17.67
N TYR J 96 -28.60 -27.86 -18.00
CA TYR J 96 -29.93 -27.33 -17.84
C TYR J 96 -30.48 -26.84 -19.20
N ASN J 97 -31.63 -27.40 -19.64
CA ASN J 97 -32.31 -26.91 -20.85
C ASN J 97 -33.23 -25.80 -20.40
N PRO J 98 -32.92 -24.56 -20.81
CA PRO J 98 -33.68 -23.40 -20.39
C PRO J 98 -35.13 -23.39 -20.96
N SER J 99 -35.49 -24.30 -21.84
CA SER J 99 -36.88 -24.39 -22.22
C SER J 99 -37.72 -25.23 -21.26
N SER J 100 -37.10 -25.81 -20.22
CA SER J 100 -37.87 -26.64 -19.27
C SER J 100 -39.05 -25.88 -18.76
N GLY J 101 -40.18 -26.52 -18.91
CA GLY J 101 -41.47 -25.97 -18.47
C GLY J 101 -42.09 -24.83 -19.25
N LEU J 102 -41.56 -24.49 -20.43
CA LEU J 102 -42.14 -23.44 -21.24
C LEU J 102 -43.07 -24.11 -22.26
N THR J 103 -44.09 -23.41 -22.74
CA THR J 103 -45.00 -24.03 -23.73
C THR J 103 -44.40 -23.91 -25.09
N LEU J 104 -44.26 -25.05 -25.75
CA LEU J 104 -43.79 -25.15 -27.13
C LEU J 104 -44.71 -24.44 -28.13
N LEU J 105 -44.14 -23.53 -28.89
CA LEU J 105 -44.92 -22.66 -29.73
C LEU J 105 -44.88 -23.10 -31.19
N GLY J 106 -43.85 -23.85 -31.52
CA GLY J 106 -43.61 -24.32 -32.89
C GLY J 106 -42.14 -24.65 -33.15
N GLN J 107 -41.82 -24.83 -34.42
CA GLN J 107 -40.46 -25.14 -34.85
C GLN J 107 -40.05 -24.28 -36.01
N VAL J 108 -38.73 -24.22 -36.23
CA VAL J 108 -38.19 -23.66 -37.48
C VAL J 108 -37.01 -24.53 -37.88
N THR J 109 -36.87 -24.81 -39.17
CA THR J 109 -35.68 -25.49 -39.58
C THR J 109 -34.77 -24.55 -40.32
N SER J 110 -33.50 -24.58 -39.98
CA SER J 110 -32.54 -23.62 -40.56
C SER J 110 -31.16 -24.22 -40.43
N ASP J 111 -30.37 -24.05 -41.50
CA ASP J 111 -28.97 -24.42 -41.48
C ASP J 111 -28.79 -25.88 -41.05
N GLY J 112 -29.60 -26.74 -41.64
CA GLY J 112 -29.47 -28.15 -41.47
C GLY J 112 -30.00 -28.61 -40.16
N GLY J 113 -30.63 -27.75 -39.39
CA GLY J 113 -31.01 -28.07 -37.97
C GLY J 113 -32.48 -27.81 -37.70
N THR J 114 -33.02 -28.43 -36.68
CA THR J 114 -34.40 -28.09 -36.28
C THR J 114 -34.46 -27.48 -34.91
N TYR J 115 -35.24 -26.41 -34.75
CA TYR J 115 -35.21 -25.68 -33.45
C TYR J 115 -36.58 -25.52 -32.84
N ASP J 116 -36.70 -25.70 -31.52
CA ASP J 116 -37.99 -25.55 -30.88
C ASP J 116 -38.13 -24.12 -30.35
N ILE J 117 -39.35 -23.60 -30.40
CA ILE J 117 -39.58 -22.21 -30.19
C ILE J 117 -40.39 -22.02 -28.93
N TYR J 118 -39.99 -20.99 -28.20
CA TYR J 118 -40.57 -20.67 -26.90
C TYR J 118 -40.53 -19.14 -26.60
N SER J 119 -41.44 -18.67 -25.78
CA SER J 119 -41.39 -17.30 -25.28
C SER J 119 -41.57 -17.24 -23.78
N THR J 120 -40.93 -16.34 -23.06
CA THR J 120 -41.25 -16.23 -21.64
C THR J 120 -41.06 -14.78 -21.21
N GLN J 121 -41.70 -14.42 -20.09
CA GLN J 121 -41.62 -13.05 -19.54
C GLN J 121 -40.52 -12.95 -18.61
N ARG J 122 -39.80 -11.83 -18.64
CA ARG J 122 -38.79 -11.55 -17.67
C ARG J 122 -39.19 -10.30 -16.93
N VAL J 123 -39.23 -10.42 -15.62
CA VAL J 123 -39.81 -9.40 -14.78
C VAL J 123 -38.70 -8.68 -14.09
N ASP J 124 -38.71 -7.36 -14.23
CA ASP J 124 -37.69 -6.50 -13.66
C ASP J 124 -36.26 -7.04 -13.70
N GLN J 125 -35.81 -7.39 -14.90
CA GLN J 125 -34.45 -7.85 -15.13
C GLN J 125 -33.58 -6.76 -15.71
N PRO J 126 -32.26 -6.91 -15.54
CA PRO J 126 -31.33 -6.00 -16.17
C PRO J 126 -31.48 -6.12 -17.64
N SER J 127 -31.21 -5.02 -18.34
CA SER J 127 -31.33 -4.95 -19.76
C SER J 127 -30.49 -3.83 -20.32
N ILE J 128 -30.34 -3.85 -21.65
CA ILE J 128 -29.70 -2.76 -22.36
C ILE J 128 -30.37 -1.43 -22.07
N GLU J 129 -31.60 -1.40 -21.55
CA GLU J 129 -32.19 -0.17 -21.12
C GLU J 129 -32.52 -0.19 -19.59
N GLY J 130 -31.69 -0.79 -18.77
CA GLY J 130 -31.94 -0.74 -17.32
C GLY J 130 -32.95 -1.77 -16.85
N THR J 131 -33.20 -1.80 -15.54
CA THR J 131 -34.09 -2.78 -14.96
C THR J 131 -35.40 -2.70 -15.63
N SER J 132 -35.94 -3.83 -16.09
CA SER J 132 -37.05 -3.77 -16.98
C SER J 132 -37.79 -5.09 -17.14
N THR J 133 -38.99 -5.03 -17.69
CA THR J 133 -39.84 -6.20 -17.88
C THR J 133 -40.10 -6.38 -19.37
N PHE J 134 -39.81 -7.56 -19.87
CA PHE J 134 -39.86 -7.82 -21.33
C PHE J 134 -40.03 -9.31 -21.60
N ASN J 135 -40.28 -9.63 -22.86
CA ASN J 135 -40.28 -11.01 -23.25
C ASN J 135 -38.90 -11.46 -23.74
N GLN J 136 -38.66 -12.74 -23.55
CA GLN J 136 -37.41 -13.36 -23.92
C GLN J 136 -37.76 -14.46 -24.94
N TYR J 137 -37.24 -14.41 -26.16
CA TYR J 137 -37.55 -15.50 -27.12
C TYR J 137 -36.41 -16.52 -27.23
N TRP J 138 -36.79 -17.78 -27.54
CA TRP J 138 -35.87 -18.90 -27.72
C TRP J 138 -36.06 -19.76 -29.01
N SER J 139 -34.98 -20.04 -29.71
CA SER J 139 -34.94 -21.17 -30.63
C SER J 139 -33.96 -22.12 -30.03
N VAL J 140 -34.41 -23.33 -29.64
CA VAL J 140 -33.58 -24.38 -29.05
C VAL J 140 -33.35 -25.52 -30.06
N ARG J 141 -32.08 -25.70 -30.48
CA ARG J 141 -31.74 -26.73 -31.43
C ARG J 141 -32.05 -28.07 -30.78
N THR J 142 -32.70 -28.98 -31.50
CA THR J 142 -33.28 -30.18 -30.88
C THR J 142 -32.19 -31.21 -30.59
N GLU J 143 -31.03 -31.01 -31.18
CA GLU J 143 -29.82 -31.66 -30.82
C GLU J 143 -28.75 -30.59 -30.65
N LYS J 144 -27.87 -30.79 -29.66
CA LYS J 144 -26.74 -29.86 -29.47
C LYS J 144 -25.74 -29.83 -30.61
N ARG J 145 -25.15 -28.66 -30.89
CA ARG J 145 -23.97 -28.60 -31.77
C ARG J 145 -23.14 -27.40 -31.40
N VAL J 146 -21.88 -27.48 -31.76
CA VAL J 146 -20.93 -26.41 -31.51
C VAL J 146 -20.20 -26.10 -32.82
N GLY J 147 -20.70 -25.07 -33.54
CA GLY J 147 -20.10 -24.61 -34.80
C GLY J 147 -21.00 -24.89 -36.01
N GLY J 148 -21.07 -23.93 -36.91
CA GLY J 148 -21.95 -24.00 -38.06
C GLY J 148 -22.35 -22.61 -38.49
N THR J 149 -23.32 -22.55 -39.40
CA THR J 149 -23.95 -21.30 -39.81
C THR J 149 -25.31 -21.15 -39.12
N VAL J 150 -25.61 -19.97 -38.66
CA VAL J 150 -26.92 -19.69 -38.09
C VAL J 150 -27.51 -18.54 -38.88
N THR J 151 -28.53 -18.83 -39.71
CA THR J 151 -29.16 -17.80 -40.50
C THR J 151 -30.23 -17.10 -39.65
N THR J 152 -29.86 -16.04 -38.93
CA THR J 152 -30.74 -15.49 -37.90
C THR J 152 -32.05 -14.97 -38.50
N ALA J 153 -32.02 -14.52 -39.74
CA ALA J 153 -33.28 -14.05 -40.32
C ALA J 153 -34.38 -15.13 -40.39
N ASN J 154 -34.02 -16.42 -40.52
CA ASN J 154 -34.99 -17.52 -40.58
C ASN J 154 -35.65 -17.68 -39.24
N HIS J 155 -34.85 -17.61 -38.17
CA HIS J 155 -35.36 -17.54 -36.81
C HIS J 155 -36.27 -16.37 -36.53
N PHE J 156 -35.83 -15.16 -36.79
CA PHE J 156 -36.75 -14.02 -36.60
C PHE J 156 -38.09 -14.07 -37.40
N ALA J 157 -38.03 -14.43 -38.68
CA ALA J 157 -39.24 -14.61 -39.53
C ALA J 157 -40.18 -15.65 -38.88
N ALA J 158 -39.60 -16.75 -38.40
CA ALA J 158 -40.39 -17.82 -37.76
C ALA J 158 -41.02 -17.29 -36.42
N TRP J 159 -40.27 -16.52 -35.64
CA TRP J 159 -40.82 -15.97 -34.37
C TRP J 159 -42.01 -15.06 -34.65
N LYS J 160 -41.82 -14.17 -35.65
CA LYS J 160 -42.79 -13.17 -35.99
C LYS J 160 -44.03 -13.88 -36.54
N ALA J 161 -43.88 -14.93 -37.35
CA ALA J 161 -45.03 -15.65 -37.84
C ALA J 161 -45.81 -16.35 -36.69
N LEU J 162 -45.21 -16.49 -35.51
CA LEU J 162 -45.94 -16.97 -34.37
C LEU J 162 -46.50 -15.87 -33.45
N GLY J 163 -46.50 -14.62 -33.91
CA GLY J 163 -47.02 -13.50 -33.11
C GLY J 163 -46.01 -12.96 -32.12
N LEU J 164 -44.72 -13.26 -32.29
CA LEU J 164 -43.69 -12.73 -31.42
C LEU J 164 -42.99 -11.54 -32.08
N GLU J 165 -43.28 -10.33 -31.57
CA GLU J 165 -42.91 -9.06 -32.16
C GLU J 165 -41.48 -8.81 -31.85
N MET J 166 -40.77 -8.25 -32.84
CA MET J 166 -39.35 -7.85 -32.69
C MET J 166 -39.24 -6.35 -32.86
N GLY J 167 -38.37 -5.69 -32.10
CA GLY J 167 -38.06 -4.29 -32.30
C GLY J 167 -36.87 -4.01 -33.19
N THR J 168 -36.33 -2.80 -33.06
CA THR J 168 -35.13 -2.37 -33.71
C THR J 168 -33.97 -3.16 -33.14
N TYR J 169 -33.06 -3.62 -33.99
CA TYR J 169 -31.96 -4.48 -33.57
C TYR J 169 -30.95 -3.69 -32.79
N ASN J 170 -30.64 -4.17 -31.61
CA ASN J 170 -29.55 -3.65 -30.85
C ASN J 170 -28.41 -4.65 -31.05
N TYR J 171 -27.65 -5.02 -30.02
CA TYR J 171 -26.55 -5.89 -30.31
C TYR J 171 -27.00 -7.35 -30.55
N MET J 172 -26.11 -8.10 -31.23
CA MET J 172 -26.26 -9.51 -31.39
C MET J 172 -24.86 -10.15 -31.40
N ILE J 173 -24.64 -11.13 -30.49
CA ILE J 173 -23.38 -11.81 -30.30
C ILE J 173 -23.57 -13.33 -30.23
N VAL J 174 -22.49 -14.05 -30.54
CA VAL J 174 -22.40 -15.48 -30.22
C VAL J 174 -21.92 -15.56 -28.79
N SER J 175 -22.87 -15.70 -27.88
CA SER J 175 -22.62 -15.63 -26.46
C SER J 175 -22.39 -17.00 -25.80
N THR J 176 -21.38 -17.02 -24.95
CA THR J 176 -21.21 -18.05 -23.92
C THR J 176 -21.83 -17.48 -22.66
N GLU J 177 -22.80 -18.20 -22.08
CA GLU J 177 -23.44 -17.75 -20.88
C GLU J 177 -23.35 -18.82 -19.81
N GLY J 178 -22.99 -18.45 -18.59
CA GLY J 178 -22.91 -19.39 -17.45
C GLY J 178 -23.82 -19.00 -16.31
N TYR J 179 -24.34 -20.04 -15.64
CA TYR J 179 -25.05 -19.95 -14.35
C TYR J 179 -24.56 -20.95 -13.29
N GLU J 180 -24.01 -20.43 -12.20
CA GLU J 180 -23.55 -21.28 -11.04
C GLU J 180 -22.78 -22.51 -11.50
N SER J 181 -21.85 -22.29 -12.44
CA SER J 181 -21.12 -23.39 -13.04
C SER J 181 -19.63 -23.00 -13.23
N SER J 182 -18.91 -23.89 -13.89
CA SER J 182 -17.52 -23.70 -14.27
C SER J 182 -17.41 -24.21 -15.68
N GLY J 183 -16.38 -23.73 -16.37
CA GLY J 183 -15.98 -24.30 -17.64
C GLY J 183 -15.07 -23.39 -18.45
N SER J 184 -15.06 -23.65 -19.75
CA SER J 184 -14.37 -22.82 -20.71
C SER J 184 -15.03 -22.92 -22.09
N SER J 185 -14.75 -21.93 -22.93
CA SER J 185 -15.21 -21.91 -24.33
C SER J 185 -14.31 -20.97 -25.10
N THR J 186 -14.16 -21.21 -26.40
CA THR J 186 -13.42 -20.34 -27.38
C THR J 186 -14.21 -20.41 -28.67
N ILE J 187 -14.53 -19.26 -29.19
CA ILE J 187 -15.45 -19.17 -30.30
C ILE J 187 -14.88 -18.13 -31.23
N THR J 188 -14.95 -18.36 -32.52
CA THR J 188 -14.50 -17.41 -33.49
C THR J 188 -15.73 -17.10 -34.37
N VAL J 189 -16.14 -15.82 -34.41
CA VAL J 189 -17.34 -15.41 -35.10
C VAL J 189 -16.98 -14.81 -36.47
N SER J 190 -17.83 -15.01 -37.46
CA SER J 190 -17.68 -14.22 -38.64
C SER J 190 -19.00 -14.15 -39.37
N CYS K 2 44.58 18.09 -10.14
CA CYS K 2 44.38 16.66 -9.86
C CYS K 2 43.03 16.40 -9.24
N ILE K 3 42.62 15.16 -9.16
CA ILE K 3 41.29 14.85 -8.70
C ILE K 3 41.33 13.73 -7.71
N THR K 4 40.53 13.87 -6.64
CA THR K 4 40.48 12.87 -5.59
C THR K 4 39.06 12.28 -5.32
N THR K 5 38.08 12.69 -6.11
CA THR K 5 36.71 12.18 -6.01
C THR K 5 36.29 11.54 -7.36
N SER K 6 35.33 10.63 -7.39
CA SER K 6 35.09 9.87 -8.63
C SER K 6 34.63 10.87 -9.67
N GLN K 7 35.03 10.65 -10.91
CA GLN K 7 34.82 11.67 -11.94
C GLN K 7 35.02 11.06 -13.31
N THR K 8 34.26 11.50 -14.30
CA THR K 8 34.47 11.04 -15.67
C THR K 8 34.43 12.32 -16.43
N GLY K 9 35.04 12.33 -17.63
CA GLY K 9 35.01 13.51 -18.50
C GLY K 9 35.85 13.26 -19.73
N THR K 10 36.22 14.31 -20.42
CA THR K 10 37.17 14.12 -21.48
C THR K 10 38.27 15.17 -21.37
N HIS K 11 39.46 14.83 -21.81
CA HIS K 11 40.60 15.70 -21.51
C HIS K 11 41.62 15.48 -22.61
N ASN K 12 41.91 16.56 -23.33
CA ASN K 12 42.70 16.48 -24.59
C ASN K 12 42.18 15.45 -25.53
N GLY K 13 40.85 15.30 -25.54
CA GLY K 13 40.22 14.46 -26.49
C GLY K 13 40.15 13.01 -26.08
N TYR K 14 40.62 12.68 -24.89
CA TYR K 14 40.53 11.31 -24.40
C TYR K 14 39.52 11.28 -23.32
N TYR K 15 38.64 10.29 -23.40
CA TYR K 15 37.78 9.98 -22.27
C TYR K 15 38.66 9.61 -21.07
N TYR K 16 38.26 10.04 -19.85
CA TYR K 16 38.91 9.62 -18.63
C TYR K 16 37.83 9.22 -17.63
N SER K 17 38.15 8.22 -16.80
CA SER K 17 37.31 7.78 -15.72
C SER K 17 38.12 7.59 -14.44
N PHE K 18 37.54 8.05 -13.32
CA PHE K 18 38.15 7.80 -12.05
C PHE K 18 37.06 7.42 -11.10
N TRP K 19 37.24 6.28 -10.45
CA TRP K 19 36.30 5.77 -9.48
C TRP K 19 37.13 5.35 -8.26
N THR K 20 36.74 5.84 -7.08
CA THR K 20 37.27 5.34 -5.79
C THR K 20 36.11 4.92 -4.88
N ASN K 21 36.29 3.85 -4.12
CA ASN K 21 35.31 3.48 -3.12
C ASN K 21 35.49 4.19 -1.81
N GLY K 22 36.40 5.15 -1.74
CA GLY K 22 36.51 6.08 -0.61
C GLY K 22 37.66 5.71 0.30
N GLY K 23 38.34 4.61 0.03
CA GLY K 23 39.47 4.22 0.85
C GLY K 23 40.70 5.13 0.74
N GLY K 24 41.37 5.37 1.88
CA GLY K 24 42.64 6.07 1.93
C GLY K 24 42.69 7.38 1.12
N GLU K 25 43.77 7.56 0.35
CA GLU K 25 43.92 8.73 -0.53
C GLU K 25 44.47 8.27 -1.89
N VAL K 26 43.71 8.67 -2.88
CA VAL K 26 44.00 8.35 -4.25
C VAL K 26 43.87 9.66 -4.98
N THR K 27 44.93 10.04 -5.70
CA THR K 27 44.97 11.32 -6.45
C THR K 27 45.31 11.03 -7.90
N MET K 28 44.35 11.34 -8.79
CA MET K 28 44.56 11.20 -10.20
C MET K 28 44.92 12.56 -10.76
N CYS K 29 45.97 12.54 -11.58
CA CYS K 29 46.48 13.71 -12.28
C CYS K 29 46.53 13.51 -13.79
N LEU K 30 45.91 14.46 -14.52
CA LEU K 30 45.81 14.38 -15.97
C LEU K 30 46.90 15.16 -16.70
N GLY K 31 47.38 14.64 -17.81
CA GLY K 31 48.41 15.34 -18.62
C GLY K 31 48.05 15.50 -20.07
N PRO K 32 49.02 15.95 -20.90
CA PRO K 32 48.76 16.17 -22.30
C PRO K 32 48.42 14.87 -22.97
N GLY K 33 47.70 15.00 -24.09
CA GLY K 33 47.32 13.89 -24.90
C GLY K 33 46.55 12.88 -24.08
N GLY K 34 46.97 11.65 -24.24
CA GLY K 34 46.35 10.55 -23.59
C GLY K 34 46.99 10.24 -22.26
N GLU K 35 47.71 11.18 -21.65
CA GLU K 35 48.45 10.83 -20.44
C GLU K 35 47.62 11.03 -19.19
N TYR K 36 47.70 10.08 -18.28
CA TYR K 36 47.33 10.29 -16.90
C TYR K 36 48.32 9.61 -15.90
N SER K 37 48.13 9.98 -14.67
CA SER K 37 48.94 9.51 -13.55
C SER K 37 48.07 9.34 -12.32
N VAL K 38 48.44 8.40 -11.48
CA VAL K 38 47.70 8.19 -10.26
C VAL K 38 48.65 7.79 -9.12
N THR K 39 48.40 8.37 -7.94
CA THR K 39 49.18 8.01 -6.81
C THR K 39 48.32 7.81 -5.54
N TRP K 40 48.56 6.70 -4.85
CA TRP K 40 47.63 6.27 -3.78
C TRP K 40 48.36 5.77 -2.56
N VAL K 41 47.89 6.16 -1.37
CA VAL K 41 48.29 5.44 -0.14
C VAL K 41 47.15 4.80 0.67
N ASN K 42 47.33 3.51 0.92
CA ASN K 42 46.42 2.64 1.70
C ASN K 42 45.01 2.71 1.19
N CYS K 43 44.89 2.37 -0.08
CA CYS K 43 43.65 2.64 -0.84
C CYS K 43 42.65 1.61 -0.39
N GLY K 44 41.39 1.85 -0.74
CA GLY K 44 40.34 0.85 -0.64
C GLY K 44 40.33 0.08 -1.92
N ASP K 45 39.52 0.53 -2.88
CA ASP K 45 39.59 0.06 -4.25
C ASP K 45 39.32 1.28 -5.12
N PHE K 46 40.05 1.36 -6.23
CA PHE K 46 39.86 2.45 -7.24
C PHE K 46 40.26 2.00 -8.63
N THR K 47 39.66 2.65 -9.64
CA THR K 47 40.08 2.46 -11.02
C THR K 47 40.37 3.86 -11.56
N SER K 48 41.26 3.93 -12.54
CA SER K 48 41.61 5.22 -13.17
C SER K 48 42.33 4.99 -14.47
N GLY K 49 41.97 5.80 -15.47
CA GLY K 49 42.64 5.78 -16.73
C GLY K 49 41.98 6.64 -17.77
N LYS K 50 42.64 6.65 -18.94
CA LYS K 50 42.13 7.34 -20.13
C LYS K 50 41.90 6.30 -21.22
N GLY K 51 40.99 6.65 -22.13
CA GLY K 51 40.74 5.91 -23.35
C GLY K 51 39.57 6.51 -24.11
N TRP K 52 38.52 5.72 -24.32
CA TRP K 52 37.44 6.06 -25.21
C TRP K 52 36.08 5.73 -24.60
N ASN K 53 35.10 6.58 -24.85
CA ASN K 53 33.69 6.26 -24.53
C ASN K 53 32.70 6.91 -25.49
N PRO K 54 31.88 6.15 -26.22
CA PRO K 54 31.83 4.69 -26.30
C PRO K 54 33.05 4.17 -27.06
N ALA K 55 33.56 3.01 -26.64
CA ALA K 55 34.78 2.50 -27.24
C ALA K 55 34.37 1.78 -28.52
N ASN K 56 35.30 1.32 -29.30
CA ASN K 56 34.92 0.47 -30.38
C ASN K 56 36.07 -0.46 -30.77
N ALA K 57 36.56 -1.21 -29.79
CA ALA K 57 37.63 -2.19 -29.97
C ALA K 57 38.88 -1.60 -30.61
N GLN K 58 39.29 -0.45 -30.09
CA GLN K 58 40.50 0.22 -30.52
C GLN K 58 41.68 -0.68 -30.32
N THR K 59 42.59 -0.61 -31.28
CA THR K 59 43.94 -1.08 -31.11
C THR K 59 44.59 -0.03 -30.18
N VAL K 60 44.93 -0.42 -28.96
CA VAL K 60 45.47 0.53 -28.03
C VAL K 60 47.02 0.50 -27.98
N THR K 61 47.65 1.69 -27.93
CA THR K 61 49.10 1.78 -27.57
C THR K 61 49.29 2.54 -26.27
N TYR K 62 50.29 2.17 -25.51
CA TYR K 62 50.51 2.81 -24.22
C TYR K 62 51.92 2.64 -23.69
N SER K 63 52.42 3.60 -22.96
CA SER K 63 53.74 3.43 -22.35
C SER K 63 53.68 4.06 -20.99
N GLY K 64 54.62 3.76 -20.10
CA GLY K 64 54.62 4.48 -18.82
C GLY K 64 55.35 3.76 -17.71
N GLU K 65 54.96 4.03 -16.49
CA GLU K 65 55.60 3.48 -15.30
C GLU K 65 54.49 2.92 -14.37
N PHE K 66 54.57 1.65 -13.99
CA PHE K 66 53.60 1.09 -13.05
C PHE K 66 54.31 0.66 -11.76
N ASN K 67 54.03 1.30 -10.63
CA ASN K 67 54.81 1.04 -9.43
C ASN K 67 53.99 0.73 -8.21
N PRO K 68 53.34 -0.46 -8.19
CA PRO K 68 52.53 -0.88 -7.04
C PRO K 68 53.43 -1.34 -5.96
N ASN K 69 53.07 -1.23 -4.67
CA ASN K 69 53.78 -2.11 -3.74
C ASN K 69 52.99 -3.16 -3.02
N GLY K 70 51.68 -3.08 -3.06
CA GLY K 70 50.95 -4.34 -2.86
C GLY K 70 50.21 -4.80 -4.12
N ASN K 71 48.88 -4.93 -3.95
CA ASN K 71 47.97 -5.40 -4.96
C ASN K 71 47.40 -4.25 -5.88
N ALA K 72 47.71 -4.33 -7.16
CA ALA K 72 47.20 -3.41 -8.18
C ALA K 72 47.26 -4.11 -9.55
N TYR K 73 46.45 -3.59 -10.50
CA TYR K 73 46.34 -4.11 -11.86
C TYR K 73 46.65 -3.01 -12.86
N LEU K 74 47.27 -3.36 -13.98
CA LEU K 74 47.39 -2.44 -15.11
C LEU K 74 46.77 -3.17 -16.24
N ALA K 75 45.63 -2.65 -16.72
CA ALA K 75 44.86 -3.36 -17.72
C ALA K 75 44.21 -2.47 -18.73
N VAL K 76 43.97 -3.03 -19.90
CA VAL K 76 43.01 -2.40 -20.82
C VAL K 76 41.65 -2.88 -20.32
N TYR K 77 40.86 -1.92 -19.89
CA TYR K 77 39.73 -2.19 -19.04
C TYR K 77 38.50 -1.45 -19.52
N GLY K 78 37.36 -2.10 -19.43
CA GLY K 78 36.11 -1.53 -19.86
C GLY K 78 34.89 -2.37 -19.53
N TRP K 79 33.79 -2.00 -20.16
CA TRP K 79 32.48 -2.56 -19.87
C TRP K 79 31.68 -2.69 -21.15
N THR K 80 30.74 -3.63 -21.16
CA THR K 80 29.63 -3.58 -22.10
C THR K 80 28.29 -3.53 -21.36
N THR K 81 27.25 -3.26 -22.14
CA THR K 81 25.88 -3.29 -21.62
C THR K 81 25.03 -4.16 -22.53
N ASP K 82 24.03 -4.78 -21.91
CA ASP K 82 23.04 -5.59 -22.64
C ASP K 82 23.73 -6.73 -23.39
N PRO K 83 24.44 -7.62 -22.66
CA PRO K 83 24.54 -7.72 -21.20
C PRO K 83 25.67 -6.87 -20.56
N LEU K 84 25.57 -6.66 -19.25
CA LEU K 84 26.53 -5.91 -18.48
C LEU K 84 27.72 -6.85 -18.30
N VAL K 85 28.90 -6.43 -18.73
CA VAL K 85 30.16 -7.21 -18.64
C VAL K 85 31.25 -6.22 -18.34
N GLU K 86 32.09 -6.57 -17.35
CA GLU K 86 33.31 -5.87 -17.02
C GLU K 86 34.47 -6.76 -17.54
N TYR K 87 35.48 -6.16 -18.19
CA TYR K 87 36.59 -6.94 -18.74
C TYR K 87 37.95 -6.30 -18.55
N TYR K 88 38.96 -7.14 -18.60
CA TYR K 88 40.33 -6.74 -18.31
C TYR K 88 41.26 -7.50 -19.20
N ILE K 89 42.15 -6.77 -19.90
CA ILE K 89 43.28 -7.40 -20.61
C ILE K 89 44.43 -6.96 -19.74
N LEU K 90 44.85 -7.88 -18.89
CA LEU K 90 45.78 -7.59 -17.83
C LEU K 90 47.26 -7.65 -18.32
N GLU K 91 47.95 -6.51 -18.23
CA GLU K 91 49.33 -6.38 -18.76
C GLU K 91 50.35 -6.60 -17.65
N SER K 92 50.11 -5.98 -16.52
CA SER K 92 50.95 -6.31 -15.36
C SER K 92 50.06 -6.22 -14.17
N TYR K 93 50.57 -6.73 -13.04
CA TYR K 93 49.97 -6.57 -11.71
C TYR K 93 51.05 -6.63 -10.60
N GLY K 94 50.64 -6.32 -9.37
CA GLY K 94 51.50 -6.30 -8.23
C GLY K 94 51.56 -7.70 -7.59
N THR K 95 51.20 -7.76 -6.32
CA THR K 95 51.48 -8.92 -5.51
C THR K 95 50.44 -10.02 -5.68
N TYR K 96 49.28 -9.69 -6.22
CA TYR K 96 48.16 -10.62 -6.34
C TYR K 96 47.78 -10.82 -7.80
N ASN K 97 47.80 -12.07 -8.21
CA ASN K 97 47.41 -12.49 -9.53
C ASN K 97 45.92 -12.71 -9.42
N PRO K 98 45.12 -11.92 -10.16
CA PRO K 98 43.65 -12.00 -10.00
C PRO K 98 43.03 -13.25 -10.65
N SER K 99 43.77 -13.94 -11.48
CA SER K 99 43.28 -15.21 -11.98
C SER K 99 43.44 -16.36 -10.95
N SER K 100 44.11 -16.10 -9.81
CA SER K 100 44.26 -17.15 -8.81
C SER K 100 42.89 -17.72 -8.55
N GLY K 101 42.75 -19.02 -8.71
CA GLY K 101 41.50 -19.65 -8.31
C GLY K 101 40.39 -19.64 -9.35
N LEU K 102 40.62 -19.18 -10.56
CA LEU K 102 39.59 -19.22 -11.60
C LEU K 102 39.96 -20.25 -12.67
N THR K 103 39.04 -20.69 -13.51
CA THR K 103 39.36 -21.82 -14.33
C THR K 103 39.81 -21.40 -15.74
N LEU K 104 40.97 -21.89 -16.16
CA LEU K 104 41.57 -21.56 -17.45
C LEU K 104 40.67 -22.04 -18.55
N LEU K 105 40.27 -21.11 -19.40
CA LEU K 105 39.33 -21.40 -20.49
C LEU K 105 40.06 -21.64 -21.79
N GLY K 106 41.22 -21.03 -21.95
CA GLY K 106 42.02 -21.16 -23.14
C GLY K 106 42.99 -20.01 -23.16
N GLN K 107 43.56 -19.76 -24.32
CA GLN K 107 44.57 -18.75 -24.50
C GLN K 107 44.25 -17.98 -25.72
N VAL K 108 44.87 -16.80 -25.80
CA VAL K 108 44.95 -16.06 -27.06
C VAL K 108 46.34 -15.47 -27.15
N THR K 109 46.90 -15.46 -28.34
CA THR K 109 48.16 -14.73 -28.57
C THR K 109 47.89 -13.54 -29.46
N SER K 110 48.44 -12.40 -29.05
CA SER K 110 48.29 -11.16 -29.75
C SER K 110 49.38 -10.15 -29.32
N ASP K 111 49.80 -9.33 -30.27
CA ASP K 111 50.78 -8.28 -30.01
C ASP K 111 52.05 -8.86 -29.40
N GLY K 112 52.38 -10.09 -29.84
CA GLY K 112 53.63 -10.75 -29.47
C GLY K 112 53.60 -11.34 -28.07
N GLY K 113 52.42 -11.41 -27.46
CA GLY K 113 52.29 -11.91 -26.09
C GLY K 113 51.27 -13.01 -26.08
N THR K 114 51.18 -13.72 -24.96
CA THR K 114 50.24 -14.82 -24.83
C THR K 114 49.44 -14.54 -23.57
N TYR K 115 48.11 -14.67 -23.65
CA TYR K 115 47.22 -14.31 -22.55
C TYR K 115 46.35 -15.48 -22.25
N ASP K 116 46.19 -15.75 -20.97
CA ASP K 116 45.33 -16.81 -20.47
C ASP K 116 43.96 -16.26 -20.17
N ILE K 117 42.93 -16.92 -20.67
CA ILE K 117 41.57 -16.42 -20.63
C ILE K 117 40.74 -17.02 -19.48
N TYR K 118 40.07 -16.14 -18.72
CA TYR K 118 39.21 -16.56 -17.62
C TYR K 118 37.90 -15.77 -17.59
N SER K 119 36.94 -16.26 -16.79
CA SER K 119 35.61 -15.68 -16.64
C SER K 119 35.15 -15.95 -15.24
N THR K 120 34.51 -14.98 -14.61
CA THR K 120 33.91 -15.17 -13.28
C THR K 120 32.73 -14.19 -13.09
N GLN K 121 31.91 -14.46 -12.09
CA GLN K 121 30.69 -13.73 -11.88
C GLN K 121 30.98 -12.88 -10.72
N ARG K 122 30.55 -11.63 -10.78
CA ARG K 122 30.68 -10.72 -9.68
C ARG K 122 29.25 -10.52 -9.29
N VAL K 123 29.01 -10.53 -7.98
CA VAL K 123 27.67 -10.52 -7.41
C VAL K 123 27.54 -9.24 -6.57
N ASP K 124 26.48 -8.47 -6.80
CA ASP K 124 26.21 -7.26 -6.01
C ASP K 124 27.42 -6.35 -5.87
N GLN K 125 28.11 -6.05 -6.97
CA GLN K 125 29.31 -5.22 -6.93
C GLN K 125 29.08 -3.92 -7.62
N PRO K 126 29.87 -2.92 -7.23
CA PRO K 126 29.67 -1.66 -7.90
C PRO K 126 29.96 -1.76 -9.46
N SER K 127 29.33 -0.89 -10.25
CA SER K 127 29.38 -0.99 -11.70
C SER K 127 28.97 0.28 -12.36
N ILE K 128 29.13 0.31 -13.68
CA ILE K 128 28.65 1.49 -14.44
C ILE K 128 27.12 1.65 -14.34
N GLU K 129 26.41 0.64 -13.87
CA GLU K 129 24.93 0.76 -13.64
C GLU K 129 24.51 0.78 -12.17
N GLY K 130 25.44 1.16 -11.30
CA GLY K 130 25.21 1.23 -9.87
C GLY K 130 25.78 -0.08 -9.34
N THR K 131 25.02 -0.74 -8.48
CA THR K 131 25.33 -2.08 -7.96
C THR K 131 24.62 -3.23 -8.73
N SER K 132 25.37 -4.24 -9.12
CA SER K 132 24.84 -5.23 -10.04
C SER K 132 25.54 -6.53 -9.92
N THR K 133 25.00 -7.48 -10.66
CA THR K 133 25.62 -8.77 -10.90
C THR K 133 25.87 -8.87 -12.40
N PHE K 134 27.11 -9.27 -12.72
CA PHE K 134 27.58 -9.29 -14.08
C PHE K 134 28.77 -10.28 -14.17
N ASN K 135 28.99 -10.74 -15.37
CA ASN K 135 30.18 -11.48 -15.67
C ASN K 135 31.41 -10.55 -15.84
N GLN K 136 32.60 -11.12 -15.60
CA GLN K 136 33.85 -10.39 -15.66
C GLN K 136 34.87 -11.30 -16.33
N TYR K 137 35.37 -10.84 -17.47
CA TYR K 137 36.30 -11.58 -18.31
C TYR K 137 37.73 -11.11 -18.17
N TRP K 138 38.66 -12.06 -18.31
CA TRP K 138 40.09 -11.78 -18.18
C TRP K 138 40.91 -12.30 -19.33
N SER K 139 41.82 -11.47 -19.86
CA SER K 139 42.95 -11.96 -20.61
C SER K 139 44.16 -11.58 -19.74
N VAL K 140 44.86 -12.57 -19.23
CA VAL K 140 45.98 -12.35 -18.29
C VAL K 140 47.30 -12.72 -19.01
N ARG K 141 48.13 -11.73 -19.30
CA ARG K 141 49.38 -11.94 -20.04
C ARG K 141 50.27 -12.86 -19.20
N THR K 142 50.85 -13.85 -19.85
CA THR K 142 51.69 -14.85 -19.14
C THR K 142 52.99 -14.28 -18.58
N GLU K 143 53.42 -13.16 -19.11
CA GLU K 143 54.49 -12.43 -18.52
C GLU K 143 54.03 -11.00 -18.39
N LYS K 144 54.43 -10.33 -17.33
CA LYS K 144 54.05 -8.97 -17.09
C LYS K 144 54.80 -8.05 -18.02
N ARG K 145 54.16 -7.01 -18.50
CA ARG K 145 54.83 -5.91 -19.23
C ARG K 145 54.16 -4.59 -18.93
N VAL K 146 54.92 -3.49 -18.96
CA VAL K 146 54.35 -2.16 -18.86
C VAL K 146 54.70 -1.43 -20.18
N GLY K 147 53.86 -1.65 -21.18
CA GLY K 147 53.89 -0.85 -22.36
C GLY K 147 53.89 -1.66 -23.59
N GLY K 148 53.19 -1.20 -24.63
CA GLY K 148 53.09 -1.93 -25.88
C GLY K 148 51.79 -1.61 -26.60
N THR K 149 51.41 -2.51 -27.50
CA THR K 149 50.14 -2.38 -28.18
C THR K 149 49.24 -3.56 -27.79
N VAL K 150 47.95 -3.25 -27.69
CA VAL K 150 46.94 -4.24 -27.38
C VAL K 150 45.82 -4.10 -28.41
N THR K 151 45.81 -5.07 -29.29
CA THR K 151 44.76 -5.18 -30.25
C THR K 151 43.58 -5.84 -29.57
N THR K 152 42.70 -5.02 -29.02
CA THR K 152 41.62 -5.50 -28.21
C THR K 152 40.70 -6.36 -29.05
N ALA K 153 40.56 -6.08 -30.36
CA ALA K 153 39.72 -6.95 -31.23
C ALA K 153 40.07 -8.41 -31.16
N ASN K 154 41.37 -8.73 -31.04
CA ASN K 154 41.82 -10.10 -30.94
C ASN K 154 41.35 -10.76 -29.64
N HIS K 155 41.43 -10.03 -28.54
CA HIS K 155 40.97 -10.59 -27.27
C HIS K 155 39.46 -10.82 -27.29
N PHE K 156 38.72 -9.85 -27.85
CA PHE K 156 37.28 -9.98 -27.85
C PHE K 156 36.85 -11.16 -28.69
N ALA K 157 37.47 -11.31 -29.89
CA ALA K 157 37.18 -12.44 -30.79
C ALA K 157 37.42 -13.77 -30.07
N ALA K 158 38.50 -13.88 -29.31
CA ALA K 158 38.89 -15.17 -28.72
C ALA K 158 37.97 -15.50 -27.57
N TRP K 159 37.61 -14.47 -26.80
CA TRP K 159 36.55 -14.59 -25.78
C TRP K 159 35.22 -15.09 -26.35
N LYS K 160 34.77 -14.50 -27.48
CA LYS K 160 33.50 -14.89 -28.08
C LYS K 160 33.55 -16.32 -28.57
N ALA K 161 34.70 -16.74 -29.08
CA ALA K 161 34.92 -18.13 -29.49
C ALA K 161 34.85 -19.15 -28.33
N LEU K 162 35.12 -18.71 -27.11
CA LEU K 162 34.98 -19.56 -25.95
C LEU K 162 33.58 -19.41 -25.34
N GLY K 163 32.68 -18.73 -26.06
CA GLY K 163 31.33 -18.56 -25.60
C GLY K 163 31.10 -17.45 -24.59
N LEU K 164 32.10 -16.61 -24.32
CA LEU K 164 31.90 -15.41 -23.50
C LEU K 164 31.18 -14.32 -24.35
N GLU K 165 29.95 -14.01 -23.95
CA GLU K 165 29.14 -13.08 -24.73
C GLU K 165 29.46 -11.66 -24.29
N MET K 166 29.53 -10.80 -25.29
CA MET K 166 29.76 -9.36 -25.08
C MET K 166 28.57 -8.54 -25.55
N GLY K 167 28.24 -7.46 -24.82
CA GLY K 167 27.20 -6.53 -25.23
C GLY K 167 27.70 -5.34 -26.04
N THR K 168 26.95 -4.25 -25.96
CA THR K 168 27.35 -2.97 -26.55
C THR K 168 28.48 -2.30 -25.76
N TYR K 169 29.49 -1.84 -26.50
CA TYR K 169 30.69 -1.23 -25.88
C TYR K 169 30.31 0.06 -25.14
N ASN K 170 30.71 0.14 -23.90
CA ASN K 170 30.67 1.36 -23.14
C ASN K 170 32.12 1.92 -23.18
N TYR K 171 32.65 2.39 -22.05
CA TYR K 171 34.02 2.86 -21.96
C TYR K 171 35.08 1.74 -21.99
N MET K 172 36.27 2.13 -22.38
CA MET K 172 37.44 1.23 -22.50
C MET K 172 38.66 2.10 -22.29
N ILE K 173 39.37 1.89 -21.15
CA ILE K 173 40.52 2.71 -20.77
C ILE K 173 41.71 1.80 -20.50
N VAL K 174 42.90 2.42 -20.43
CA VAL K 174 44.03 1.74 -19.81
C VAL K 174 43.98 2.08 -18.35
N SER K 175 43.60 1.09 -17.56
CA SER K 175 43.29 1.30 -16.17
C SER K 175 44.41 0.93 -15.22
N THR K 176 44.69 1.84 -14.30
CA THR K 176 45.45 1.49 -13.10
C THR K 176 44.40 1.27 -12.04
N GLU K 177 44.41 0.07 -11.46
CA GLU K 177 43.44 -0.23 -10.45
C GLU K 177 44.15 -0.68 -9.21
N GLY K 178 43.72 -0.22 -8.05
CA GLY K 178 44.39 -0.53 -6.80
C GLY K 178 43.45 -1.19 -5.83
N TYR K 179 43.98 -2.15 -5.07
CA TYR K 179 43.23 -2.78 -3.97
C TYR K 179 44.04 -2.92 -2.63
N GLU K 180 43.62 -2.18 -1.62
CA GLU K 180 44.26 -2.23 -0.30
C GLU K 180 45.81 -2.20 -0.36
N SER K 181 46.33 -1.13 -0.91
CA SER K 181 47.73 -1.08 -1.33
C SER K 181 48.10 0.35 -1.51
N SER K 182 49.37 0.55 -1.87
CA SER K 182 49.89 1.86 -2.14
C SER K 182 50.68 1.78 -3.43
N GLY K 183 50.99 2.94 -4.01
CA GLY K 183 51.76 2.96 -5.25
C GLY K 183 51.57 4.28 -6.01
N SER K 184 52.23 4.30 -7.17
CA SER K 184 51.97 5.25 -8.24
C SER K 184 52.08 4.57 -9.62
N SER K 185 51.46 5.22 -10.61
CA SER K 185 51.63 4.84 -11.97
C SER K 185 51.32 6.00 -12.89
N THR K 186 51.91 6.01 -14.08
CA THR K 186 51.72 7.09 -15.09
C THR K 186 51.71 6.39 -16.41
N ILE K 187 50.71 6.71 -17.22
CA ILE K 187 50.46 5.95 -18.42
C ILE K 187 50.04 6.92 -19.46
N THR K 188 50.58 6.76 -20.66
CA THR K 188 50.17 7.56 -21.82
C THR K 188 49.55 6.62 -22.82
N VAL K 189 48.27 6.87 -23.08
CA VAL K 189 47.44 6.13 -24.03
C VAL K 189 47.46 6.85 -25.39
N SER K 190 47.64 6.10 -26.49
CA SER K 190 47.33 6.58 -27.84
C SER K 190 46.46 5.54 -28.54
N CYS L 2 -6.31 50.89 45.96
CA CYS L 2 -6.68 49.60 45.42
C CYS L 2 -5.48 49.06 44.64
N ILE L 3 -5.46 47.76 44.37
CA ILE L 3 -4.37 47.24 43.59
C ILE L 3 -4.73 46.51 42.33
N THR L 4 -3.79 46.54 41.38
CA THR L 4 -4.03 46.05 40.03
C THR L 4 -2.91 45.10 39.67
N THR L 5 -1.89 45.05 40.51
CA THR L 5 -0.72 44.23 40.29
C THR L 5 -0.59 43.20 41.40
N SER L 6 -0.22 41.98 40.99
CA SER L 6 0.00 40.85 41.93
C SER L 6 0.85 41.26 43.07
N GLN L 7 0.46 40.89 44.28
CA GLN L 7 1.21 41.21 45.47
C GLN L 7 0.43 40.63 46.66
N THR L 8 1.07 40.54 47.80
CA THR L 8 0.47 39.97 48.99
C THR L 8 0.93 40.84 50.12
N GLY L 9 0.21 40.85 51.23
CA GLY L 9 0.70 41.50 52.44
C GLY L 9 -0.21 41.24 53.63
N THR L 10 -0.28 42.18 54.57
CA THR L 10 -1.24 41.95 55.61
C THR L 10 -2.03 43.25 55.76
N HIS L 11 -3.30 43.18 56.18
CA HIS L 11 -4.11 44.37 56.21
C HIS L 11 -5.20 44.21 57.24
N ASN L 12 -5.23 45.09 58.22
CA ASN L 12 -6.09 44.91 59.38
C ASN L 12 -6.01 43.55 60.08
N GLY L 13 -4.80 43.00 60.09
CA GLY L 13 -4.52 41.77 60.81
C GLY L 13 -4.69 40.56 59.91
N TYR L 14 -5.13 40.71 58.66
CA TYR L 14 -5.37 39.55 57.83
C TYR L 14 -4.34 39.52 56.73
N TYR L 15 -3.88 38.33 56.37
CA TYR L 15 -3.16 38.15 55.14
C TYR L 15 -4.08 38.52 53.94
N TYR L 16 -3.50 39.01 52.86
CA TYR L 16 -4.25 39.20 51.66
C TYR L 16 -3.31 38.78 50.55
N SER L 17 -3.90 38.18 49.55
CA SER L 17 -3.20 37.83 48.34
C SER L 17 -4.03 38.29 47.17
N PHE L 18 -3.30 38.77 46.15
CA PHE L 18 -3.83 39.06 44.88
C PHE L 18 -2.87 38.59 43.77
N TRP L 19 -3.37 37.78 42.88
CA TRP L 19 -2.57 37.30 41.79
C TRP L 19 -3.39 37.39 40.54
N THR L 20 -2.84 38.03 39.54
CA THR L 20 -3.48 38.08 38.23
C THR L 20 -2.41 37.69 37.24
N ASN L 21 -2.81 37.10 36.14
CA ASN L 21 -1.91 36.88 35.04
C ASN L 21 -1.88 38.09 34.07
N GLY L 22 -2.53 39.19 34.43
CA GLY L 22 -2.46 40.42 33.65
C GLY L 22 -3.61 40.66 32.69
N GLY L 23 -4.50 39.71 32.54
CA GLY L 23 -5.63 39.90 31.67
C GLY L 23 -6.69 40.87 32.18
N GLY L 24 -7.24 41.63 31.24
CA GLY L 24 -8.28 42.65 31.45
C GLY L 24 -7.87 43.70 32.45
N GLU L 25 -8.87 44.31 33.05
CA GLU L 25 -8.65 45.08 34.25
C GLU L 25 -9.24 44.30 35.43
N VAL L 26 -8.44 44.21 36.48
CA VAL L 26 -8.83 43.56 37.71
C VAL L 26 -8.32 44.40 38.85
N THR L 27 -9.25 44.92 39.67
CA THR L 27 -8.92 45.79 40.78
C THR L 27 -9.44 45.23 42.09
N MET L 28 -8.52 45.00 43.01
CA MET L 28 -8.87 44.60 44.35
C MET L 28 -8.73 45.81 45.26
N CYS L 29 -9.68 45.92 46.20
CA CYS L 29 -9.73 47.01 47.15
C CYS L 29 -9.92 46.47 48.57
N LEU L 30 -8.97 46.78 49.41
CA LEU L 30 -8.92 46.24 50.76
C LEU L 30 -9.83 47.07 51.64
N GLY L 31 -10.58 46.43 52.53
CA GLY L 31 -11.51 47.14 53.40
C GLY L 31 -11.16 46.95 54.87
N PRO L 32 -11.98 47.47 55.76
CA PRO L 32 -11.76 47.30 57.21
C PRO L 32 -11.98 45.87 57.64
N GLY L 33 -11.36 45.47 58.74
CA GLY L 33 -11.50 44.14 59.25
C GLY L 33 -11.00 43.18 58.18
N GLY L 34 -11.77 42.11 57.98
CA GLY L 34 -11.40 41.13 56.95
C GLY L 34 -12.09 41.38 55.60
N GLU L 35 -12.37 42.63 55.29
CA GLU L 35 -13.09 42.94 54.06
C GLU L 35 -12.13 43.10 52.89
N TYR L 36 -12.50 42.50 51.76
CA TYR L 36 -11.98 42.89 50.48
C TYR L 36 -13.10 42.89 49.46
N SER L 37 -12.77 43.45 48.31
CA SER L 37 -13.67 43.57 47.24
C SER L 37 -12.79 43.48 45.95
N VAL L 38 -13.36 42.97 44.87
CA VAL L 38 -12.59 42.91 43.62
C VAL L 38 -13.51 43.13 42.45
N THR L 39 -13.04 43.94 41.48
CA THR L 39 -13.82 44.08 40.29
C THR L 39 -13.01 43.91 38.98
N TRP L 40 -13.63 43.25 38.03
CA TRP L 40 -12.91 42.79 36.88
C TRP L 40 -13.72 42.84 35.63
N VAL L 41 -13.05 43.14 34.52
CA VAL L 41 -13.71 43.10 33.22
C VAL L 41 -12.78 42.44 32.18
N ASN L 42 -13.37 41.50 31.46
CA ASN L 42 -12.62 40.68 30.51
C ASN L 42 -11.27 40.26 31.08
N CYS L 43 -11.31 39.63 32.27
CA CYS L 43 -10.10 39.17 32.93
C CYS L 43 -9.53 37.95 32.21
N GLY L 44 -8.28 37.65 32.52
CA GLY L 44 -7.66 36.40 32.08
C GLY L 44 -7.89 35.35 33.15
N ASP L 45 -6.98 35.28 34.11
CA ASP L 45 -7.21 34.53 35.33
C ASP L 45 -6.63 35.31 36.51
N PHE L 46 -7.32 35.27 37.65
CA PHE L 46 -6.82 35.96 38.83
C PHE L 46 -7.42 35.33 40.07
N THR L 47 -6.72 35.44 41.18
CA THR L 47 -7.25 35.02 42.49
C THR L 47 -7.09 36.19 43.48
N SER L 48 -8.03 36.28 44.43
CA SER L 48 -7.96 37.33 45.42
C SER L 48 -8.81 37.07 46.67
N GLY L 49 -8.22 37.44 47.80
CA GLY L 49 -8.94 37.47 49.05
C GLY L 49 -8.05 37.70 50.27
N LYS L 50 -8.69 37.59 51.45
CA LYS L 50 -8.07 37.70 52.72
C LYS L 50 -8.18 36.38 53.46
N GLY L 51 -7.28 36.21 54.43
CA GLY L 51 -7.20 35.00 55.22
C GLY L 51 -5.94 34.94 56.05
N TRP L 52 -5.16 33.88 55.87
CA TRP L 52 -4.11 33.56 56.81
C TRP L 52 -2.92 33.00 56.08
N ASN L 53 -1.75 33.31 56.61
CA ASN L 53 -0.54 32.74 56.10
C ASN L 53 0.60 32.71 57.11
N PRO L 54 1.18 31.52 57.36
CA PRO L 54 0.68 30.20 56.98
C PRO L 54 -0.68 29.93 57.67
N ALA L 55 -1.55 29.15 57.05
CA ALA L 55 -2.86 28.96 57.59
C ALA L 55 -2.77 27.79 58.51
N ASN L 56 -3.82 27.56 59.29
CA ASN L 56 -3.84 26.41 60.19
C ASN L 56 -5.26 25.84 60.33
N ALA L 57 -5.87 25.53 59.18
CA ALA L 57 -7.19 24.88 59.13
C ALA L 57 -8.22 25.66 59.94
N GLN L 58 -8.21 26.96 59.82
CA GLN L 58 -9.20 27.78 60.48
C GLN L 58 -10.62 27.33 60.09
N THR L 59 -11.54 27.43 61.05
CA THR L 59 -12.95 27.47 60.76
C THR L 59 -13.30 28.88 60.34
N VAL L 60 -13.75 29.03 59.10
CA VAL L 60 -13.86 30.30 58.51
C VAL L 60 -15.28 30.75 58.53
N THR L 61 -15.47 32.06 58.73
CA THR L 61 -16.78 32.67 58.57
C THR L 61 -16.65 33.87 57.64
N TYR L 62 -17.62 34.04 56.75
CA TYR L 62 -17.50 35.06 55.72
C TYR L 62 -18.91 35.46 55.29
N SER L 63 -19.05 36.64 54.71
CA SER L 63 -20.31 37.06 54.11
C SER L 63 -20.01 38.07 53.02
N GLY L 64 -20.96 38.34 52.18
CA GLY L 64 -20.79 39.29 51.09
C GLY L 64 -21.67 39.02 49.91
N GLU L 65 -21.21 39.44 48.74
CA GLU L 65 -21.97 39.46 47.49
C GLU L 65 -21.03 38.94 46.39
N PHE L 66 -21.52 38.02 45.58
CA PHE L 66 -20.68 37.43 44.56
C PHE L 66 -21.45 37.57 43.24
N ASN L 67 -20.98 38.45 42.35
CA ASN L 67 -21.70 38.73 41.08
C ASN L 67 -20.88 38.59 39.81
N PRO L 68 -20.55 37.35 39.44
CA PRO L 68 -19.78 37.12 38.24
C PRO L 68 -20.66 37.32 37.04
N ASN L 69 -20.12 37.76 35.92
CA ASN L 69 -20.82 37.66 34.66
C ASN L 69 -20.45 36.28 34.12
N GLY L 70 -19.25 36.11 33.61
CA GLY L 70 -18.90 34.75 33.16
C GLY L 70 -18.56 33.65 34.17
N ASN L 71 -17.39 33.07 33.90
CA ASN L 71 -16.85 32.02 34.69
C ASN L 71 -16.05 32.62 35.86
N ALA L 72 -16.52 32.37 37.07
CA ALA L 72 -15.75 32.69 38.29
C ALA L 72 -16.05 31.73 39.46
N TYR L 73 -15.14 31.72 40.46
CA TYR L 73 -15.26 30.89 41.63
C TYR L 73 -15.26 31.71 42.93
N LEU L 74 -15.98 31.20 43.92
CA LEU L 74 -15.92 31.75 45.24
C LEU L 74 -15.61 30.56 46.13
N ALA L 75 -14.46 30.54 46.79
CA ALA L 75 -14.00 29.36 47.54
C ALA L 75 -13.13 29.71 48.69
N VAL L 76 -13.11 28.83 49.73
CA VAL L 76 -12.03 28.87 50.72
C VAL L 76 -10.94 28.10 50.00
N TYR L 77 -9.83 28.81 49.78
CA TYR L 77 -8.86 28.47 48.78
C TYR L 77 -7.45 28.61 49.31
N GLY L 78 -6.62 27.61 49.06
CA GLY L 78 -5.27 27.61 49.62
C GLY L 78 -4.30 26.67 48.97
N TRP L 79 -3.10 26.64 49.57
CA TRP L 79 -2.04 25.76 49.10
C TRP L 79 -1.37 24.99 50.23
N THR L 80 -0.73 23.89 49.86
CA THR L 80 0.25 23.21 50.76
C THR L 80 1.52 23.02 50.00
N THR L 81 2.59 22.79 50.72
CA THR L 81 3.85 22.41 50.12
C THR L 81 4.33 21.13 50.78
N ASP L 82 5.23 20.44 50.08
CA ASP L 82 5.70 19.12 50.44
C ASP L 82 4.59 18.15 50.86
N PRO L 83 3.65 17.80 49.96
CA PRO L 83 3.64 18.15 48.55
C PRO L 83 2.97 19.46 48.27
N LEU L 84 3.25 19.95 47.06
CA LEU L 84 2.60 21.12 46.53
C LEU L 84 1.18 20.71 46.15
N VAL L 85 0.19 21.32 46.79
CA VAL L 85 -1.23 21.07 46.50
C VAL L 85 -2.04 22.38 46.36
N GLU L 86 -2.93 22.48 45.39
CA GLU L 86 -3.79 23.65 45.32
C GLU L 86 -5.17 23.11 45.65
N TYR L 87 -5.83 23.71 46.63
CA TYR L 87 -7.16 23.25 47.04
C TYR L 87 -8.23 24.32 47.10
N TYR L 88 -9.47 23.88 46.90
CA TYR L 88 -10.66 24.73 46.91
C TYR L 88 -11.81 24.06 47.68
N ILE L 89 -12.48 24.84 48.53
CA ILE L 89 -13.76 24.46 49.06
C ILE L 89 -14.73 25.46 48.48
N LEU L 90 -15.32 25.08 47.36
CA LEU L 90 -16.06 25.93 46.50
C LEU L 90 -17.51 26.06 46.95
N GLU L 91 -17.85 27.30 47.28
CA GLU L 91 -19.16 27.71 47.80
C GLU L 91 -20.17 28.10 46.72
N SER L 92 -19.68 28.88 45.77
CA SER L 92 -20.49 29.26 44.69
C SER L 92 -19.62 29.38 43.47
N TYR L 93 -20.25 29.44 42.31
CA TYR L 93 -19.53 29.78 41.05
C TYR L 93 -20.49 30.38 39.99
N GLY L 94 -19.96 30.90 38.87
CA GLY L 94 -20.81 31.38 37.78
C GLY L 94 -21.31 30.34 36.80
N THR L 95 -21.00 30.56 35.54
CA THR L 95 -21.53 29.73 34.50
C THR L 95 -20.81 28.40 34.44
N TYR L 96 -19.54 28.39 34.82
CA TYR L 96 -18.78 27.14 34.66
C TYR L 96 -18.62 26.38 35.97
N ASN L 97 -19.05 25.11 35.95
CA ASN L 97 -18.83 24.20 37.08
C ASN L 97 -17.53 23.41 36.93
N PRO L 98 -16.52 23.71 37.77
CA PRO L 98 -15.20 23.09 37.59
C PRO L 98 -15.12 21.63 37.98
N SER L 99 -16.15 21.03 38.54
CA SER L 99 -16.14 19.56 38.67
C SER L 99 -16.51 18.85 37.35
N SER L 100 -16.93 19.61 36.34
CA SER L 100 -17.24 19.07 35.05
C SER L 100 -16.15 18.13 34.59
N GLY L 101 -16.54 16.90 34.32
CA GLY L 101 -15.58 15.91 33.85
C GLY L 101 -14.58 15.43 34.88
N LEU L 102 -14.79 15.73 36.13
CA LEU L 102 -13.88 15.17 37.14
C LEU L 102 -14.49 13.90 37.68
N THR L 103 -13.67 12.97 38.16
CA THR L 103 -14.27 11.77 38.68
C THR L 103 -14.55 11.92 40.19
N LEU L 104 -15.83 11.76 40.54
CA LEU L 104 -16.33 11.81 41.88
C LEU L 104 -15.64 10.80 42.90
N LEU L 105 -14.90 11.37 43.83
CA LEU L 105 -14.28 10.58 44.86
C LEU L 105 -15.20 10.22 46.02
N GLY L 106 -16.20 11.03 46.30
CA GLY L 106 -16.96 10.92 47.55
C GLY L 106 -17.66 12.21 47.93
N GLN L 107 -18.29 12.23 49.10
CA GLN L 107 -18.91 13.41 49.63
C GLN L 107 -18.46 13.64 51.06
N VAL L 108 -18.56 14.89 51.46
CA VAL L 108 -18.45 15.23 52.86
C VAL L 108 -19.61 16.16 53.15
N THR L 109 -20.26 15.97 54.31
CA THR L 109 -21.24 16.98 54.72
C THR L 109 -20.69 17.88 55.87
N SER L 110 -20.92 19.20 55.77
CA SER L 110 -20.30 20.14 56.69
C SER L 110 -21.00 21.47 56.70
N ASP L 111 -21.04 22.15 57.85
CA ASP L 111 -21.65 23.48 57.96
C ASP L 111 -22.98 23.53 57.23
N GLY L 112 -23.71 22.43 57.35
CA GLY L 112 -25.08 22.34 56.92
C GLY L 112 -25.27 22.18 55.44
N GLY L 113 -24.22 21.80 54.69
CA GLY L 113 -24.32 21.55 53.23
C GLY L 113 -23.62 20.26 52.79
N THR L 114 -23.81 19.85 51.54
CA THR L 114 -23.12 18.66 51.03
C THR L 114 -22.07 18.99 49.99
N TYR L 115 -20.92 18.33 50.05
CA TYR L 115 -19.89 18.70 49.11
C TYR L 115 -19.40 17.49 48.34
N ASP L 116 -19.32 17.62 47.01
CA ASP L 116 -18.68 16.57 46.23
C ASP L 116 -17.14 16.73 46.19
N ILE L 117 -16.43 15.63 46.33
CA ILE L 117 -14.98 15.66 46.37
C ILE L 117 -14.36 15.17 45.07
N TYR L 118 -13.37 15.90 44.57
CA TYR L 118 -12.66 15.61 43.33
C TYR L 118 -11.19 15.93 43.54
N SER L 119 -10.35 15.34 42.70
CA SER L 119 -8.94 15.65 42.64
C SER L 119 -8.50 15.66 41.18
N THR L 120 -7.67 16.62 40.76
CA THR L 120 -7.24 16.64 39.37
C THR L 120 -5.84 17.18 39.26
N GLN L 121 -5.10 16.68 38.28
CA GLN L 121 -3.74 17.12 38.11
C GLN L 121 -3.67 18.34 37.23
N ARG L 122 -2.86 19.30 37.65
CA ARG L 122 -2.63 20.52 36.89
C ARG L 122 -1.18 20.43 36.44
N VAL L 123 -1.01 20.55 35.13
CA VAL L 123 0.26 20.28 34.45
C VAL L 123 0.90 21.55 33.93
N ASP L 124 2.10 21.80 34.42
CA ASP L 124 2.81 23.03 34.12
C ASP L 124 1.99 24.32 34.06
N GLN L 125 1.45 24.62 35.23
CA GLN L 125 0.58 25.81 35.46
C GLN L 125 1.24 26.69 36.51
N PRO L 126 0.86 28.00 36.58
CA PRO L 126 1.34 28.86 37.64
C PRO L 126 0.95 28.35 39.00
N SER L 127 1.87 28.50 39.91
CA SER L 127 1.58 28.15 41.24
C SER L 127 2.40 29.02 42.15
N ILE L 128 2.26 28.77 43.45
CA ILE L 128 3.09 29.42 44.46
C ILE L 128 4.56 29.09 44.38
N GLU L 129 4.92 28.04 43.66
CA GLU L 129 6.32 27.68 43.50
C GLU L 129 6.83 27.93 42.05
N GLY L 130 6.20 28.84 41.29
CA GLY L 130 6.50 29.04 39.87
C GLY L 130 5.73 28.03 39.05
N THR L 131 5.92 28.03 37.73
CA THR L 131 5.26 27.02 36.85
C THR L 131 5.48 25.56 37.32
N SER L 132 4.42 24.86 37.71
CA SER L 132 4.63 23.51 38.31
C SER L 132 3.62 22.48 37.89
N THR L 133 3.83 21.24 38.33
CA THR L 133 2.84 20.19 38.14
C THR L 133 2.42 19.67 39.50
N PHE L 134 1.11 19.68 39.74
CA PHE L 134 0.64 19.57 41.11
C PHE L 134 -0.80 19.13 41.13
N ASN L 135 -1.22 18.52 42.22
CA ASN L 135 -2.63 18.17 42.32
C ASN L 135 -3.53 19.30 42.86
N GLN L 136 -4.77 19.26 42.44
CA GLN L 136 -5.79 20.22 42.79
C GLN L 136 -7.00 19.47 43.41
N TYR L 137 -7.27 19.74 44.69
CA TYR L 137 -8.39 19.11 45.41
C TYR L 137 -9.57 20.07 45.50
N TRP L 138 -10.76 19.50 45.49
CA TRP L 138 -12.02 20.25 45.48
C TRP L 138 -13.03 19.61 46.39
N SER L 139 -13.67 20.42 47.25
CA SER L 139 -14.99 20.11 47.75
C SER L 139 -15.94 21.04 47.04
N VAL L 140 -16.84 20.53 46.20
CA VAL L 140 -17.85 21.40 45.51
C VAL L 140 -19.24 21.29 46.20
N ARG L 141 -19.73 22.37 46.76
CA ARG L 141 -21.04 22.40 47.43
C ARG L 141 -22.11 22.04 46.42
N THR L 142 -22.98 21.08 46.77
CA THR L 142 -24.00 20.65 45.81
C THR L 142 -25.04 21.72 45.50
N GLU L 143 -25.12 22.74 46.34
CA GLU L 143 -25.84 23.96 46.01
C GLU L 143 -25.00 25.20 46.25
N LYS L 144 -25.14 26.20 45.39
CA LYS L 144 -24.38 27.46 45.56
C LYS L 144 -24.79 28.18 46.86
N ARG L 145 -23.82 28.73 47.53
CA ARG L 145 -24.16 29.68 48.61
C ARG L 145 -23.11 30.74 48.74
N VAL L 146 -23.55 31.91 49.22
CA VAL L 146 -22.67 33.06 49.37
C VAL L 146 -22.88 33.57 50.78
N GLY L 147 -22.11 32.99 51.71
CA GLY L 147 -22.15 33.41 53.08
C GLY L 147 -22.38 32.24 53.98
N GLY L 148 -21.66 32.22 55.10
CA GLY L 148 -21.75 31.15 56.11
C GLY L 148 -20.46 30.80 56.81
N THR L 149 -20.44 29.62 57.42
CA THR L 149 -19.23 29.06 58.00
C THR L 149 -18.65 27.83 57.25
N VAL L 150 -17.33 27.79 57.12
CA VAL L 150 -16.64 26.67 56.52
C VAL L 150 -15.62 26.12 57.45
N THR L 151 -15.98 24.97 58.02
CA THR L 151 -15.09 24.29 58.87
C THR L 151 -14.12 23.55 57.99
N THR L 152 -13.04 24.20 57.61
CA THR L 152 -12.11 23.57 56.67
C THR L 152 -11.57 22.22 57.17
N ALA L 153 -11.43 22.07 58.50
CA ALA L 153 -10.88 20.84 59.07
C ALA L 153 -11.69 19.64 58.69
N ASN L 154 -13.01 19.79 58.52
CA ASN L 154 -13.82 18.66 58.08
C ASN L 154 -13.49 18.24 56.71
N HIS L 155 -13.25 19.21 55.85
CA HIS L 155 -12.90 18.88 54.46
C HIS L 155 -11.58 18.20 54.39
N PHE L 156 -10.59 18.77 55.10
CA PHE L 156 -9.24 18.20 55.00
C PHE L 156 -9.25 16.72 55.47
N ALA L 157 -10.04 16.44 56.47
CA ALA L 157 -10.12 15.07 57.01
C ALA L 157 -10.85 14.14 56.02
N ALA L 158 -11.92 14.64 55.42
CA ALA L 158 -12.63 13.88 54.35
C ALA L 158 -11.66 13.57 53.20
N TRP L 159 -10.89 14.57 52.80
CA TRP L 159 -9.94 14.41 51.70
C TRP L 159 -8.87 13.36 52.06
N LYS L 160 -8.34 13.46 53.27
CA LYS L 160 -7.31 12.54 53.69
C LYS L 160 -7.86 11.13 53.73
N ALA L 161 -9.07 10.95 54.22
CA ALA L 161 -9.68 9.62 54.29
C ALA L 161 -9.92 9.02 52.91
N LEU L 162 -9.98 9.83 51.88
CA LEU L 162 -10.01 9.29 50.53
C LEU L 162 -8.64 9.15 49.88
N GLY L 163 -7.55 9.12 50.66
CA GLY L 163 -6.19 9.04 50.10
C GLY L 163 -5.59 10.28 49.45
N LEU L 164 -6.16 11.45 49.70
CA LEU L 164 -5.59 12.68 49.18
C LEU L 164 -4.59 13.28 50.18
N GLU L 165 -3.31 13.32 49.85
CA GLU L 165 -2.38 13.80 50.90
C GLU L 165 -2.29 15.31 50.90
N MET L 166 -2.19 15.88 52.10
CA MET L 166 -1.97 17.31 52.32
C MET L 166 -0.58 17.57 52.88
N GLY L 167 0.11 18.57 52.34
CA GLY L 167 1.43 18.96 52.88
C GLY L 167 1.30 19.99 53.98
N THR L 168 2.38 20.74 54.21
CA THR L 168 2.41 21.86 55.16
C THR L 168 1.63 23.00 54.59
N TYR L 169 0.73 23.54 55.39
CA TYR L 169 -0.11 24.64 54.97
C TYR L 169 0.66 25.85 54.60
N ASN L 170 0.36 26.40 53.44
CA ASN L 170 0.80 27.74 53.10
C ASN L 170 -0.45 28.62 53.37
N TYR L 171 -0.82 29.50 52.46
CA TYR L 171 -1.89 30.45 52.75
C TYR L 171 -3.23 29.80 52.48
N MET L 172 -4.25 30.42 53.03
CA MET L 172 -5.64 30.01 52.90
C MET L 172 -6.50 31.25 52.99
N ILE L 173 -7.33 31.53 51.97
CA ILE L 173 -8.13 32.76 51.96
C ILE L 173 -9.56 32.44 51.56
N VAL L 174 -10.47 33.42 51.61
CA VAL L 174 -11.72 33.32 50.85
C VAL L 174 -11.49 34.03 49.54
N SER L 175 -11.22 33.20 48.53
CA SER L 175 -10.85 33.68 47.20
C SER L 175 -12.03 33.87 46.26
N THR L 176 -12.00 35.03 45.60
CA THR L 176 -12.75 35.28 44.39
C THR L 176 -11.78 35.07 43.20
N GLU L 177 -12.10 34.09 42.33
CA GLU L 177 -11.26 33.78 41.17
C GLU L 177 -12.09 33.97 39.93
N GLY L 178 -11.55 34.70 38.95
CA GLY L 178 -12.18 34.81 37.65
C GLY L 178 -11.32 34.26 36.53
N TYR L 179 -11.99 33.88 35.44
CA TYR L 179 -11.35 33.26 34.29
C TYR L 179 -12.13 33.61 33.04
N GLU L 180 -11.53 34.42 32.20
CA GLU L 180 -12.11 34.81 30.90
C GLU L 180 -13.53 35.29 31.09
N SER L 181 -13.67 36.25 32.00
CA SER L 181 -14.97 36.76 32.43
C SER L 181 -14.88 38.20 32.99
N SER L 182 -16.06 38.70 33.38
CA SER L 182 -16.18 40.00 34.08
C SER L 182 -17.00 39.77 35.32
N GLY L 183 -16.88 40.70 36.27
CA GLY L 183 -17.80 40.74 37.38
C GLY L 183 -17.31 41.60 38.51
N SER L 184 -17.93 41.35 39.66
CA SER L 184 -17.59 42.00 40.91
C SER L 184 -17.98 41.10 42.08
N SER L 185 -17.23 41.19 43.18
CA SER L 185 -17.58 40.49 44.39
C SER L 185 -17.01 41.23 45.59
N THR L 186 -17.66 41.12 46.74
CA THR L 186 -17.21 41.72 48.01
C THR L 186 -17.50 40.75 49.15
N ILE L 187 -16.48 40.46 49.93
CA ILE L 187 -16.48 39.41 50.93
C ILE L 187 -15.82 39.94 52.17
N THR L 188 -16.45 39.71 53.30
CA THR L 188 -15.80 39.97 54.56
C THR L 188 -15.56 38.67 55.23
N VAL L 189 -14.31 38.46 55.59
CA VAL L 189 -13.81 37.27 56.25
C VAL L 189 -13.61 37.54 57.73
N SER L 190 -13.96 36.53 58.55
CA SER L 190 -13.45 36.37 59.94
C SER L 190 -13.12 34.89 60.30
#